data_2WOW
#
_entry.id   2WOW
#
_cell.length_a   101.700
_cell.length_b   63.700
_cell.length_c   169.600
_cell.angle_alpha   90.00
_cell.angle_beta   97.60
_cell.angle_gamma   90.00
#
_symmetry.space_group_name_H-M   'P 1 21 1'
#
loop_
_entity.id
_entity.type
_entity.pdbx_description
1 polymer 'TRYPANOTHIONE REDUCTASE'
2 non-polymer 'FLAVIN-ADENINE DINUCLEOTIDE'
3 non-polymer 'NADPH DIHYDRO-NICOTINAMIDE-ADENINE-DINUCLEOTIDE PHOSPHATE'
4 non-polymer BIS(GAMMA-GLUTAMYL-CYSTEINYL-GLYCINYL)SPERMIDINE
5 water water
#
_entity_poly.entity_id   1
_entity_poly.type   'polypeptide(L)'
_entity_poly.pdbx_seq_one_letter_code
;GSHMSKAFDLVVIGAGSGGLEAGWNAATLYGKRVAVVDVQTSHGPPFYAALGGTCVNVGCVPKKLMVTGAQYMDHLRESA
GFGWEFDGSSVKANWKKLIAAKNEAVLDINKSYEGMFNDTEGLDFFLGWGSLESKNVVVVRETADPKSAVKERLQADHIL
LATGSWPQMPAIPGIEHCISSNEAFYLPEPPRRVLTVGGGFISVEFAGIFNAYKPPGGKVTLCYRNNLILRGFDETIREE
VTKQLTANGIEIMTNENPAKVSLNTDGSKHVTFESGKTLDVDVVMMAIGRIPRTNDLQLGNVGVKLTPKGGVQVDEFSRT
NVPNIYAIGDITDRLMLTPVAINEGAALVDTVFGNKPRKTDHTRVASAVFSIPPIGTCGLIEEVAAKEFEKVAVYMSSFT
PLMHNISGSKYKKFVAKIVTNHSDGTVLGVHLLGDGAPEIIQAVGVCLRLNAKISDFYNTIGVHPTSAEELCSMRTPSYY
YVKGEKMEKLPDSNL
;
_entity_poly.pdbx_strand_id   A,B,C,D
#
# COMPACT_ATOMS: atom_id res chain seq x y z
N SER A 2 64.47 -56.55 -37.23
CA SER A 2 64.58 -57.40 -38.47
C SER A 2 64.21 -56.63 -39.78
N HIS A 3 64.51 -57.34 -40.87
CA HIS A 3 64.64 -56.75 -42.18
C HIS A 3 63.57 -57.40 -43.09
N MET A 4 62.51 -57.91 -42.44
CA MET A 4 61.37 -58.63 -43.10
C MET A 4 60.18 -57.70 -43.23
N SER A 5 59.44 -57.78 -44.35
CA SER A 5 58.22 -57.01 -44.52
C SER A 5 57.24 -57.48 -43.46
N LYS A 6 56.25 -56.67 -43.13
CA LYS A 6 55.19 -57.10 -42.18
C LYS A 6 53.87 -57.28 -42.90
N ALA A 7 52.98 -58.12 -42.38
CA ALA A 7 51.71 -58.48 -42.99
C ALA A 7 50.47 -58.08 -42.15
N PHE A 8 49.41 -57.58 -42.84
CA PHE A 8 48.20 -57.12 -42.18
C PHE A 8 46.92 -57.57 -42.91
N ASP A 9 45.81 -57.66 -42.19
CA ASP A 9 44.54 -57.71 -42.87
C ASP A 9 44.23 -56.44 -43.68
N LEU A 10 44.65 -55.28 -43.17
CA LEU A 10 44.20 -53.99 -43.76
C LEU A 10 45.35 -53.04 -43.58
N VAL A 11 45.79 -52.37 -44.64
CA VAL A 11 46.75 -51.28 -44.52
C VAL A 11 45.98 -50.03 -44.94
N VAL A 12 46.10 -48.96 -44.16
CA VAL A 12 45.43 -47.70 -44.42
C VAL A 12 46.49 -46.66 -44.74
N ILE A 13 46.38 -46.02 -45.91
CA ILE A 13 47.28 -44.89 -46.22
C ILE A 13 46.59 -43.61 -45.82
N GLY A 14 47.02 -43.06 -44.69
CA GLY A 14 46.50 -41.77 -44.22
C GLY A 14 45.91 -41.96 -42.85
N ALA A 15 46.51 -41.32 -41.85
CA ALA A 15 46.03 -41.38 -40.45
C ALA A 15 45.13 -40.15 -40.10
N GLY A 16 44.12 -39.91 -40.94
CA GLY A 16 43.27 -38.72 -40.82
C GLY A 16 41.94 -39.21 -40.36
N SER A 17 40.90 -38.35 -40.50
CA SER A 17 39.54 -38.68 -39.96
C SER A 17 39.02 -40.09 -40.35
N GLY A 18 39.10 -40.40 -41.64
CA GLY A 18 38.51 -41.66 -42.22
C GLY A 18 39.39 -42.85 -41.90
N GLY A 19 40.67 -42.63 -42.10
CA GLY A 19 41.63 -43.65 -41.89
C GLY A 19 41.70 -44.12 -40.48
N LEU A 20 41.75 -43.19 -39.55
CA LEU A 20 41.79 -43.55 -38.11
C LEU A 20 40.50 -44.32 -37.74
N GLU A 21 39.34 -43.83 -38.21
CA GLU A 21 38.11 -44.46 -37.85
C GLU A 21 38.12 -45.91 -38.39
N ALA A 22 38.49 -46.08 -39.66
CA ALA A 22 38.55 -47.42 -40.28
C ALA A 22 39.50 -48.39 -39.52
N GLY A 23 40.70 -47.86 -39.22
CA GLY A 23 41.77 -48.54 -38.54
C GLY A 23 41.42 -48.98 -37.14
N TRP A 24 41.00 -48.03 -36.31
CA TRP A 24 40.62 -48.35 -34.98
C TRP A 24 39.44 -49.34 -34.97
N ASN A 25 38.37 -49.07 -35.71
CA ASN A 25 37.27 -50.08 -35.68
C ASN A 25 37.72 -51.50 -36.06
N ALA A 26 38.56 -51.61 -37.07
CA ALA A 26 38.94 -52.91 -37.56
C ALA A 26 39.76 -53.72 -36.53
N ALA A 27 40.72 -53.06 -35.88
CA ALA A 27 41.51 -53.66 -34.85
C ALA A 27 40.64 -53.92 -33.61
N THR A 28 39.82 -52.93 -33.17
CA THR A 28 39.20 -53.08 -31.83
C THR A 28 37.86 -53.86 -31.81
N LEU A 29 37.04 -53.66 -32.84
CA LEU A 29 35.76 -54.30 -32.94
C LEU A 29 35.91 -55.68 -33.56
N TYR A 30 36.83 -55.85 -34.52
CA TYR A 30 36.89 -57.09 -35.27
C TYR A 30 38.15 -57.90 -35.12
N GLY A 31 39.08 -57.47 -34.25
CA GLY A 31 40.33 -58.19 -33.97
C GLY A 31 41.17 -58.37 -35.24
N LYS A 32 41.11 -57.45 -36.22
CA LYS A 32 41.98 -57.56 -37.41
C LYS A 32 43.35 -56.93 -37.21
N ARG A 33 44.32 -57.33 -38.02
CA ARG A 33 45.65 -56.70 -37.89
C ARG A 33 45.74 -55.53 -38.87
N VAL A 34 46.00 -54.35 -38.33
CA VAL A 34 45.92 -53.08 -39.10
C VAL A 34 47.24 -52.33 -39.08
N ALA A 35 47.64 -51.86 -40.27
CA ALA A 35 48.74 -50.86 -40.37
C ALA A 35 48.18 -49.52 -40.79
N VAL A 36 48.72 -48.44 -40.26
CA VAL A 36 48.28 -47.14 -40.69
C VAL A 36 49.53 -46.31 -41.01
N VAL A 37 49.54 -45.65 -42.16
CA VAL A 37 50.72 -44.85 -42.56
C VAL A 37 50.39 -43.40 -42.65
N ASP A 38 51.30 -42.56 -42.14
CA ASP A 38 51.22 -41.09 -42.35
C ASP A 38 52.63 -40.48 -42.39
N VAL A 39 52.71 -39.26 -42.88
CA VAL A 39 54.00 -38.63 -43.18
C VAL A 39 54.65 -37.91 -42.04
N GLN A 40 53.88 -37.70 -40.98
CA GLN A 40 54.38 -36.91 -39.89
C GLN A 40 53.59 -37.29 -38.67
N THR A 41 54.21 -37.15 -37.48
CA THR A 41 53.58 -37.56 -36.23
C THR A 41 52.95 -36.33 -35.58
N SER A 42 53.42 -35.12 -35.89
CA SER A 42 52.79 -34.00 -35.27
C SER A 42 52.60 -32.84 -36.23
N HIS A 43 51.80 -31.88 -35.82
CA HIS A 43 51.32 -30.83 -36.76
C HIS A 43 52.42 -29.92 -37.31
N GLY A 44 52.19 -29.31 -38.48
CA GLY A 44 52.97 -28.14 -38.90
C GLY A 44 53.89 -28.38 -40.09
N PRO A 45 54.72 -27.38 -40.42
CA PRO A 45 55.68 -27.53 -41.52
C PRO A 45 56.55 -28.75 -41.30
N PRO A 46 56.94 -29.41 -42.40
CA PRO A 46 56.67 -29.00 -43.78
C PRO A 46 55.39 -29.63 -44.37
N PHE A 47 54.83 -30.68 -43.78
CA PHE A 47 53.69 -31.37 -44.45
C PHE A 47 52.30 -30.98 -43.93
N TYR A 48 52.25 -30.28 -42.78
CA TYR A 48 51.04 -29.66 -42.18
C TYR A 48 50.12 -30.66 -41.47
N ALA A 49 49.45 -31.49 -42.26
CA ALA A 49 48.76 -32.67 -41.77
C ALA A 49 49.70 -33.69 -41.19
N ALA A 50 49.22 -34.43 -40.21
CA ALA A 50 50.04 -35.40 -39.53
C ALA A 50 49.09 -36.42 -38.95
N LEU A 51 49.53 -37.22 -37.97
CA LEU A 51 48.59 -38.01 -37.15
C LEU A 51 47.35 -37.18 -36.75
N GLY A 52 46.16 -37.69 -37.09
CA GLY A 52 44.90 -37.06 -36.81
C GLY A 52 44.39 -36.37 -38.07
N GLY A 53 45.21 -36.28 -39.09
CA GLY A 53 44.76 -35.78 -40.38
C GLY A 53 44.55 -34.28 -40.47
N THR A 54 43.71 -33.86 -41.40
CA THR A 54 43.53 -32.38 -41.59
C THR A 54 42.76 -31.77 -40.44
N CYS A 55 41.74 -32.49 -40.06
CA CYS A 55 40.86 -32.14 -38.98
C CYS A 55 41.59 -31.75 -37.71
N VAL A 56 42.49 -32.58 -37.24
CA VAL A 56 43.23 -32.28 -36.02
C VAL A 56 44.30 -31.22 -36.23
N ASN A 57 44.99 -31.22 -37.36
CA ASN A 57 46.23 -30.43 -37.54
C ASN A 57 46.08 -29.05 -38.24
N VAL A 58 45.30 -29.00 -39.32
CA VAL A 58 45.14 -27.76 -40.08
C VAL A 58 43.71 -27.64 -40.63
N GLY A 59 42.72 -27.87 -39.78
CA GLY A 59 41.35 -27.95 -40.23
C GLY A 59 40.42 -27.71 -39.07
N CYS A 60 39.45 -28.62 -38.91
CA CYS A 60 38.34 -28.42 -38.01
C CYS A 60 38.76 -27.90 -36.65
N VAL A 61 39.72 -28.56 -36.03
CA VAL A 61 40.01 -28.28 -34.63
C VAL A 61 40.69 -26.95 -34.41
N PRO A 62 41.80 -26.67 -35.14
CA PRO A 62 42.41 -25.36 -34.89
C PRO A 62 41.59 -24.19 -35.47
N LYS A 63 40.91 -24.43 -36.59
CA LYS A 63 39.98 -23.43 -37.13
C LYS A 63 38.94 -23.05 -36.07
N LYS A 64 38.31 -24.05 -35.46
CA LYS A 64 37.29 -23.77 -34.48
C LYS A 64 37.84 -23.04 -33.20
N LEU A 65 39.08 -23.34 -32.79
CA LEU A 65 39.70 -22.62 -31.67
C LEU A 65 39.96 -21.13 -32.07
N MET A 66 40.37 -20.89 -33.30
CA MET A 66 40.70 -19.58 -33.74
C MET A 66 39.45 -18.71 -33.99
N VAL A 67 38.38 -19.33 -34.44
CA VAL A 67 37.12 -18.65 -34.63
C VAL A 67 36.52 -18.30 -33.22
N THR A 68 36.63 -19.22 -32.29
CA THR A 68 36.21 -18.94 -30.93
C THR A 68 37.02 -17.71 -30.42
N GLY A 69 38.32 -17.70 -30.67
CA GLY A 69 39.20 -16.56 -30.32
C GLY A 69 38.68 -15.30 -30.92
N ALA A 70 38.37 -15.30 -32.22
CA ALA A 70 37.85 -14.11 -32.95
C ALA A 70 36.54 -13.54 -32.39
N GLN A 71 35.61 -14.42 -32.01
CA GLN A 71 34.32 -14.04 -31.40
CA GLN A 71 34.31 -14.03 -31.42
C GLN A 71 34.48 -13.09 -30.20
N TYR A 72 35.57 -13.20 -29.44
CA TYR A 72 35.76 -12.25 -28.29
C TYR A 72 35.81 -10.80 -28.78
N MET A 73 36.14 -10.58 -30.03
CA MET A 73 36.01 -9.18 -30.49
C MET A 73 34.59 -8.66 -30.29
N ASP A 74 33.63 -9.52 -30.66
CA ASP A 74 32.27 -9.12 -30.60
C ASP A 74 31.87 -9.16 -29.13
N HIS A 75 32.28 -10.19 -28.38
CA HIS A 75 31.84 -10.26 -27.02
C HIS A 75 32.34 -9.03 -26.28
N LEU A 76 33.61 -8.65 -26.42
CA LEU A 76 34.10 -7.50 -25.66
C LEU A 76 33.32 -6.22 -26.00
N ARG A 77 33.08 -5.95 -27.28
CA ARG A 77 32.20 -4.80 -27.60
C ARG A 77 30.73 -4.87 -27.04
N GLU A 78 30.07 -6.05 -27.16
CA GLU A 78 28.63 -6.18 -26.95
C GLU A 78 28.39 -6.17 -25.44
N SER A 79 29.42 -6.51 -24.65
CA SER A 79 29.25 -6.48 -23.19
C SER A 79 28.82 -5.09 -22.69
N ALA A 80 29.26 -4.01 -23.36
CA ALA A 80 29.00 -2.63 -22.84
C ALA A 80 27.52 -2.38 -22.79
N GLY A 81 26.80 -2.96 -23.73
CA GLY A 81 25.36 -2.88 -23.72
C GLY A 81 24.70 -3.43 -22.49
N PHE A 82 25.33 -4.41 -21.87
CA PHE A 82 24.78 -5.00 -20.66
C PHE A 82 25.42 -4.37 -19.42
N GLY A 83 26.08 -3.23 -19.59
CA GLY A 83 26.58 -2.51 -18.43
C GLY A 83 28.02 -2.78 -18.09
N TRP A 84 28.72 -3.56 -18.91
CA TRP A 84 30.11 -3.86 -18.57
C TRP A 84 30.95 -2.66 -19.02
N GLU A 85 31.85 -2.23 -18.13
CA GLU A 85 32.70 -1.04 -18.32
C GLU A 85 34.12 -1.49 -18.12
N PHE A 86 34.98 -0.97 -19.01
CA PHE A 86 36.44 -1.19 -18.96
C PHE A 86 37.09 -0.32 -20.00
N ASP A 87 38.39 -0.25 -19.85
CA ASP A 87 39.20 0.66 -20.64
C ASP A 87 39.36 0.10 -22.06
N GLY A 88 38.43 0.51 -22.96
CA GLY A 88 38.44 0.25 -24.40
C GLY A 88 39.80 0.48 -25.03
N SER A 89 40.52 1.53 -24.55
CA SER A 89 41.88 1.86 -24.99
C SER A 89 42.94 0.81 -24.78
N SER A 90 42.79 -0.01 -23.75
CA SER A 90 43.79 -1.02 -23.40
C SER A 90 43.70 -2.33 -24.22
N VAL A 91 42.62 -2.47 -25.01
CA VAL A 91 42.23 -3.77 -25.64
C VAL A 91 43.18 -4.12 -26.78
N LYS A 92 43.83 -5.27 -26.69
CA LYS A 92 44.72 -5.72 -27.75
C LYS A 92 44.50 -7.24 -28.04
N ALA A 93 44.62 -7.64 -29.29
CA ALA A 93 44.41 -9.01 -29.72
C ALA A 93 45.77 -9.59 -30.01
N ASN A 94 46.25 -10.54 -29.22
CA ASN A 94 47.59 -11.01 -29.36
C ASN A 94 47.57 -12.34 -30.09
N TRP A 95 47.84 -12.26 -31.39
CA TRP A 95 47.88 -13.38 -32.27
C TRP A 95 48.88 -14.46 -31.90
N LYS A 96 50.08 -14.06 -31.47
CA LYS A 96 51.11 -15.00 -31.15
C LYS A 96 50.62 -15.89 -29.98
N LYS A 97 49.90 -15.29 -29.03
CA LYS A 97 49.36 -16.04 -27.85
C LYS A 97 48.33 -17.05 -28.38
N LEU A 98 47.49 -16.58 -29.30
CA LEU A 98 46.47 -17.47 -29.93
C LEU A 98 47.08 -18.71 -30.58
N ILE A 99 48.05 -18.44 -31.43
CA ILE A 99 48.72 -19.45 -32.19
C ILE A 99 49.42 -20.41 -31.25
N ALA A 100 50.08 -19.88 -30.21
CA ALA A 100 50.82 -20.74 -29.28
C ALA A 100 49.87 -21.66 -28.50
N ALA A 101 48.71 -21.15 -28.13
CA ALA A 101 47.75 -21.94 -27.41
C ALA A 101 47.16 -23.02 -28.33
N LYS A 102 46.82 -22.65 -29.58
CA LYS A 102 46.41 -23.61 -30.60
C LYS A 102 47.45 -24.69 -30.82
N ASN A 103 48.72 -24.29 -31.01
CA ASN A 103 49.79 -25.27 -31.29
C ASN A 103 49.86 -26.28 -30.15
N GLU A 104 49.81 -25.77 -28.90
CA GLU A 104 49.77 -26.69 -27.71
C GLU A 104 48.56 -27.67 -27.66
N ALA A 105 47.34 -27.14 -27.83
CA ALA A 105 46.16 -27.97 -27.92
C ALA A 105 46.29 -29.05 -29.04
N VAL A 106 46.87 -28.71 -30.19
CA VAL A 106 46.93 -29.61 -31.33
C VAL A 106 47.97 -30.74 -31.04
N LEU A 107 49.13 -30.32 -30.52
CA LEU A 107 50.20 -31.21 -30.12
C LEU A 107 49.71 -32.23 -29.08
N ASP A 108 48.92 -31.76 -28.09
CA ASP A 108 48.23 -32.63 -27.09
C ASP A 108 47.44 -33.77 -27.74
N ILE A 109 46.70 -33.44 -28.79
CA ILE A 109 45.97 -34.45 -29.57
C ILE A 109 46.92 -35.38 -30.38
N ASN A 110 47.94 -34.80 -30.99
CA ASN A 110 48.94 -35.59 -31.73
C ASN A 110 49.49 -36.76 -30.85
N LYS A 111 49.88 -36.39 -29.62
CA LYS A 111 50.50 -37.25 -28.66
C LYS A 111 49.53 -38.33 -28.20
N SER A 112 48.27 -37.98 -27.99
CA SER A 112 47.30 -39.03 -27.70
C SER A 112 47.10 -39.98 -28.88
N TYR A 113 47.02 -39.48 -30.11
CA TYR A 113 46.96 -40.46 -31.19
C TYR A 113 48.19 -41.35 -31.21
N GLU A 114 49.35 -40.78 -30.88
CA GLU A 114 50.61 -41.55 -30.81
C GLU A 114 50.45 -42.66 -29.77
N GLY A 115 49.90 -42.28 -28.61
CA GLY A 115 49.66 -43.21 -27.50
C GLY A 115 48.74 -44.34 -27.93
N MET A 116 47.62 -44.01 -28.56
CA MET A 116 46.70 -45.05 -29.07
C MET A 116 47.50 -46.11 -29.88
N PHE A 117 48.29 -45.66 -30.85
CA PHE A 117 49.07 -46.58 -31.72
C PHE A 117 50.17 -47.39 -31.03
N ASN A 118 50.80 -46.78 -30.02
CA ASN A 118 51.88 -47.41 -29.26
C ASN A 118 51.27 -48.52 -28.39
N ASP A 119 50.04 -48.27 -27.88
CA ASP A 119 49.25 -49.14 -26.97
C ASP A 119 48.39 -50.28 -27.51
N THR A 120 47.79 -50.10 -28.69
CA THR A 120 46.63 -50.91 -29.07
C THR A 120 47.08 -52.12 -29.88
N GLU A 121 46.62 -53.30 -29.45
CA GLU A 121 46.93 -54.57 -30.13
C GLU A 121 46.32 -54.66 -31.58
N GLY A 122 47.17 -54.96 -32.57
CA GLY A 122 46.77 -55.04 -33.95
C GLY A 122 46.51 -53.69 -34.62
N LEU A 123 47.07 -52.60 -34.08
CA LEU A 123 46.91 -51.30 -34.72
C LEU A 123 48.26 -50.62 -34.67
N ASP A 124 49.00 -50.71 -35.77
CA ASP A 124 50.38 -50.20 -35.80
C ASP A 124 50.50 -48.98 -36.73
N PHE A 125 51.35 -48.05 -36.35
CA PHE A 125 51.67 -46.88 -37.13
C PHE A 125 53.05 -46.97 -37.78
N PHE A 126 53.11 -46.65 -39.06
CA PHE A 126 54.34 -46.53 -39.86
C PHE A 126 54.52 -45.07 -40.36
N LEU A 127 55.71 -44.50 -40.19
CA LEU A 127 55.97 -43.11 -40.59
C LEU A 127 56.58 -43.08 -41.98
N GLY A 128 55.97 -42.36 -42.91
CA GLY A 128 56.50 -42.19 -44.26
C GLY A 128 55.35 -42.02 -45.26
N TRP A 129 55.64 -42.20 -46.55
CA TRP A 129 54.76 -42.00 -47.66
C TRP A 129 54.37 -43.34 -48.27
N GLY A 130 53.11 -43.72 -48.15
CA GLY A 130 52.64 -44.97 -48.73
C GLY A 130 52.26 -44.75 -50.17
N SER A 131 52.55 -45.79 -50.96
CA SER A 131 52.13 -45.87 -52.32
C SER A 131 51.85 -47.32 -52.59
N LEU A 132 51.17 -47.54 -53.68
CA LEU A 132 50.72 -48.87 -54.07
C LEU A 132 51.73 -49.52 -54.96
N GLU A 133 52.44 -50.55 -54.48
CA GLU A 133 53.37 -51.34 -55.31
C GLU A 133 52.63 -52.32 -56.15
N SER A 134 51.79 -53.08 -55.47
CA SER A 134 50.94 -54.03 -56.13
C SER A 134 49.70 -54.18 -55.30
N LYS A 135 48.77 -54.96 -55.83
CA LYS A 135 47.44 -55.15 -55.27
C LYS A 135 47.47 -55.47 -53.77
N ASN A 136 48.55 -56.15 -53.34
CA ASN A 136 48.65 -56.59 -51.94
C ASN A 136 49.93 -56.06 -51.23
N VAL A 137 50.52 -54.97 -51.71
CA VAL A 137 51.74 -54.49 -51.04
C VAL A 137 51.73 -53.00 -51.06
N VAL A 138 51.75 -52.39 -49.88
CA VAL A 138 51.96 -50.95 -49.79
C VAL A 138 53.44 -50.71 -49.46
N VAL A 139 54.08 -49.81 -50.19
CA VAL A 139 55.51 -49.53 -49.93
C VAL A 139 55.49 -48.25 -49.16
N VAL A 140 56.25 -48.18 -48.10
CA VAL A 140 56.49 -46.92 -47.41
C VAL A 140 57.87 -46.38 -47.70
N ARG A 141 57.91 -45.17 -48.22
CA ARG A 141 59.13 -44.49 -48.65
C ARG A 141 59.44 -43.22 -47.84
N GLU A 142 60.68 -42.74 -47.93
CA GLU A 142 61.12 -41.56 -47.16
C GLU A 142 60.47 -40.24 -47.64
N THR A 143 60.13 -40.13 -48.92
CA THR A 143 59.45 -38.91 -49.43
C THR A 143 58.39 -39.26 -50.47
N ALA A 144 57.58 -38.27 -50.90
CA ALA A 144 56.63 -38.42 -52.03
C ALA A 144 57.25 -38.90 -53.35
N ASP A 145 58.56 -38.69 -53.50
CA ASP A 145 59.25 -39.14 -54.75
C ASP A 145 59.35 -40.64 -54.77
N PRO A 146 58.81 -41.27 -55.83
CA PRO A 146 58.77 -42.75 -55.90
C PRO A 146 60.17 -43.36 -55.98
N LYS A 147 61.22 -42.55 -56.17
CA LYS A 147 62.59 -43.09 -56.14
C LYS A 147 63.25 -42.97 -54.75
N SER A 148 62.53 -42.41 -53.76
CA SER A 148 63.17 -42.23 -52.50
C SER A 148 63.36 -43.62 -51.85
N ALA A 149 64.17 -43.67 -50.78
CA ALA A 149 64.43 -44.98 -50.13
C ALA A 149 63.19 -45.67 -49.50
N VAL A 150 63.12 -46.99 -49.59
CA VAL A 150 62.08 -47.78 -48.95
C VAL A 150 62.37 -47.91 -47.44
N LYS A 151 61.39 -47.56 -46.61
CA LYS A 151 61.46 -47.78 -45.17
C LYS A 151 60.77 -49.11 -44.84
N GLU A 152 59.63 -49.39 -45.43
CA GLU A 152 58.96 -50.66 -45.16
C GLU A 152 58.18 -51.09 -46.39
N ARG A 153 57.87 -52.38 -46.37
CA ARG A 153 56.88 -52.94 -47.26
C ARG A 153 55.80 -53.59 -46.41
N LEU A 154 54.55 -53.20 -46.64
CA LEU A 154 53.50 -53.77 -45.83
C LEU A 154 52.59 -54.64 -46.67
N GLN A 155 52.46 -55.92 -46.34
CA GLN A 155 51.58 -56.77 -47.17
C GLN A 155 50.16 -56.64 -46.60
N ALA A 156 49.19 -56.70 -47.47
CA ALA A 156 47.82 -56.35 -47.07
C ALA A 156 46.82 -57.16 -47.89
N ASP A 157 45.93 -57.90 -47.22
CA ASP A 157 44.69 -58.42 -47.86
C ASP A 157 43.76 -57.28 -48.34
N HIS A 158 43.60 -56.21 -47.55
CA HIS A 158 42.79 -55.08 -48.00
C HIS A 158 43.57 -53.78 -47.90
N ILE A 159 43.35 -52.82 -48.84
CA ILE A 159 44.07 -51.55 -48.82
C ILE A 159 43.04 -50.39 -48.89
N LEU A 160 43.15 -49.47 -47.92
CA LEU A 160 42.30 -48.32 -47.79
C LEU A 160 43.02 -47.02 -48.16
N LEU A 161 42.52 -46.34 -49.18
CA LEU A 161 43.10 -45.08 -49.58
C LEU A 161 42.33 -43.95 -48.86
N ALA A 162 42.99 -43.18 -48.01
CA ALA A 162 42.38 -42.18 -47.14
C ALA A 162 43.37 -41.01 -46.89
N THR A 163 43.97 -40.55 -47.98
CA THR A 163 45.04 -39.57 -48.01
C THR A 163 44.53 -38.11 -48.13
N GLY A 164 43.22 -37.93 -48.29
CA GLY A 164 42.64 -36.61 -47.99
C GLY A 164 42.70 -35.72 -49.20
N SER A 165 42.70 -34.40 -48.94
CA SER A 165 42.80 -33.40 -50.00
C SER A 165 43.91 -32.36 -49.72
N TRP A 166 44.03 -31.37 -50.59
CA TRP A 166 45.18 -30.39 -50.56
C TRP A 166 44.72 -29.06 -51.23
N PRO A 167 45.24 -27.91 -50.79
CA PRO A 167 44.68 -26.67 -51.34
C PRO A 167 45.04 -26.54 -52.82
N GLN A 168 44.07 -26.04 -53.59
CA GLN A 168 44.22 -25.76 -55.02
C GLN A 168 44.82 -24.34 -55.13
N MET A 169 45.82 -24.16 -55.97
CA MET A 169 46.43 -22.83 -56.16
C MET A 169 46.30 -22.51 -57.65
N PRO A 170 45.71 -21.35 -58.02
CA PRO A 170 45.60 -21.06 -59.46
C PRO A 170 46.95 -20.71 -60.09
N ALA A 171 47.07 -20.98 -61.39
CA ALA A 171 48.29 -20.77 -62.13
C ALA A 171 48.29 -19.31 -62.64
N ILE A 172 48.61 -18.37 -61.74
CA ILE A 172 48.74 -16.96 -62.05
C ILE A 172 50.19 -16.53 -61.83
N PRO A 173 50.65 -15.52 -62.59
CA PRO A 173 51.95 -14.88 -62.36
C PRO A 173 51.99 -14.42 -60.91
N GLY A 174 53.03 -14.84 -60.20
CA GLY A 174 53.21 -14.40 -58.82
C GLY A 174 52.53 -15.27 -57.78
N ILE A 175 52.11 -16.48 -58.18
CA ILE A 175 51.43 -17.42 -57.26
C ILE A 175 52.32 -17.72 -56.04
N GLU A 176 53.65 -17.73 -56.25
CA GLU A 176 54.62 -17.97 -55.21
C GLU A 176 54.59 -16.89 -54.12
N HIS A 177 53.90 -15.73 -54.36
CA HIS A 177 53.80 -14.78 -53.22
C HIS A 177 52.54 -15.02 -52.37
N CYS A 178 51.75 -16.04 -52.73
CA CYS A 178 50.45 -16.34 -52.11
C CYS A 178 50.57 -17.52 -51.14
N ILE A 179 49.66 -17.61 -50.17
CA ILE A 179 49.65 -18.77 -49.29
C ILE A 179 48.29 -19.46 -49.36
N SER A 180 48.19 -20.61 -48.70
CA SER A 180 46.93 -21.30 -48.46
C SER A 180 46.56 -21.30 -46.95
N SER A 181 45.42 -21.90 -46.60
CA SER A 181 45.06 -22.11 -45.20
C SER A 181 46.21 -22.76 -44.40
N ASN A 182 47.05 -23.58 -45.03
CA ASN A 182 48.11 -24.30 -44.31
C ASN A 182 49.04 -23.27 -43.68
N GLU A 183 49.52 -22.30 -44.47
CA GLU A 183 50.51 -21.35 -43.96
C GLU A 183 49.79 -20.41 -42.99
N ALA A 184 48.48 -20.24 -43.17
CA ALA A 184 47.71 -19.24 -42.39
C ALA A 184 47.71 -19.58 -40.91
N PHE A 185 47.60 -20.87 -40.63
CA PHE A 185 47.77 -21.38 -39.26
C PHE A 185 49.09 -21.12 -38.56
N TYR A 186 50.13 -20.81 -39.32
CA TYR A 186 51.42 -20.59 -38.69
C TYR A 186 51.98 -19.13 -38.91
N LEU A 187 51.18 -18.19 -39.34
CA LEU A 187 51.70 -16.86 -39.57
C LEU A 187 52.36 -16.31 -38.28
N PRO A 188 53.63 -15.81 -38.36
CA PRO A 188 54.28 -15.24 -37.14
C PRO A 188 53.53 -14.06 -36.54
N GLU A 189 52.79 -13.37 -37.37
CA GLU A 189 52.16 -12.09 -37.00
C GLU A 189 50.87 -12.03 -37.74
N PRO A 190 49.83 -11.42 -37.13
CA PRO A 190 48.61 -11.33 -37.90
C PRO A 190 48.72 -10.20 -38.96
N PRO A 191 48.22 -10.41 -40.21
CA PRO A 191 48.43 -9.41 -41.27
C PRO A 191 47.61 -8.19 -41.03
N ARG A 192 48.24 -7.06 -41.24
CA ARG A 192 47.57 -5.78 -41.19
C ARG A 192 46.55 -5.75 -42.32
N ARG A 193 46.95 -6.10 -43.55
CA ARG A 193 46.01 -6.12 -44.69
C ARG A 193 46.07 -7.51 -45.30
N VAL A 194 44.93 -8.16 -45.55
CA VAL A 194 44.96 -9.55 -46.08
C VAL A 194 43.84 -9.59 -47.05
N LEU A 195 44.12 -10.19 -48.22
CA LEU A 195 43.07 -10.62 -49.18
C LEU A 195 42.85 -12.13 -49.02
N THR A 196 41.61 -12.57 -48.72
CA THR A 196 41.20 -13.96 -48.83
C THR A 196 40.45 -14.09 -50.19
N VAL A 197 40.97 -14.96 -51.06
CA VAL A 197 40.51 -15.22 -52.43
C VAL A 197 39.62 -16.43 -52.37
N GLY A 198 38.36 -16.20 -52.68
CA GLY A 198 37.35 -17.26 -52.81
C GLY A 198 36.13 -16.89 -52.03
N GLY A 199 35.00 -17.49 -52.35
CA GLY A 199 33.73 -17.18 -51.69
C GLY A 199 33.19 -18.40 -50.98
N GLY A 200 34.00 -19.32 -50.53
CA GLY A 200 33.44 -20.54 -49.89
C GLY A 200 33.84 -20.62 -48.42
N PHE A 201 33.83 -21.83 -47.88
CA PHE A 201 34.02 -22.08 -46.41
C PHE A 201 35.25 -21.39 -45.84
N ILE A 202 36.40 -21.63 -46.47
CA ILE A 202 37.69 -21.35 -45.83
C ILE A 202 37.95 -19.86 -45.94
N SER A 203 37.59 -19.30 -47.08
CA SER A 203 37.73 -17.83 -47.25
C SER A 203 36.93 -17.07 -46.18
N VAL A 204 35.70 -17.44 -46.01
CA VAL A 204 34.78 -16.73 -45.13
C VAL A 204 35.14 -16.97 -43.66
N GLU A 205 35.54 -18.21 -43.33
CA GLU A 205 35.92 -18.51 -41.95
C GLU A 205 37.22 -17.75 -41.62
N PHE A 206 38.25 -17.82 -42.47
CA PHE A 206 39.50 -17.08 -42.23
C PHE A 206 39.32 -15.56 -42.26
N ALA A 207 38.41 -15.04 -43.09
CA ALA A 207 38.21 -13.60 -43.10
C ALA A 207 37.78 -13.16 -41.69
N GLY A 208 36.91 -13.96 -41.06
CA GLY A 208 36.41 -13.60 -39.70
C GLY A 208 37.54 -13.68 -38.68
N ILE A 209 38.45 -14.65 -38.85
CA ILE A 209 39.56 -14.78 -37.92
C ILE A 209 40.51 -13.60 -38.06
N PHE A 210 40.91 -13.31 -39.29
CA PHE A 210 41.85 -12.19 -39.46
C PHE A 210 41.22 -10.84 -39.08
N ASN A 211 39.95 -10.65 -39.36
CA ASN A 211 39.24 -9.44 -38.96
C ASN A 211 39.29 -9.19 -37.44
N ALA A 212 39.31 -10.23 -36.60
CA ALA A 212 39.37 -10.00 -35.12
C ALA A 212 40.77 -9.66 -34.61
N TYR A 213 41.78 -10.20 -35.29
CA TYR A 213 43.12 -10.13 -34.78
C TYR A 213 43.95 -9.12 -35.52
N LYS A 214 43.34 -8.43 -36.49
CA LYS A 214 44.09 -7.53 -37.31
C LYS A 214 44.68 -6.45 -36.38
N PRO A 215 45.91 -6.01 -36.67
CA PRO A 215 46.37 -4.82 -35.90
C PRO A 215 45.62 -3.51 -36.19
N PRO A 216 45.91 -2.48 -35.38
CA PRO A 216 45.20 -1.21 -35.41
C PRO A 216 44.93 -0.61 -36.79
N GLY A 217 45.86 -0.58 -37.74
CA GLY A 217 45.40 0.08 -39.00
C GLY A 217 44.60 -0.79 -39.97
N GLY A 218 44.18 -1.99 -39.54
CA GLY A 218 43.98 -3.10 -40.49
C GLY A 218 42.72 -3.19 -41.32
N LYS A 219 42.79 -3.99 -42.39
CA LYS A 219 41.62 -4.21 -43.22
C LYS A 219 41.60 -5.65 -43.79
N VAL A 220 40.47 -6.34 -43.69
CA VAL A 220 40.41 -7.63 -44.38
C VAL A 220 39.54 -7.48 -45.59
N THR A 221 40.06 -7.89 -46.75
CA THR A 221 39.25 -7.94 -47.97
C THR A 221 39.06 -9.38 -48.42
N LEU A 222 37.83 -9.76 -48.70
CA LEU A 222 37.51 -11.04 -49.33
C LEU A 222 37.12 -10.77 -50.78
N CYS A 223 37.63 -11.56 -51.75
CA CYS A 223 37.19 -11.33 -53.13
C CYS A 223 36.53 -12.59 -53.62
N TYR A 224 35.51 -12.45 -54.45
CA TYR A 224 34.86 -13.60 -55.02
C TYR A 224 34.59 -13.38 -56.51
N ARG A 225 34.84 -14.42 -57.29
CA ARG A 225 34.83 -14.23 -58.75
C ARG A 225 33.43 -13.96 -59.36
N ASN A 226 32.35 -14.27 -58.64
CA ASN A 226 31.02 -14.04 -59.15
C ASN A 226 30.27 -13.13 -58.19
N ASN A 227 28.95 -13.18 -58.21
CA ASN A 227 28.18 -12.05 -57.73
C ASN A 227 27.87 -12.09 -56.24
N LEU A 228 27.72 -13.30 -55.72
CA LEU A 228 27.21 -13.52 -54.39
C LEU A 228 27.95 -14.78 -53.79
N ILE A 229 28.66 -14.57 -52.69
CA ILE A 229 29.43 -15.64 -52.08
C ILE A 229 28.60 -16.86 -51.67
N LEU A 230 29.30 -17.95 -51.34
CA LEU A 230 28.71 -19.13 -50.73
C LEU A 230 27.68 -19.84 -51.61
N ARG A 231 28.03 -20.01 -52.90
CA ARG A 231 27.26 -20.81 -53.83
C ARG A 231 26.97 -22.14 -53.17
N GLY A 232 25.71 -22.55 -53.25
CA GLY A 232 25.24 -23.88 -52.84
C GLY A 232 24.52 -23.82 -51.48
N PHE A 233 24.64 -22.68 -50.79
CA PHE A 233 23.92 -22.45 -49.54
C PHE A 233 22.65 -21.70 -49.90
N ASP A 234 21.74 -21.63 -48.93
CA ASP A 234 20.52 -20.91 -49.04
C ASP A 234 20.76 -19.47 -49.44
N GLU A 235 20.02 -19.05 -50.47
CA GLU A 235 20.19 -17.72 -51.01
C GLU A 235 19.99 -16.55 -50.00
N THR A 236 18.88 -16.57 -49.23
CA THR A 236 18.65 -15.61 -48.18
C THR A 236 19.87 -15.53 -47.23
N ILE A 237 20.37 -16.69 -46.84
CA ILE A 237 21.54 -16.76 -45.98
C ILE A 237 22.83 -16.26 -46.63
N ARG A 238 23.03 -16.59 -47.92
CA ARG A 238 24.18 -16.05 -48.64
C ARG A 238 24.16 -14.54 -48.60
N GLU A 239 22.99 -13.92 -48.80
CA GLU A 239 22.93 -12.44 -48.85
C GLU A 239 23.03 -11.90 -47.46
N GLU A 240 22.41 -12.58 -46.52
CA GLU A 240 22.40 -12.01 -45.17
C GLU A 240 23.81 -12.11 -44.56
N VAL A 241 24.58 -13.18 -44.83
CA VAL A 241 25.89 -13.29 -44.19
C VAL A 241 26.88 -12.28 -44.85
N THR A 242 26.75 -12.05 -46.16
CA THR A 242 27.43 -10.92 -46.82
C THR A 242 27.19 -9.60 -46.08
N LYS A 243 25.95 -9.30 -45.81
CA LYS A 243 25.60 -8.07 -45.04
C LYS A 243 26.29 -8.03 -43.70
N GLN A 244 26.22 -9.13 -42.98
CA GLN A 244 26.74 -9.13 -41.59
C GLN A 244 28.23 -9.12 -41.55
N LEU A 245 28.88 -9.66 -42.57
CA LEU A 245 30.35 -9.60 -42.58
C LEU A 245 30.74 -8.17 -42.91
N THR A 246 30.05 -7.58 -43.91
CA THR A 246 30.26 -6.14 -44.25
C THR A 246 30.02 -5.33 -42.95
N ALA A 247 28.94 -5.62 -42.20
CA ALA A 247 28.71 -4.81 -40.97
C ALA A 247 29.83 -4.93 -39.94
N ASN A 248 30.58 -6.04 -39.93
CA ASN A 248 31.66 -6.14 -38.98
C ASN A 248 33.00 -5.64 -39.61
N GLY A 249 32.91 -4.84 -40.67
CA GLY A 249 34.12 -4.20 -41.25
C GLY A 249 34.99 -4.98 -42.26
N ILE A 250 34.48 -6.12 -42.77
CA ILE A 250 35.19 -6.90 -43.81
C ILE A 250 34.71 -6.36 -45.17
N GLU A 251 35.62 -5.92 -46.04
CA GLU A 251 35.23 -5.52 -47.43
C GLU A 251 35.02 -6.76 -48.29
N ILE A 252 33.87 -6.91 -48.91
CA ILE A 252 33.61 -8.00 -49.86
C ILE A 252 33.57 -7.46 -51.31
N MET A 253 34.55 -7.83 -52.13
CA MET A 253 34.65 -7.47 -53.51
C MET A 253 34.06 -8.60 -54.32
N THR A 254 32.94 -8.40 -54.98
CA THR A 254 32.30 -9.46 -55.76
C THR A 254 32.61 -9.23 -57.25
N ASN A 255 32.51 -10.30 -58.04
CA ASN A 255 32.89 -10.23 -59.45
C ASN A 255 34.35 -9.77 -59.66
N GLU A 256 35.24 -10.19 -58.75
CA GLU A 256 36.65 -9.79 -58.82
C GLU A 256 37.51 -11.00 -58.60
N ASN A 257 38.66 -11.02 -59.28
CA ASN A 257 39.51 -12.21 -59.16
C ASN A 257 40.96 -11.90 -59.56
N PRO A 258 41.92 -12.26 -58.71
CA PRO A 258 43.32 -11.87 -58.97
C PRO A 258 43.80 -12.37 -60.32
N ALA A 259 44.59 -11.54 -61.00
CA ALA A 259 45.21 -11.97 -62.31
C ALA A 259 46.70 -12.12 -62.15
N LYS A 260 47.23 -11.30 -61.26
CA LYS A 260 48.66 -11.40 -61.01
C LYS A 260 49.00 -10.85 -59.64
N VAL A 261 50.09 -11.31 -59.03
CA VAL A 261 50.57 -10.67 -57.79
C VAL A 261 52.04 -10.30 -57.96
N SER A 262 52.43 -9.10 -57.63
CA SER A 262 53.87 -8.79 -57.57
C SER A 262 54.23 -8.29 -56.16
N LEU A 263 55.49 -7.99 -55.95
CA LEU A 263 56.00 -7.44 -54.70
C LEU A 263 56.34 -6.00 -54.95
N ASN A 264 55.79 -5.13 -54.13
CA ASN A 264 56.22 -3.78 -54.05
C ASN A 264 57.65 -3.74 -53.50
N THR A 265 58.31 -2.59 -53.64
CA THR A 265 59.65 -2.40 -53.12
C THR A 265 59.72 -2.63 -51.59
N ASP A 266 58.70 -2.24 -50.84
CA ASP A 266 58.73 -2.49 -49.42
C ASP A 266 58.35 -3.96 -49.09
N GLY A 267 58.17 -4.81 -50.11
CA GLY A 267 57.86 -6.24 -49.84
C GLY A 267 56.40 -6.65 -49.59
N SER A 268 55.48 -5.68 -49.54
CA SER A 268 54.03 -6.00 -49.57
C SER A 268 53.60 -6.52 -50.94
N LYS A 269 52.40 -7.12 -50.99
CA LYS A 269 51.90 -7.73 -52.21
C LYS A 269 50.98 -6.72 -52.93
N HIS A 270 51.33 -6.49 -54.20
CA HIS A 270 50.55 -5.66 -55.10
C HIS A 270 49.73 -6.55 -55.99
N VAL A 271 48.43 -6.63 -55.74
CA VAL A 271 47.57 -7.56 -56.47
C VAL A 271 46.86 -6.84 -57.64
N THR A 272 46.86 -7.42 -58.83
CA THR A 272 46.03 -6.89 -59.91
C THR A 272 44.95 -7.89 -60.26
N PHE A 273 43.73 -7.40 -60.29
CA PHE A 273 42.56 -8.21 -60.58
C PHE A 273 42.35 -8.28 -62.08
N GLU A 274 41.60 -9.28 -62.52
CA GLU A 274 41.24 -9.36 -63.90
C GLU A 274 40.60 -8.04 -64.44
N SER A 275 39.99 -7.24 -63.58
CA SER A 275 39.33 -6.01 -64.02
C SER A 275 40.30 -4.80 -64.16
N GLY A 276 41.55 -4.98 -63.75
CA GLY A 276 42.54 -3.89 -63.69
C GLY A 276 42.50 -3.08 -62.41
N LYS A 277 41.59 -3.46 -61.51
CA LYS A 277 41.57 -2.97 -60.13
C LYS A 277 42.89 -3.43 -59.48
N THR A 278 43.37 -2.68 -58.48
CA THR A 278 44.59 -3.02 -57.79
C THR A 278 44.37 -2.98 -56.28
N LEU A 279 45.14 -3.77 -55.53
CA LEU A 279 45.07 -3.70 -54.08
C LEU A 279 46.37 -4.15 -53.49
N ASP A 280 46.86 -3.40 -52.50
CA ASP A 280 48.06 -3.78 -51.82
C ASP A 280 47.68 -4.40 -50.50
N VAL A 281 48.25 -5.56 -50.23
CA VAL A 281 48.07 -6.27 -48.96
C VAL A 281 49.37 -6.84 -48.47
N ASP A 282 49.37 -7.26 -47.21
CA ASP A 282 50.52 -7.95 -46.63
C ASP A 282 50.49 -9.46 -46.90
N VAL A 283 49.29 -10.01 -47.08
CA VAL A 283 49.09 -11.45 -47.25
C VAL A 283 47.99 -11.69 -48.23
N VAL A 284 48.21 -12.61 -49.15
CA VAL A 284 47.17 -13.10 -50.02
C VAL A 284 46.94 -14.60 -49.72
N MET A 285 45.75 -14.95 -49.23
CA MET A 285 45.46 -16.35 -48.97
C MET A 285 44.49 -16.88 -50.00
N MET A 286 44.92 -17.85 -50.79
CA MET A 286 44.06 -18.50 -51.74
C MET A 286 43.22 -19.53 -51.01
N ALA A 287 41.90 -19.46 -51.23
CA ALA A 287 40.99 -20.47 -50.64
C ALA A 287 40.00 -20.85 -51.72
N ILE A 288 40.50 -21.39 -52.83
CA ILE A 288 39.68 -21.48 -54.01
C ILE A 288 39.34 -22.97 -54.29
N GLY A 289 39.50 -23.80 -53.27
CA GLY A 289 39.08 -25.20 -53.40
C GLY A 289 40.15 -26.15 -52.86
N ARG A 290 39.75 -27.37 -52.53
CA ARG A 290 40.74 -28.39 -52.16
C ARG A 290 40.60 -29.55 -53.10
N ILE A 291 41.70 -30.20 -53.48
CA ILE A 291 41.68 -31.30 -54.45
C ILE A 291 42.28 -32.64 -53.93
N PRO A 292 41.71 -33.77 -54.38
CA PRO A 292 42.05 -35.03 -53.77
C PRO A 292 43.53 -35.36 -53.93
N ARG A 293 44.14 -35.81 -52.85
CA ARG A 293 45.57 -36.16 -52.94
C ARG A 293 45.80 -37.56 -53.52
N THR A 294 45.85 -37.69 -54.83
CA THR A 294 45.98 -39.02 -55.45
C THR A 294 47.34 -39.25 -56.12
N ASN A 295 48.01 -38.15 -56.42
CA ASN A 295 49.23 -38.19 -57.15
C ASN A 295 50.44 -38.94 -56.55
N ASP A 296 50.60 -38.97 -55.23
CA ASP A 296 51.75 -39.69 -54.65
C ASP A 296 51.45 -41.18 -54.36
N LEU A 297 50.23 -41.66 -54.64
CA LEU A 297 49.90 -43.06 -54.42
C LEU A 297 50.38 -44.06 -55.48
N GLN A 298 50.84 -43.52 -56.62
CA GLN A 298 51.33 -44.33 -57.77
C GLN A 298 50.20 -45.33 -58.13
N LEU A 299 49.00 -44.78 -58.23
CA LEU A 299 47.82 -45.53 -58.58
C LEU A 299 47.95 -46.29 -59.89
N GLY A 300 48.77 -45.76 -60.81
CA GLY A 300 49.02 -46.42 -62.11
C GLY A 300 49.57 -47.85 -61.93
N ASN A 301 50.23 -48.15 -60.80
CA ASN A 301 50.80 -49.51 -60.59
C ASN A 301 49.71 -50.62 -60.57
N VAL A 302 48.52 -50.27 -60.13
CA VAL A 302 47.51 -51.27 -59.99
C VAL A 302 46.31 -50.97 -60.81
N GLY A 303 46.21 -49.82 -61.45
CA GLY A 303 45.01 -49.54 -62.30
C GLY A 303 43.77 -49.02 -61.57
N VAL A 304 43.96 -48.39 -60.40
CA VAL A 304 42.78 -47.75 -59.68
C VAL A 304 42.23 -46.56 -60.48
N LYS A 305 40.96 -46.56 -60.85
CA LYS A 305 40.46 -45.49 -61.77
C LYS A 305 40.12 -44.25 -61.03
N LEU A 306 40.44 -43.11 -61.64
CA LEU A 306 40.03 -41.79 -61.13
C LEU A 306 38.79 -41.38 -61.88
N THR A 307 37.90 -40.61 -61.23
CA THR A 307 36.85 -39.90 -61.92
C THR A 307 37.46 -38.81 -62.82
N PRO A 308 36.67 -38.34 -63.82
CA PRO A 308 37.12 -37.24 -64.69
C PRO A 308 37.55 -36.04 -63.82
N LYS A 309 36.81 -35.84 -62.73
CA LYS A 309 37.14 -34.76 -61.80
C LYS A 309 38.50 -34.90 -61.07
N GLY A 310 39.02 -36.13 -60.88
CA GLY A 310 40.30 -36.36 -60.16
C GLY A 310 40.23 -37.11 -58.81
N GLY A 311 39.03 -37.34 -58.32
CA GLY A 311 38.87 -38.16 -57.13
C GLY A 311 38.99 -39.65 -57.45
N VAL A 312 39.25 -40.47 -56.44
CA VAL A 312 39.17 -41.92 -56.64
C VAL A 312 37.70 -42.33 -56.77
N GLN A 313 37.40 -42.99 -57.88
CA GLN A 313 36.04 -43.42 -58.16
C GLN A 313 35.64 -44.58 -57.26
N VAL A 314 34.44 -44.49 -56.69
CA VAL A 314 34.00 -45.55 -55.79
C VAL A 314 32.53 -45.83 -55.98
N ASP A 315 32.13 -46.99 -55.54
CA ASP A 315 30.77 -47.37 -55.53
C ASP A 315 30.21 -46.93 -54.18
N GLU A 316 28.94 -47.22 -53.96
CA GLU A 316 28.25 -46.86 -52.73
C GLU A 316 28.97 -47.48 -51.55
N PHE A 317 29.74 -48.54 -51.78
CA PHE A 317 30.43 -49.27 -50.66
C PHE A 317 31.93 -48.88 -50.55
N SER A 318 32.31 -47.78 -51.22
CA SER A 318 33.70 -47.31 -51.15
C SER A 318 34.66 -48.21 -51.90
N ARG A 319 34.16 -49.09 -52.78
CA ARG A 319 35.04 -50.00 -53.53
C ARG A 319 35.53 -49.31 -54.77
N THR A 320 36.84 -49.37 -54.98
CA THR A 320 37.48 -48.99 -56.29
C THR A 320 37.22 -50.05 -57.35
N ASN A 321 37.71 -49.86 -58.56
CA ASN A 321 37.55 -50.95 -59.57
C ASN A 321 38.44 -52.18 -59.25
N VAL A 322 39.40 -52.04 -58.33
CA VAL A 322 40.31 -53.12 -57.93
C VAL A 322 39.75 -53.72 -56.61
N PRO A 323 39.39 -55.04 -56.65
CA PRO A 323 38.41 -55.60 -55.71
C PRO A 323 38.59 -55.35 -54.18
N ASN A 324 39.86 -55.35 -53.73
CA ASN A 324 40.27 -55.25 -52.31
C ASN A 324 40.96 -53.89 -51.99
N ILE A 325 40.76 -52.93 -52.88
CA ILE A 325 41.29 -51.60 -52.66
C ILE A 325 40.08 -50.66 -52.54
N TYR A 326 40.00 -49.98 -51.37
CA TYR A 326 38.95 -49.02 -51.05
C TYR A 326 39.43 -47.54 -50.89
N ALA A 327 38.51 -46.59 -50.98
CA ALA A 327 38.80 -45.15 -50.81
C ALA A 327 37.64 -44.49 -50.09
N ILE A 328 37.94 -43.59 -49.16
CA ILE A 328 36.93 -42.89 -48.34
C ILE A 328 37.46 -41.51 -48.07
N GLY A 329 36.56 -40.64 -47.62
CA GLY A 329 36.93 -39.26 -47.25
C GLY A 329 37.19 -38.37 -48.45
N ASP A 330 37.95 -37.29 -48.26
CA ASP A 330 38.18 -36.24 -49.27
C ASP A 330 38.80 -36.80 -50.56
N ILE A 331 39.55 -37.88 -50.48
CA ILE A 331 40.16 -38.47 -51.72
C ILE A 331 39.10 -38.86 -52.74
N THR A 332 37.88 -39.14 -52.24
CA THR A 332 36.80 -39.48 -53.19
C THR A 332 36.11 -38.22 -53.73
N ASP A 333 36.52 -37.05 -53.25
CA ASP A 333 36.09 -35.75 -53.84
C ASP A 333 34.58 -35.56 -54.00
N ARG A 334 33.86 -35.85 -52.93
CA ARG A 334 32.45 -35.78 -52.97
C ARG A 334 32.06 -34.73 -51.91
N LEU A 335 31.54 -35.15 -50.75
CA LEU A 335 31.38 -34.27 -49.58
C LEU A 335 32.65 -34.21 -48.67
N MET A 336 33.31 -33.07 -48.65
CA MET A 336 34.54 -32.99 -47.89
C MET A 336 34.27 -32.53 -46.47
N LEU A 337 33.91 -33.50 -45.61
CA LEU A 337 33.63 -33.25 -44.20
C LEU A 337 34.22 -34.36 -43.32
N THR A 338 34.70 -33.99 -42.14
CA THR A 338 35.31 -34.95 -41.22
C THR A 338 34.29 -36.05 -40.86
N PRO A 339 33.10 -35.71 -40.32
CA PRO A 339 32.15 -36.74 -39.85
C PRO A 339 31.63 -37.65 -40.99
N VAL A 340 31.68 -37.16 -42.23
CA VAL A 340 31.39 -38.05 -43.37
C VAL A 340 32.53 -39.04 -43.57
N ALA A 341 33.79 -38.60 -43.48
CA ALA A 341 34.96 -39.49 -43.64
C ALA A 341 34.88 -40.57 -42.59
N ILE A 342 34.61 -40.15 -41.36
CA ILE A 342 34.44 -41.08 -40.26
C ILE A 342 33.34 -42.16 -40.50
N ASN A 343 32.19 -41.73 -41.01
CA ASN A 343 31.04 -42.61 -41.18
C ASN A 343 31.32 -43.56 -42.35
N GLU A 344 31.97 -43.05 -43.41
CA GLU A 344 32.43 -43.99 -44.46
C GLU A 344 33.44 -45.04 -43.94
N GLY A 345 34.41 -44.64 -43.13
CA GLY A 345 35.37 -45.56 -42.54
C GLY A 345 34.69 -46.66 -41.72
N ALA A 346 33.73 -46.30 -40.87
CA ALA A 346 33.00 -47.20 -40.04
C ALA A 346 32.13 -48.15 -40.90
N ALA A 347 31.37 -47.59 -41.83
CA ALA A 347 30.58 -48.37 -42.77
C ALA A 347 31.45 -49.37 -43.58
N LEU A 348 32.59 -48.88 -44.10
CA LEU A 348 33.54 -49.74 -44.84
C LEU A 348 33.96 -51.00 -44.02
N VAL A 349 34.41 -50.77 -42.79
CA VAL A 349 34.90 -51.82 -41.95
C VAL A 349 33.78 -52.82 -41.48
N ASP A 350 32.60 -52.25 -41.16
CA ASP A 350 31.45 -53.09 -40.85
C ASP A 350 31.16 -54.02 -42.02
N THR A 351 31.32 -53.51 -43.22
CA THR A 351 31.02 -54.30 -44.40
C THR A 351 32.05 -55.40 -44.62
N VAL A 352 33.33 -55.02 -44.60
CA VAL A 352 34.37 -55.89 -45.13
C VAL A 352 34.68 -57.02 -44.14
N PHE A 353 34.64 -56.70 -42.86
CA PHE A 353 35.16 -57.48 -41.80
C PHE A 353 34.07 -57.84 -40.84
N GLY A 354 32.92 -57.16 -40.94
CA GLY A 354 31.83 -57.37 -39.97
C GLY A 354 30.67 -58.21 -40.49
N ASN A 355 30.72 -58.58 -41.78
CA ASN A 355 29.57 -59.24 -42.40
CA ASN A 355 29.58 -59.20 -42.45
C ASN A 355 28.23 -58.64 -41.93
N LYS A 356 28.08 -57.31 -42.12
CA LYS A 356 26.83 -56.54 -41.96
C LYS A 356 26.94 -55.32 -42.91
N PRO A 357 26.61 -55.54 -44.18
CA PRO A 357 26.85 -54.57 -45.23
C PRO A 357 26.22 -53.25 -44.83
N ARG A 358 26.92 -52.15 -45.11
CA ARG A 358 26.44 -50.81 -44.76
C ARG A 358 27.10 -49.80 -45.68
N LYS A 359 26.29 -48.85 -46.14
CA LYS A 359 26.77 -47.76 -46.94
C LYS A 359 26.41 -46.45 -46.28
N THR A 360 27.26 -45.44 -46.46
CA THR A 360 27.00 -44.13 -46.00
C THR A 360 25.91 -43.46 -46.82
N ASP A 361 24.97 -42.85 -46.10
CA ASP A 361 23.97 -41.96 -46.70
C ASP A 361 24.57 -40.56 -46.89
N HIS A 362 24.93 -40.21 -48.12
CA HIS A 362 25.30 -38.85 -48.43
C HIS A 362 24.21 -37.81 -48.47
N THR A 363 22.96 -38.16 -48.22
CA THR A 363 21.98 -37.07 -48.29
C THR A 363 21.63 -36.62 -46.85
N ARG A 364 21.09 -35.44 -46.73
CA ARG A 364 20.58 -34.99 -45.46
C ARG A 364 21.70 -34.91 -44.40
N VAL A 365 22.94 -34.63 -44.86
CA VAL A 365 24.06 -34.38 -43.93
C VAL A 365 24.00 -32.98 -43.37
N ALA A 366 23.91 -32.90 -42.06
CA ALA A 366 24.03 -31.61 -41.42
C ALA A 366 25.50 -31.11 -41.45
N SER A 367 25.65 -29.79 -41.59
CA SER A 367 26.97 -29.18 -41.60
C SER A 367 26.97 -27.69 -41.22
N ALA A 368 28.15 -27.10 -41.04
CA ALA A 368 28.21 -25.75 -40.53
C ALA A 368 29.22 -24.94 -41.25
N VAL A 369 29.02 -23.63 -41.24
CA VAL A 369 30.11 -22.72 -41.60
C VAL A 369 30.37 -21.96 -40.28
N PHE A 370 31.59 -22.00 -39.78
CA PHE A 370 31.92 -21.18 -38.60
C PHE A 370 32.38 -19.79 -39.02
N SER A 371 31.54 -19.13 -39.81
CA SER A 371 31.67 -17.71 -40.08
C SER A 371 31.15 -17.02 -38.86
N ILE A 372 31.29 -15.70 -38.84
CA ILE A 372 30.82 -14.92 -37.71
C ILE A 372 29.87 -13.92 -38.42
N PRO A 373 28.57 -14.18 -38.33
CA PRO A 373 27.77 -15.19 -37.61
C PRO A 373 27.84 -16.56 -38.34
N PRO A 374 27.64 -17.68 -37.60
CA PRO A 374 27.76 -19.00 -38.20
C PRO A 374 26.48 -19.48 -38.95
N ILE A 375 26.67 -20.45 -39.82
CA ILE A 375 25.62 -21.04 -40.59
C ILE A 375 25.50 -22.48 -40.16
N GLY A 376 24.28 -22.99 -40.07
CA GLY A 376 24.06 -24.45 -39.92
C GLY A 376 22.99 -24.93 -40.92
N THR A 377 23.22 -26.06 -41.58
CA THR A 377 22.33 -26.48 -42.66
C THR A 377 22.21 -28.01 -42.78
N CYS A 378 21.04 -28.47 -43.18
CA CYS A 378 20.81 -29.87 -43.42
C CYS A 378 19.84 -30.01 -44.59
N GLY A 379 20.25 -30.70 -45.67
CA GLY A 379 19.31 -30.96 -46.72
C GLY A 379 19.28 -29.92 -47.82
N LEU A 380 18.14 -29.88 -48.52
CA LEU A 380 18.05 -29.27 -49.85
C LEU A 380 17.78 -27.82 -49.74
N ILE A 381 18.48 -27.01 -50.55
CA ILE A 381 18.07 -25.59 -50.71
C ILE A 381 16.85 -25.53 -51.59
N GLU A 382 16.10 -24.43 -51.57
CA GLU A 382 14.79 -24.38 -52.23
C GLU A 382 14.82 -24.57 -53.78
N GLU A 383 15.82 -23.98 -54.43
CA GLU A 383 16.04 -24.13 -55.91
C GLU A 383 16.27 -25.55 -56.35
N VAL A 384 16.95 -26.35 -55.51
CA VAL A 384 17.22 -27.70 -55.86
C VAL A 384 15.96 -28.50 -55.63
N ALA A 385 15.30 -28.31 -54.48
CA ALA A 385 14.06 -29.01 -54.26
C ALA A 385 13.04 -28.63 -55.36
N ALA A 386 13.01 -27.36 -55.79
CA ALA A 386 12.00 -26.91 -56.78
C ALA A 386 12.08 -27.63 -58.14
N LYS A 387 13.29 -28.07 -58.51
CA LYS A 387 13.50 -28.83 -59.73
C LYS A 387 13.15 -30.32 -59.55
N GLU A 388 12.84 -30.79 -58.35
CA GLU A 388 12.61 -32.24 -58.14
C GLU A 388 11.29 -32.58 -57.45
N PHE A 389 10.50 -31.56 -57.11
CA PHE A 389 9.15 -31.73 -56.57
C PHE A 389 8.21 -30.69 -57.16
N GLU A 390 7.05 -31.15 -57.61
CA GLU A 390 6.08 -30.27 -58.27
C GLU A 390 5.62 -29.08 -57.37
N LYS A 391 5.53 -29.33 -56.06
CA LYS A 391 5.11 -28.31 -55.07
C LYS A 391 6.02 -28.20 -53.81
N VAL A 392 6.62 -27.03 -53.66
CA VAL A 392 7.56 -26.76 -52.57
C VAL A 392 7.08 -25.57 -51.78
N ALA A 393 7.04 -25.71 -50.45
CA ALA A 393 6.79 -24.60 -49.49
C ALA A 393 8.09 -24.18 -48.76
N VAL A 394 8.29 -22.87 -48.62
CA VAL A 394 9.41 -22.38 -47.84
C VAL A 394 8.79 -21.60 -46.63
N TYR A 395 9.21 -21.93 -45.43
CA TYR A 395 8.80 -21.23 -44.23
C TYR A 395 10.01 -20.45 -43.77
N MET A 396 9.92 -19.13 -43.79
CA MET A 396 11.06 -18.25 -43.46
C MET A 396 10.74 -17.37 -42.24
N SER A 397 11.70 -17.31 -41.34
CA SER A 397 11.69 -16.35 -40.26
C SER A 397 13.08 -15.63 -40.12
N SER A 398 13.05 -14.31 -40.15
CA SER A 398 14.22 -13.52 -39.91
C SER A 398 13.91 -12.58 -38.76
N PHE A 399 14.72 -12.62 -37.68
CA PHE A 399 14.46 -11.80 -36.45
C PHE A 399 15.77 -11.35 -35.84
N THR A 400 15.74 -10.19 -35.19
CA THR A 400 16.77 -9.81 -34.23
C THR A 400 16.64 -10.62 -32.92
N PRO A 401 17.65 -11.47 -32.62
CA PRO A 401 17.62 -12.24 -31.36
C PRO A 401 17.56 -11.28 -30.17
N LEU A 402 17.09 -11.74 -29.03
CA LEU A 402 16.65 -10.82 -27.98
C LEU A 402 17.77 -9.87 -27.53
N MET A 403 18.91 -10.49 -27.30
CA MET A 403 20.07 -9.86 -26.76
C MET A 403 20.59 -8.77 -27.67
N HIS A 404 20.31 -8.86 -28.97
CA HIS A 404 20.92 -7.92 -29.90
C HIS A 404 20.08 -6.65 -30.01
N ASN A 405 19.02 -6.62 -29.21
CA ASN A 405 18.19 -5.44 -29.05
C ASN A 405 18.94 -4.44 -28.17
N ILE A 406 19.94 -4.94 -27.41
CA ILE A 406 20.59 -4.25 -26.31
C ILE A 406 22.13 -4.28 -26.48
N SER A 407 22.64 -5.26 -27.23
CA SER A 407 24.08 -5.52 -27.34
C SER A 407 24.78 -4.43 -28.17
N GLY A 408 24.05 -3.82 -29.08
CA GLY A 408 24.71 -2.84 -29.96
C GLY A 408 24.98 -3.43 -31.34
N SER A 409 24.55 -4.68 -31.54
CA SER A 409 24.71 -5.44 -32.81
C SER A 409 23.33 -5.81 -33.44
N LYS A 410 22.52 -4.79 -33.67
CA LYS A 410 21.21 -4.94 -34.29
C LYS A 410 21.28 -5.58 -35.66
N TYR A 411 22.44 -5.44 -36.34
CA TYR A 411 22.64 -6.07 -37.67
C TYR A 411 22.59 -7.63 -37.63
N LYS A 412 22.78 -8.22 -36.45
CA LYS A 412 22.80 -9.67 -36.35
C LYS A 412 21.38 -10.31 -36.43
N LYS A 413 20.82 -10.40 -37.62
CA LYS A 413 19.51 -11.05 -37.74
C LYS A 413 19.74 -12.54 -37.80
N PHE A 414 18.91 -13.31 -37.13
CA PHE A 414 18.95 -14.76 -37.20
C PHE A 414 17.99 -15.17 -38.31
N VAL A 415 18.40 -16.09 -39.19
CA VAL A 415 17.51 -16.57 -40.24
C VAL A 415 17.25 -18.05 -39.97
N ALA A 416 15.97 -18.40 -39.94
CA ALA A 416 15.54 -19.82 -39.84
C ALA A 416 14.65 -20.13 -41.03
N LYS A 417 15.07 -21.07 -41.90
CA LYS A 417 14.26 -21.51 -43.07
C LYS A 417 14.05 -23.03 -43.15
N ILE A 418 12.80 -23.46 -43.42
CA ILE A 418 12.44 -24.88 -43.61
C ILE A 418 11.86 -25.02 -44.99
N VAL A 419 12.38 -25.97 -45.76
CA VAL A 419 11.92 -26.21 -47.13
C VAL A 419 11.14 -27.54 -47.07
N THR A 420 9.93 -27.57 -47.63
CA THR A 420 9.17 -28.84 -47.59
C THR A 420 8.72 -29.24 -49.00
N ASN A 421 8.42 -30.52 -49.14
CA ASN A 421 7.55 -31.02 -50.20
C ASN A 421 6.14 -30.70 -49.76
N HIS A 422 5.55 -29.63 -50.30
CA HIS A 422 4.19 -29.27 -49.92
C HIS A 422 3.14 -30.38 -50.14
N SER A 423 3.42 -31.38 -50.99
CA SER A 423 2.42 -32.43 -51.21
C SER A 423 2.09 -33.17 -49.95
N ASP A 424 3.12 -33.46 -49.16
CA ASP A 424 2.94 -34.28 -47.97
C ASP A 424 3.66 -33.75 -46.69
N GLY A 425 4.19 -32.51 -46.74
CA GLY A 425 4.81 -31.91 -45.54
C GLY A 425 6.23 -32.34 -45.17
N THR A 426 6.80 -33.28 -45.93
CA THR A 426 8.16 -33.74 -45.64
C THR A 426 9.15 -32.56 -45.66
N VAL A 427 9.91 -32.41 -44.57
CA VAL A 427 11.02 -31.46 -44.51
C VAL A 427 12.15 -31.89 -45.42
N LEU A 428 12.45 -31.02 -46.38
CA LEU A 428 13.47 -31.33 -47.37
C LEU A 428 14.84 -30.66 -47.03
N GLY A 429 14.82 -29.53 -46.33
CA GLY A 429 16.07 -28.84 -45.95
C GLY A 429 15.78 -27.88 -44.81
N VAL A 430 16.74 -27.70 -43.91
CA VAL A 430 16.67 -26.63 -42.94
C VAL A 430 17.95 -25.77 -43.01
N HIS A 431 17.81 -24.46 -43.03
CA HIS A 431 18.95 -23.58 -43.17
C HIS A 431 18.91 -22.50 -42.10
N LEU A 432 20.00 -22.32 -41.35
CA LEU A 432 20.01 -21.37 -40.22
C LEU A 432 21.24 -20.46 -40.30
N LEU A 433 21.06 -19.19 -40.00
CA LEU A 433 22.18 -18.26 -39.80
C LEU A 433 22.02 -17.56 -38.46
N GLY A 434 23.09 -17.55 -37.63
CA GLY A 434 23.09 -16.87 -36.34
C GLY A 434 23.77 -17.70 -35.25
N ASP A 435 24.18 -17.02 -34.18
CA ASP A 435 24.88 -17.69 -33.07
C ASP A 435 24.05 -18.87 -32.67
N GLY A 436 24.72 -20.00 -32.48
CA GLY A 436 24.11 -21.28 -32.15
C GLY A 436 23.71 -22.18 -33.31
N ALA A 437 23.58 -21.63 -34.52
CA ALA A 437 23.16 -22.44 -35.66
C ALA A 437 23.92 -23.82 -35.75
N PRO A 438 25.27 -23.85 -35.58
CA PRO A 438 25.86 -25.19 -35.79
C PRO A 438 25.36 -26.23 -34.77
N GLU A 439 25.20 -25.80 -33.51
CA GLU A 439 24.65 -26.60 -32.39
C GLU A 439 23.18 -27.01 -32.60
N ILE A 440 22.38 -26.07 -33.09
CA ILE A 440 20.95 -26.31 -33.27
C ILE A 440 20.72 -27.40 -34.33
N ILE A 441 21.54 -27.35 -35.41
CA ILE A 441 21.29 -28.12 -36.60
C ILE A 441 21.61 -29.59 -36.42
N GLN A 442 22.29 -30.00 -35.33
CA GLN A 442 22.71 -31.41 -35.22
C GLN A 442 21.52 -32.33 -35.06
N ALA A 443 20.62 -31.96 -34.13
CA ALA A 443 19.45 -32.76 -33.88
C ALA A 443 18.45 -32.62 -35.03
N VAL A 444 18.49 -31.51 -35.75
CA VAL A 444 17.67 -31.43 -36.97
C VAL A 444 18.13 -32.51 -37.94
N GLY A 445 19.43 -32.83 -37.96
CA GLY A 445 19.90 -33.96 -38.81
C GLY A 445 19.16 -35.27 -38.47
N VAL A 446 18.95 -35.51 -37.17
CA VAL A 446 18.21 -36.66 -36.73
C VAL A 446 16.76 -36.62 -37.23
N CYS A 447 16.11 -35.46 -37.10
CA CYS A 447 14.75 -35.24 -37.58
C CYS A 447 14.62 -35.63 -39.03
N LEU A 448 15.51 -35.12 -39.88
CA LEU A 448 15.40 -35.45 -41.31
C LEU A 448 15.64 -36.96 -41.62
N ARG A 449 16.59 -37.57 -40.93
CA ARG A 449 16.76 -39.05 -40.96
C ARG A 449 15.47 -39.76 -40.63
N LEU A 450 14.65 -39.14 -39.78
CA LEU A 450 13.39 -39.72 -39.42
C LEU A 450 12.25 -39.21 -40.28
N ASN A 451 12.53 -38.63 -41.44
CA ASN A 451 11.43 -38.18 -42.29
C ASN A 451 10.39 -37.26 -41.59
N ALA A 452 10.89 -36.40 -40.70
CA ALA A 452 10.09 -35.36 -40.08
C ALA A 452 9.25 -34.56 -41.08
N LYS A 453 8.05 -34.17 -40.66
CA LYS A 453 7.22 -33.27 -41.48
C LYS A 453 7.14 -31.89 -40.87
N ILE A 454 6.63 -30.90 -41.59
CA ILE A 454 6.54 -29.56 -41.01
C ILE A 454 5.66 -29.58 -39.75
N SER A 455 4.57 -30.36 -39.83
CA SER A 455 3.70 -30.58 -38.67
C SER A 455 4.42 -31.17 -37.41
N ASP A 456 5.43 -32.02 -37.58
CA ASP A 456 6.18 -32.54 -36.43
C ASP A 456 7.00 -31.43 -35.69
N PHE A 457 7.54 -30.48 -36.45
CA PHE A 457 8.20 -29.30 -35.94
C PHE A 457 7.21 -28.38 -35.29
N TYR A 458 6.13 -28.05 -36.00
CA TYR A 458 5.18 -27.07 -35.47
C TYR A 458 4.43 -27.51 -34.21
N ASN A 459 4.17 -28.81 -34.08
CA ASN A 459 3.55 -29.40 -32.91
C ASN A 459 4.41 -29.54 -31.68
N THR A 460 5.73 -29.66 -31.87
CA THR A 460 6.67 -29.62 -30.75
C THR A 460 6.60 -28.29 -30.02
N ILE A 461 6.35 -28.36 -28.72
CA ILE A 461 6.34 -27.18 -27.88
C ILE A 461 7.73 -26.57 -27.82
N GLY A 462 7.80 -25.24 -27.92
CA GLY A 462 9.06 -24.47 -27.99
C GLY A 462 9.82 -24.31 -26.70
N VAL A 463 11.14 -24.15 -26.80
CA VAL A 463 11.98 -23.75 -25.63
C VAL A 463 12.19 -22.22 -25.73
N HIS A 464 11.86 -21.54 -24.64
CA HIS A 464 11.77 -20.10 -24.65
C HIS A 464 12.43 -19.48 -23.43
N PRO A 465 13.15 -18.37 -23.64
CA PRO A 465 13.49 -17.84 -25.00
C PRO A 465 14.76 -18.47 -25.65
N THR A 466 14.62 -18.99 -26.88
CA THR A 466 15.77 -19.42 -27.67
C THR A 466 15.67 -18.92 -29.13
N SER A 467 16.77 -19.00 -29.91
CA SER A 467 16.65 -18.86 -31.36
C SER A 467 15.96 -20.09 -31.95
N ALA A 468 16.35 -21.27 -31.47
CA ALA A 468 15.83 -22.57 -31.94
C ALA A 468 14.32 -22.66 -32.02
N GLU A 469 13.60 -22.08 -31.05
CA GLU A 469 12.14 -22.19 -31.05
C GLU A 469 11.49 -21.61 -32.34
N GLU A 470 12.15 -20.69 -33.03
CA GLU A 470 11.60 -20.27 -34.30
C GLU A 470 11.28 -21.44 -35.26
N LEU A 471 12.04 -22.54 -35.18
CA LEU A 471 11.86 -23.72 -36.06
C LEU A 471 10.55 -24.45 -35.79
N CYS A 472 10.03 -24.22 -34.58
CA CYS A 472 8.85 -24.91 -34.07
C CYS A 472 7.61 -23.98 -34.00
N SER A 473 7.71 -22.84 -34.67
CA SER A 473 6.72 -21.75 -34.57
C SER A 473 6.19 -21.40 -35.93
N MET A 474 6.49 -22.19 -36.96
CA MET A 474 6.17 -21.82 -38.34
C MET A 474 5.18 -22.81 -38.93
N ARG A 475 3.99 -22.33 -39.22
CA ARG A 475 2.89 -23.20 -39.66
C ARG A 475 2.34 -22.73 -41.01
N THR A 476 2.63 -21.50 -41.39
CA THR A 476 2.15 -21.01 -42.67
C THR A 476 3.28 -20.64 -43.57
N PRO A 477 3.42 -21.30 -44.75
CA PRO A 477 4.43 -20.97 -45.73
C PRO A 477 4.57 -19.50 -45.97
N SER A 478 5.78 -19.03 -46.16
CA SER A 478 5.91 -17.66 -46.60
C SER A 478 5.75 -17.52 -48.10
N TYR A 479 6.18 -18.54 -48.85
CA TYR A 479 5.99 -18.59 -50.30
C TYR A 479 6.13 -20.02 -50.79
N TYR A 480 5.99 -20.20 -52.12
CA TYR A 480 5.94 -21.51 -52.79
C TYR A 480 6.74 -21.54 -54.09
N TYR A 481 7.04 -22.75 -54.50
CA TYR A 481 7.48 -23.05 -55.85
C TYR A 481 6.44 -24.03 -56.37
N VAL A 482 5.81 -23.64 -57.48
CA VAL A 482 4.89 -24.56 -58.20
C VAL A 482 5.47 -24.83 -59.58
N LYS A 483 5.62 -26.11 -59.89
CA LYS A 483 6.45 -26.54 -61.03
C LYS A 483 7.62 -25.61 -61.34
N GLY A 484 8.33 -25.17 -60.29
CA GLY A 484 9.63 -24.51 -60.47
C GLY A 484 9.54 -23.00 -60.42
N GLU A 485 8.33 -22.52 -60.23
CA GLU A 485 8.01 -21.10 -60.28
C GLU A 485 7.76 -20.54 -58.89
N LYS A 486 8.49 -19.47 -58.57
CA LYS A 486 8.37 -18.83 -57.28
C LYS A 486 7.10 -17.97 -57.25
N MET A 487 6.27 -18.20 -56.22
CA MET A 487 5.02 -17.43 -56.01
C MET A 487 4.57 -17.37 -54.56
N GLU A 488 4.19 -16.18 -54.13
CA GLU A 488 3.76 -15.96 -52.75
C GLU A 488 2.65 -16.89 -52.34
N LYS A 489 1.67 -17.07 -53.22
CA LYS A 489 0.48 -17.85 -52.92
C LYS A 489 0.23 -18.96 -53.94
N LEU A 490 -0.36 -20.07 -53.49
CA LEU A 490 -0.72 -21.20 -54.34
C LEU A 490 -1.85 -20.81 -55.31
N PRO A 491 -1.79 -21.24 -56.59
CA PRO A 491 -2.94 -20.93 -57.45
C PRO A 491 -4.01 -22.03 -57.43
N SER B 5 -22.79 -1.58 -20.01
CA SER B 5 -22.41 -3.00 -20.26
C SER B 5 -22.05 -3.25 -21.76
N LYS B 6 -21.23 -4.29 -22.03
CA LYS B 6 -20.73 -4.69 -23.38
C LYS B 6 -20.73 -6.23 -23.54
N ALA B 7 -21.07 -6.74 -24.74
CA ALA B 7 -21.12 -8.23 -24.96
C ALA B 7 -19.99 -8.77 -25.88
N PHE B 8 -19.72 -10.09 -25.80
CA PHE B 8 -18.47 -10.72 -26.34
C PHE B 8 -18.58 -12.22 -26.47
N ASP B 9 -17.84 -12.78 -27.43
CA ASP B 9 -17.77 -14.24 -27.58
C ASP B 9 -16.79 -14.89 -26.60
N LEU B 10 -15.75 -14.13 -26.27
CA LEU B 10 -14.70 -14.60 -25.40
C LEU B 10 -14.24 -13.46 -24.51
N VAL B 11 -14.32 -13.69 -23.20
CA VAL B 11 -13.63 -12.74 -22.33
C VAL B 11 -12.47 -13.48 -21.64
N VAL B 12 -11.31 -12.83 -21.73
CA VAL B 12 -10.07 -13.42 -21.25
C VAL B 12 -9.59 -12.62 -20.04
N ILE B 13 -9.47 -13.33 -18.91
CA ILE B 13 -8.96 -12.67 -17.70
C ILE B 13 -7.44 -12.91 -17.61
N GLY B 14 -6.67 -11.85 -17.90
CA GLY B 14 -5.20 -11.86 -17.85
C GLY B 14 -4.58 -11.85 -19.24
N ALA B 15 -3.81 -10.81 -19.52
CA ALA B 15 -3.13 -10.63 -20.78
C ALA B 15 -1.67 -11.22 -20.82
N GLY B 16 -1.49 -12.46 -20.46
CA GLY B 16 -0.14 -13.03 -20.41
C GLY B 16 0.03 -13.98 -21.58
N SER B 17 1.07 -14.78 -21.53
CA SER B 17 1.29 -15.83 -22.51
C SER B 17 0.05 -16.57 -22.97
N GLY B 18 -0.66 -17.20 -22.04
CA GLY B 18 -1.80 -18.07 -22.35
C GLY B 18 -2.98 -17.24 -22.92
N GLY B 19 -3.26 -16.14 -22.24
CA GLY B 19 -4.44 -15.35 -22.54
C GLY B 19 -4.34 -14.61 -23.86
N LEU B 20 -3.17 -14.06 -24.14
CA LEU B 20 -2.87 -13.50 -25.45
C LEU B 20 -3.01 -14.48 -26.63
N GLU B 21 -2.45 -15.68 -26.50
CA GLU B 21 -2.52 -16.66 -27.58
C GLU B 21 -3.97 -17.02 -27.91
N ALA B 22 -4.74 -17.35 -26.87
CA ALA B 22 -6.14 -17.66 -26.96
C ALA B 22 -6.94 -16.52 -27.62
N GLY B 23 -6.59 -15.30 -27.20
CA GLY B 23 -7.36 -14.12 -27.54
C GLY B 23 -7.15 -13.79 -28.98
N TRP B 24 -5.88 -13.69 -29.40
CA TRP B 24 -5.55 -13.42 -30.79
C TRP B 24 -5.96 -14.55 -31.71
N ASN B 25 -5.80 -15.80 -31.32
CA ASN B 25 -6.31 -16.84 -32.18
C ASN B 25 -7.84 -16.74 -32.42
N ALA B 26 -8.60 -16.38 -31.38
CA ALA B 26 -10.04 -16.38 -31.47
C ALA B 26 -10.53 -15.30 -32.45
N ALA B 27 -10.08 -14.08 -32.21
CA ALA B 27 -10.27 -12.93 -33.09
C ALA B 27 -9.74 -13.11 -34.56
N THR B 28 -8.46 -13.44 -34.75
CA THR B 28 -7.91 -13.47 -36.12
C THR B 28 -8.13 -14.78 -36.90
N LEU B 29 -8.13 -15.91 -36.21
CA LEU B 29 -8.35 -17.18 -36.90
C LEU B 29 -9.80 -17.54 -37.05
N TYR B 30 -10.68 -17.00 -36.18
CA TYR B 30 -12.11 -17.34 -36.23
C TYR B 30 -13.06 -16.14 -36.32
N GLY B 31 -12.51 -14.93 -36.40
CA GLY B 31 -13.35 -13.74 -36.47
C GLY B 31 -14.32 -13.59 -35.29
N LYS B 32 -13.97 -14.19 -34.14
CA LYS B 32 -14.70 -13.92 -32.90
C LYS B 32 -14.40 -12.54 -32.35
N ARG B 33 -15.26 -12.16 -31.42
CA ARG B 33 -15.23 -10.93 -30.66
C ARG B 33 -14.71 -11.20 -29.21
N VAL B 34 -13.70 -10.44 -28.79
CA VAL B 34 -12.86 -10.85 -27.66
C VAL B 34 -12.49 -9.66 -26.77
N ALA B 35 -12.66 -9.83 -25.45
CA ALA B 35 -12.09 -8.88 -24.46
C ALA B 35 -10.98 -9.55 -23.63
N VAL B 36 -9.88 -8.82 -23.46
CA VAL B 36 -8.80 -9.30 -22.60
C VAL B 36 -8.63 -8.21 -21.56
N VAL B 37 -8.55 -8.64 -20.30
CA VAL B 37 -8.35 -7.74 -19.16
C VAL B 37 -7.01 -8.06 -18.46
N ASP B 38 -6.25 -6.98 -18.24
CA ASP B 38 -5.11 -6.98 -17.38
C ASP B 38 -5.08 -5.76 -16.44
N VAL B 39 -4.25 -5.81 -15.40
CA VAL B 39 -4.21 -4.81 -14.34
C VAL B 39 -3.23 -3.69 -14.62
N GLN B 40 -2.42 -3.80 -15.67
CA GLN B 40 -1.47 -2.75 -15.89
C GLN B 40 -1.02 -2.87 -17.32
N THR B 41 -0.63 -1.75 -17.94
CA THR B 41 -0.32 -1.80 -19.35
C THR B 41 1.19 -1.94 -19.64
N SER B 42 2.02 -1.43 -18.75
CA SER B 42 3.44 -1.62 -18.86
C SER B 42 4.06 -2.25 -17.56
N HIS B 43 5.34 -2.64 -17.61
CA HIS B 43 5.97 -3.50 -16.56
C HIS B 43 6.21 -2.71 -15.29
N GLY B 44 6.35 -3.43 -14.16
CA GLY B 44 7.03 -2.86 -13.01
C GLY B 44 6.10 -2.64 -11.84
N PRO B 45 6.64 -2.11 -10.76
CA PRO B 45 5.76 -1.78 -9.65
C PRO B 45 4.65 -0.82 -10.15
N PRO B 46 3.43 -0.94 -9.58
CA PRO B 46 3.13 -1.79 -8.40
C PRO B 46 2.78 -3.24 -8.66
N PHE B 47 2.28 -3.55 -9.85
CA PHE B 47 1.75 -4.89 -9.98
C PHE B 47 2.67 -5.86 -10.72
N TYR B 48 3.81 -5.35 -11.17
CA TYR B 48 4.89 -6.21 -11.79
C TYR B 48 4.51 -6.79 -13.16
N ALA B 49 3.66 -7.81 -13.18
CA ALA B 49 3.10 -8.34 -14.44
C ALA B 49 2.11 -7.34 -15.10
N ALA B 50 1.97 -7.43 -16.40
CA ALA B 50 1.17 -6.51 -17.13
C ALA B 50 0.80 -7.08 -18.50
N LEU B 51 0.39 -6.19 -19.38
CA LEU B 51 0.24 -6.52 -20.79
C LEU B 51 1.47 -7.37 -21.22
N GLY B 52 1.19 -8.60 -21.64
CA GLY B 52 2.25 -9.50 -22.11
C GLY B 52 2.71 -10.48 -21.03
N GLY B 53 2.15 -10.31 -19.83
CA GLY B 53 2.29 -11.28 -18.77
C GLY B 53 3.59 -11.31 -17.99
N THR B 54 3.78 -12.44 -17.34
CA THR B 54 5.01 -12.73 -16.59
C THR B 54 6.17 -12.81 -17.59
N CYS B 55 5.94 -13.50 -18.70
CA CYS B 55 6.97 -13.71 -19.73
C CYS B 55 7.68 -12.42 -20.12
N VAL B 56 6.91 -11.41 -20.57
CA VAL B 56 7.45 -10.12 -21.01
C VAL B 56 7.98 -9.27 -19.88
N ASN B 57 7.20 -9.17 -18.81
CA ASN B 57 7.44 -8.16 -17.76
C ASN B 57 8.38 -8.57 -16.60
N VAL B 58 8.22 -9.80 -16.08
CA VAL B 58 9.00 -10.23 -14.88
C VAL B 58 9.31 -11.73 -14.92
N GLY B 59 9.70 -12.21 -16.13
CA GLY B 59 9.94 -13.59 -16.39
C GLY B 59 10.92 -13.80 -17.57
N CYS B 60 10.52 -14.64 -18.51
CA CYS B 60 11.41 -15.19 -19.58
C CYS B 60 12.32 -14.11 -20.12
N VAL B 61 11.69 -13.03 -20.60
CA VAL B 61 12.41 -12.00 -21.33
C VAL B 61 13.46 -11.25 -20.52
N PRO B 62 13.04 -10.55 -19.45
CA PRO B 62 14.07 -9.82 -18.71
C PRO B 62 15.12 -10.74 -18.04
N LYS B 63 14.72 -11.94 -17.63
CA LYS B 63 15.62 -12.92 -17.07
C LYS B 63 16.70 -13.29 -18.10
N LYS B 64 16.28 -13.55 -19.33
CA LYS B 64 17.23 -14.04 -20.33
C LYS B 64 18.20 -12.89 -20.63
N LEU B 65 17.70 -11.66 -20.71
CA LEU B 65 18.57 -10.53 -20.89
C LEU B 65 19.61 -10.38 -19.78
N MET B 66 19.21 -10.64 -18.55
CA MET B 66 20.09 -10.42 -17.44
C MET B 66 21.09 -11.56 -17.28
N VAL B 67 20.68 -12.80 -17.57
CA VAL B 67 21.60 -13.93 -17.59
C VAL B 67 22.62 -13.72 -18.70
N THR B 68 22.18 -13.12 -19.80
CA THR B 68 23.10 -12.93 -20.94
C THR B 68 24.16 -11.87 -20.48
N GLY B 69 23.71 -10.82 -19.77
CA GLY B 69 24.62 -9.83 -19.23
C GLY B 69 25.58 -10.48 -18.29
N ALA B 70 25.08 -11.36 -17.45
CA ALA B 70 25.92 -12.01 -16.48
C ALA B 70 26.99 -12.88 -17.12
N GLN B 71 26.72 -13.48 -18.27
CA GLN B 71 27.66 -14.33 -18.95
C GLN B 71 28.96 -13.63 -19.34
N TYR B 72 28.95 -12.29 -19.49
CA TYR B 72 30.16 -11.55 -19.85
C TYR B 72 31.17 -11.60 -18.77
N MET B 73 30.77 -11.86 -17.54
CA MET B 73 31.80 -11.99 -16.52
C MET B 73 32.72 -13.14 -16.91
N ASP B 74 32.14 -14.21 -17.46
CA ASP B 74 32.94 -15.34 -17.94
C ASP B 74 33.71 -15.03 -19.24
N HIS B 75 33.07 -14.42 -20.24
CA HIS B 75 33.70 -14.13 -21.51
C HIS B 75 34.88 -13.21 -21.30
N LEU B 76 34.76 -12.24 -20.41
CA LEU B 76 35.87 -11.31 -20.21
C LEU B 76 37.11 -12.05 -19.72
N ARG B 77 36.97 -12.92 -18.75
CA ARG B 77 38.09 -13.63 -18.22
C ARG B 77 38.63 -14.64 -19.25
N GLU B 78 37.73 -15.33 -19.94
CA GLU B 78 38.10 -16.46 -20.81
C GLU B 78 38.75 -15.98 -22.10
N SER B 79 38.48 -14.73 -22.49
CA SER B 79 39.08 -14.14 -23.67
C SER B 79 40.58 -14.19 -23.58
N ALA B 80 41.13 -14.16 -22.38
CA ALA B 80 42.62 -14.05 -22.25
C ALA B 80 43.33 -15.31 -22.73
N GLY B 81 42.72 -16.48 -22.55
CA GLY B 81 43.28 -17.70 -23.11
C GLY B 81 43.48 -17.62 -24.61
N PHE B 82 42.70 -16.80 -25.32
CA PHE B 82 42.80 -16.73 -26.77
C PHE B 82 43.57 -15.47 -27.18
N GLY B 83 44.27 -14.85 -26.19
CA GLY B 83 45.24 -13.81 -26.48
C GLY B 83 44.74 -12.41 -26.33
N TRP B 84 43.54 -12.27 -25.78
CA TRP B 84 42.97 -10.92 -25.64
C TRP B 84 43.58 -10.30 -24.38
N GLU B 85 44.00 -9.05 -24.51
CA GLU B 85 44.64 -8.30 -23.46
C GLU B 85 43.85 -7.06 -23.33
N PHE B 86 43.49 -6.77 -22.08
CA PHE B 86 42.98 -5.46 -21.65
C PHE B 86 43.22 -5.28 -20.15
N ASP B 87 42.94 -4.09 -19.64
CA ASP B 87 43.21 -3.75 -18.24
C ASP B 87 42.12 -4.33 -17.31
N GLY B 88 42.43 -5.48 -16.70
CA GLY B 88 41.50 -6.23 -15.84
C GLY B 88 41.05 -5.41 -14.63
N SER B 89 41.99 -4.61 -14.09
CA SER B 89 41.63 -3.69 -12.99
C SER B 89 40.60 -2.65 -13.39
N SER B 90 40.40 -2.38 -14.68
CA SER B 90 39.38 -1.37 -15.05
C SER B 90 37.95 -1.91 -15.14
N VAL B 91 37.78 -3.25 -15.04
CA VAL B 91 36.46 -3.87 -15.26
C VAL B 91 35.52 -3.56 -14.14
N LYS B 92 34.35 -2.97 -14.46
CA LYS B 92 33.25 -2.80 -13.52
C LYS B 92 31.93 -3.36 -14.13
N ALA B 93 31.07 -3.99 -13.31
CA ALA B 93 29.76 -4.44 -13.81
C ALA B 93 28.69 -3.47 -13.39
N ASN B 94 28.10 -2.78 -14.35
CA ASN B 94 27.20 -1.70 -13.98
C ASN B 94 25.74 -2.15 -14.08
N TRP B 95 25.20 -2.48 -12.92
CA TRP B 95 23.88 -2.99 -12.74
C TRP B 95 22.81 -1.98 -13.18
N LYS B 96 23.01 -0.71 -12.83
CA LYS B 96 22.00 0.28 -13.21
C LYS B 96 21.82 0.33 -14.70
N LYS B 97 22.91 0.23 -15.46
CA LYS B 97 22.84 0.24 -16.93
C LYS B 97 22.11 -1.02 -17.38
N LEU B 98 22.48 -2.18 -16.83
CA LEU B 98 21.75 -3.40 -17.12
C LEU B 98 20.25 -3.25 -16.93
N ILE B 99 19.86 -2.72 -15.77
CA ILE B 99 18.44 -2.57 -15.45
C ILE B 99 17.79 -1.57 -16.38
N ALA B 100 18.44 -0.45 -16.67
CA ALA B 100 17.78 0.55 -17.55
C ALA B 100 17.62 0.01 -18.99
N ALA B 101 18.63 -0.74 -19.46
CA ALA B 101 18.55 -1.30 -20.83
C ALA B 101 17.48 -2.32 -20.87
N LYS B 102 17.44 -3.20 -19.85
CA LYS B 102 16.36 -4.20 -19.75
C LYS B 102 15.01 -3.54 -19.72
N ASN B 103 14.88 -2.52 -18.88
CA ASN B 103 13.61 -1.81 -18.76
C ASN B 103 13.18 -1.27 -20.13
N GLU B 104 14.10 -0.64 -20.84
CA GLU B 104 13.71 -0.06 -22.14
C GLU B 104 13.23 -1.14 -23.14
N ALA B 105 13.83 -2.33 -23.08
CA ALA B 105 13.47 -3.38 -24.04
C ALA B 105 12.11 -4.01 -23.69
N VAL B 106 11.84 -4.12 -22.39
CA VAL B 106 10.57 -4.69 -21.97
C VAL B 106 9.43 -3.72 -22.36
N LEU B 107 9.70 -2.42 -22.15
CA LEU B 107 8.75 -1.33 -22.44
C LEU B 107 8.36 -1.36 -23.93
N ASP B 108 9.37 -1.37 -24.82
CA ASP B 108 9.14 -1.63 -26.27
C ASP B 108 8.18 -2.79 -26.54
N ILE B 109 8.24 -3.83 -25.71
CA ILE B 109 7.41 -5.00 -25.96
C ILE B 109 6.02 -4.68 -25.46
N ASN B 110 5.90 -4.07 -24.29
CA ASN B 110 4.60 -3.56 -23.82
C ASN B 110 3.89 -2.71 -24.90
N LYS B 111 4.60 -1.73 -25.46
CA LYS B 111 4.08 -0.86 -26.52
C LYS B 111 3.68 -1.62 -27.81
N SER B 112 4.50 -2.55 -28.28
CA SER B 112 4.08 -3.30 -29.42
C SER B 112 2.89 -4.23 -29.08
N TYR B 113 2.72 -4.63 -27.83
CA TYR B 113 1.46 -5.32 -27.54
C TYR B 113 0.19 -4.42 -27.56
N GLU B 114 0.39 -3.14 -27.33
CA GLU B 114 -0.71 -2.20 -27.28
C GLU B 114 -1.07 -1.94 -28.72
N GLY B 115 -0.04 -1.70 -29.53
CA GLY B 115 -0.13 -1.69 -30.99
C GLY B 115 -0.94 -2.86 -31.49
N MET B 116 -0.74 -4.04 -30.91
CA MET B 116 -1.43 -5.18 -31.46
C MET B 116 -2.92 -5.05 -31.27
N PHE B 117 -3.33 -4.55 -30.11
CA PHE B 117 -4.76 -4.46 -29.78
C PHE B 117 -5.51 -3.45 -30.66
N ASN B 118 -4.91 -2.27 -30.82
CA ASN B 118 -5.32 -1.23 -31.74
C ASN B 118 -5.43 -1.65 -33.20
N ASP B 119 -4.62 -2.61 -33.64
CA ASP B 119 -4.62 -3.07 -35.02
C ASP B 119 -5.54 -4.24 -35.35
N THR B 120 -5.96 -5.02 -34.37
CA THR B 120 -6.69 -6.28 -34.62
C THR B 120 -8.16 -6.14 -34.28
N GLU B 121 -9.00 -6.28 -35.27
CA GLU B 121 -10.42 -5.99 -35.10
C GLU B 121 -11.05 -7.20 -34.36
N GLY B 122 -11.96 -6.93 -33.43
CA GLY B 122 -12.51 -7.99 -32.58
C GLY B 122 -11.67 -8.37 -31.36
N LEU B 123 -10.70 -7.54 -31.03
CA LEU B 123 -9.82 -7.82 -29.91
C LEU B 123 -9.71 -6.54 -29.13
N ASP B 124 -10.38 -6.47 -27.98
CA ASP B 124 -10.30 -5.23 -27.15
C ASP B 124 -9.62 -5.44 -25.78
N PHE B 125 -8.93 -4.39 -25.31
CA PHE B 125 -8.21 -4.45 -24.07
C PHE B 125 -8.85 -3.66 -22.94
N PHE B 126 -9.15 -4.34 -21.84
CA PHE B 126 -9.67 -3.63 -20.68
C PHE B 126 -8.68 -3.63 -19.51
N LEU B 127 -8.36 -2.41 -19.04
CA LEU B 127 -7.46 -2.20 -17.90
C LEU B 127 -8.17 -2.17 -16.55
N GLY B 128 -7.80 -3.13 -15.68
CA GLY B 128 -8.35 -3.26 -14.31
C GLY B 128 -8.35 -4.70 -13.83
N TRP B 129 -9.12 -4.98 -12.79
CA TRP B 129 -9.18 -6.31 -12.14
C TRP B 129 -10.43 -7.10 -12.46
N GLY B 130 -10.26 -8.30 -13.01
CA GLY B 130 -11.34 -9.12 -13.44
C GLY B 130 -11.78 -10.20 -12.48
N SER B 131 -13.08 -10.20 -12.18
CA SER B 131 -13.71 -11.24 -11.36
C SER B 131 -14.98 -11.86 -12.05
N LEU B 132 -15.35 -13.05 -11.65
CA LEU B 132 -16.60 -13.61 -12.04
C LEU B 132 -17.79 -13.02 -11.20
N GLU B 133 -18.66 -12.24 -11.83
CA GLU B 133 -20.00 -11.96 -11.28
C GLU B 133 -20.94 -13.17 -11.41
N SER B 134 -21.04 -13.75 -12.61
CA SER B 134 -21.72 -15.03 -12.82
C SER B 134 -21.34 -15.81 -14.10
N LYS B 135 -21.88 -17.01 -14.19
CA LYS B 135 -21.64 -17.95 -15.28
C LYS B 135 -21.25 -17.26 -16.60
N ASN B 136 -21.82 -16.08 -16.86
CA ASN B 136 -21.68 -15.38 -18.14
C ASN B 136 -21.28 -13.90 -18.05
N VAL B 137 -20.97 -13.43 -16.83
CA VAL B 137 -20.52 -12.04 -16.64
C VAL B 137 -19.15 -12.08 -15.98
N VAL B 138 -18.26 -11.28 -16.53
CA VAL B 138 -16.94 -10.93 -15.95
C VAL B 138 -16.96 -9.44 -15.65
N VAL B 139 -16.70 -9.05 -14.40
CA VAL B 139 -16.66 -7.64 -13.99
C VAL B 139 -15.25 -7.11 -13.88
N VAL B 140 -15.08 -5.82 -14.11
CA VAL B 140 -13.77 -5.21 -14.07
C VAL B 140 -13.73 -4.03 -13.10
N ARG B 141 -12.93 -4.16 -12.04
CA ARG B 141 -12.90 -3.12 -10.98
C ARG B 141 -11.61 -2.31 -10.97
N GLU B 142 -11.59 -1.23 -10.19
CA GLU B 142 -10.44 -0.31 -10.18
C GLU B 142 -9.23 -0.93 -9.49
N THR B 143 -9.51 -1.82 -8.53
CA THR B 143 -8.52 -2.51 -7.71
C THR B 143 -9.00 -3.93 -7.36
N ALA B 144 -8.14 -4.71 -6.70
CA ALA B 144 -8.37 -6.14 -6.36
C ALA B 144 -9.39 -6.45 -5.26
N ASP B 145 -9.76 -5.44 -4.47
CA ASP B 145 -10.89 -5.55 -3.51
C ASP B 145 -12.24 -5.76 -4.24
N PRO B 146 -13.01 -6.83 -3.90
CA PRO B 146 -14.26 -7.01 -4.64
C PRO B 146 -15.33 -5.94 -4.35
N LYS B 147 -14.95 -4.86 -3.67
CA LYS B 147 -15.89 -3.79 -3.31
C LYS B 147 -15.52 -2.46 -3.95
N SER B 148 -14.36 -2.40 -4.61
CA SER B 148 -13.92 -1.21 -5.34
C SER B 148 -14.83 -0.90 -6.55
N ALA B 149 -14.69 0.32 -7.07
CA ALA B 149 -15.58 0.91 -8.11
C ALA B 149 -15.53 0.18 -9.46
N VAL B 150 -16.67 -0.36 -9.91
CA VAL B 150 -16.83 -1.00 -11.23
C VAL B 150 -16.41 -0.09 -12.41
N LYS B 151 -15.80 -0.69 -13.45
CA LYS B 151 -15.30 0.08 -14.62
C LYS B 151 -16.10 -0.28 -15.90
N GLU B 152 -16.24 -1.57 -16.15
CA GLU B 152 -17.08 -2.10 -17.21
C GLU B 152 -17.59 -3.41 -16.64
N ARG B 153 -18.62 -3.97 -17.26
CA ARG B 153 -19.15 -5.30 -16.90
C ARG B 153 -19.30 -6.05 -18.23
N LEU B 154 -18.57 -7.16 -18.38
CA LEU B 154 -18.42 -7.81 -19.66
C LEU B 154 -19.29 -9.03 -19.80
N GLN B 155 -20.15 -8.97 -20.81
CA GLN B 155 -21.11 -10.03 -21.09
C GLN B 155 -20.40 -11.10 -21.94
N ALA B 156 -20.48 -12.35 -21.51
CA ALA B 156 -19.55 -13.32 -22.00
C ALA B 156 -20.14 -14.66 -22.36
N ASP B 157 -19.95 -15.08 -23.60
CA ASP B 157 -20.38 -16.41 -24.04
C ASP B 157 -19.43 -17.49 -23.54
N HIS B 158 -18.13 -17.23 -23.65
CA HIS B 158 -17.10 -18.09 -23.07
C HIS B 158 -16.15 -17.24 -22.20
N ILE B 159 -15.62 -17.89 -21.17
CA ILE B 159 -14.74 -17.23 -20.18
C ILE B 159 -13.45 -18.04 -20.03
N LEU B 160 -12.34 -17.36 -20.26
CA LEU B 160 -11.01 -17.93 -20.11
C LEU B 160 -10.29 -17.32 -18.89
N LEU B 161 -9.96 -18.20 -17.92
CA LEU B 161 -9.14 -17.80 -16.74
C LEU B 161 -7.66 -18.05 -17.08
N ALA B 162 -6.87 -16.98 -17.12
CA ALA B 162 -5.47 -17.07 -17.53
C ALA B 162 -4.69 -16.05 -16.70
N THR B 163 -4.85 -16.12 -15.39
CA THR B 163 -4.28 -15.09 -14.51
C THR B 163 -2.88 -15.45 -13.98
N GLY B 164 -2.40 -16.64 -14.32
CA GLY B 164 -1.02 -17.05 -13.99
C GLY B 164 -0.77 -17.45 -12.54
N SER B 165 0.42 -17.10 -12.03
CA SER B 165 0.89 -17.55 -10.73
C SER B 165 1.61 -16.41 -10.02
N TRP B 166 2.09 -16.67 -8.81
CA TRP B 166 2.58 -15.53 -8.02
C TRP B 166 3.56 -16.18 -7.07
N PRO B 167 4.61 -15.45 -6.66
CA PRO B 167 5.65 -16.10 -5.81
C PRO B 167 5.09 -16.48 -4.44
N GLN B 168 5.38 -17.71 -4.02
CA GLN B 168 5.01 -18.22 -2.72
C GLN B 168 6.01 -17.65 -1.71
N MET B 169 5.51 -17.23 -0.56
CA MET B 169 6.38 -16.76 0.51
C MET B 169 6.08 -17.57 1.76
N PRO B 170 7.10 -18.16 2.41
CA PRO B 170 6.78 -18.95 3.60
C PRO B 170 6.31 -18.09 4.85
N ALA B 171 5.67 -18.75 5.81
CA ALA B 171 5.08 -18.10 6.98
C ALA B 171 6.09 -18.06 8.11
N ILE B 172 7.22 -17.38 7.92
CA ILE B 172 8.25 -17.28 8.95
C ILE B 172 8.22 -15.90 9.48
N PRO B 173 8.56 -15.74 10.73
CA PRO B 173 8.73 -14.42 11.29
C PRO B 173 9.75 -13.54 10.49
N GLY B 174 9.37 -12.30 10.16
CA GLY B 174 10.22 -11.43 9.33
C GLY B 174 10.24 -11.70 7.82
N ILE B 175 9.24 -12.45 7.34
CA ILE B 175 9.10 -12.74 5.92
C ILE B 175 8.94 -11.43 5.11
N GLU B 176 8.39 -10.39 5.77
CA GLU B 176 8.24 -9.09 5.13
C GLU B 176 9.54 -8.27 4.84
N HIS B 177 10.70 -8.75 5.32
CA HIS B 177 11.99 -8.14 5.00
C HIS B 177 12.69 -8.88 3.88
N CYS B 178 11.99 -9.86 3.30
CA CYS B 178 12.46 -10.63 2.14
C CYS B 178 11.79 -10.11 0.87
N ILE B 179 12.43 -10.42 -0.29
CA ILE B 179 11.86 -10.11 -1.58
C ILE B 179 11.59 -11.39 -2.40
N SER B 180 10.95 -11.23 -3.56
CA SER B 180 10.75 -12.32 -4.54
C SER B 180 11.46 -11.91 -5.83
N SER B 181 11.35 -12.69 -6.90
CA SER B 181 11.92 -12.29 -8.18
C SER B 181 11.30 -10.98 -8.69
N ASN B 182 10.04 -10.70 -8.34
CA ASN B 182 9.45 -9.43 -8.81
C ASN B 182 10.33 -8.21 -8.48
N GLU B 183 10.72 -8.10 -7.21
CA GLU B 183 11.57 -7.00 -6.71
C GLU B 183 13.04 -7.05 -7.16
N ALA B 184 13.51 -8.25 -7.36
CA ALA B 184 14.85 -8.48 -7.80
C ALA B 184 15.06 -7.77 -9.17
N PHE B 185 14.07 -7.80 -10.05
CA PHE B 185 14.14 -7.12 -11.37
C PHE B 185 14.31 -5.58 -11.33
N TYR B 186 14.09 -4.99 -10.15
CA TYR B 186 14.04 -3.55 -9.96
C TYR B 186 14.92 -3.05 -8.80
N LEU B 187 15.79 -3.89 -8.23
CA LEU B 187 16.73 -3.40 -7.26
C LEU B 187 17.57 -2.16 -7.75
N PRO B 188 17.57 -1.08 -6.96
CA PRO B 188 18.36 0.06 -7.39
C PRO B 188 19.87 -0.25 -7.51
N GLU B 189 20.41 -1.11 -6.63
CA GLU B 189 21.83 -1.42 -6.61
C GLU B 189 21.96 -2.93 -6.65
N PRO B 190 23.08 -3.46 -7.20
CA PRO B 190 23.24 -4.90 -7.16
C PRO B 190 23.59 -5.30 -5.74
N PRO B 191 22.95 -6.33 -5.23
CA PRO B 191 23.27 -6.58 -3.85
C PRO B 191 24.71 -7.10 -3.65
N ARG B 192 25.32 -6.72 -2.53
CA ARG B 192 26.69 -7.11 -2.24
C ARG B 192 26.73 -8.48 -1.67
N ARG B 193 25.83 -8.75 -0.72
CA ARG B 193 25.68 -10.08 -0.22
C ARG B 193 24.22 -10.41 -0.39
N VAL B 194 23.91 -11.58 -0.92
CA VAL B 194 22.54 -11.90 -1.17
C VAL B 194 22.34 -13.37 -0.87
N LEU B 195 21.17 -13.65 -0.31
CA LEU B 195 20.77 -15.03 -0.10
C LEU B 195 19.61 -15.32 -1.05
N THR B 196 19.78 -16.29 -1.96
CA THR B 196 18.63 -16.81 -2.76
C THR B 196 18.14 -18.09 -2.12
N VAL B 197 16.85 -18.11 -1.77
CA VAL B 197 16.31 -19.18 -0.98
C VAL B 197 15.51 -20.10 -1.93
N GLY B 198 16.04 -21.32 -2.13
CA GLY B 198 15.35 -22.40 -2.87
C GLY B 198 16.34 -23.03 -3.82
N GLY B 199 16.03 -24.23 -4.34
CA GLY B 199 16.98 -24.96 -5.23
C GLY B 199 16.37 -25.25 -6.58
N GLY B 200 15.39 -24.45 -6.98
CA GLY B 200 14.80 -24.64 -8.31
C GLY B 200 15.33 -23.57 -9.29
N PHE B 201 14.52 -23.30 -10.32
CA PHE B 201 14.92 -22.51 -11.49
C PHE B 201 15.24 -21.10 -11.07
N ILE B 202 14.32 -20.44 -10.37
CA ILE B 202 14.51 -19.03 -10.05
C ILE B 202 15.72 -18.74 -9.14
N SER B 203 15.85 -19.48 -8.05
CA SER B 203 17.00 -19.27 -7.14
C SER B 203 18.30 -19.44 -7.92
N VAL B 204 18.38 -20.54 -8.65
CA VAL B 204 19.59 -20.81 -9.49
C VAL B 204 19.86 -19.78 -10.58
N GLU B 205 18.85 -19.43 -11.41
CA GLU B 205 19.07 -18.37 -12.42
C GLU B 205 19.56 -17.04 -11.81
N PHE B 206 18.92 -16.58 -10.73
CA PHE B 206 19.22 -15.30 -10.10
C PHE B 206 20.57 -15.37 -9.38
N ALA B 207 20.87 -16.51 -8.72
CA ALA B 207 22.16 -16.68 -8.10
C ALA B 207 23.21 -16.36 -9.14
N GLY B 208 23.05 -16.85 -10.38
CA GLY B 208 24.08 -16.64 -11.39
C GLY B 208 24.14 -15.16 -11.80
N ILE B 209 22.99 -14.50 -11.82
CA ILE B 209 22.90 -13.14 -12.18
C ILE B 209 23.56 -12.27 -11.10
N PHE B 210 23.15 -12.42 -9.82
CA PHE B 210 23.76 -11.59 -8.76
C PHE B 210 25.28 -11.81 -8.64
N ASN B 211 25.70 -13.06 -8.84
CA ASN B 211 27.17 -13.40 -8.89
C ASN B 211 28.02 -12.54 -9.88
N ALA B 212 27.51 -12.33 -11.08
CA ALA B 212 28.28 -11.52 -12.02
C ALA B 212 28.24 -10.03 -11.68
N TYR B 213 27.12 -9.52 -11.22
CA TYR B 213 27.05 -8.08 -11.01
C TYR B 213 27.40 -7.57 -9.61
N LYS B 214 27.79 -8.45 -8.69
CA LYS B 214 28.02 -8.07 -7.33
C LYS B 214 29.23 -7.17 -7.20
N PRO B 215 29.16 -6.17 -6.30
CA PRO B 215 30.33 -5.32 -6.16
C PRO B 215 31.54 -6.08 -5.61
N PRO B 216 32.74 -5.45 -5.69
CA PRO B 216 33.99 -6.05 -5.13
C PRO B 216 33.77 -6.43 -3.66
N GLY B 217 34.27 -7.62 -3.28
CA GLY B 217 34.05 -8.23 -1.97
C GLY B 217 32.70 -8.92 -1.70
N GLY B 218 31.77 -8.82 -2.67
CA GLY B 218 30.46 -9.49 -2.57
C GLY B 218 30.45 -11.04 -2.50
N LYS B 219 29.31 -11.59 -2.07
CA LYS B 219 29.13 -13.02 -2.16
C LYS B 219 27.66 -13.37 -2.41
N VAL B 220 27.41 -14.29 -3.32
CA VAL B 220 26.11 -14.93 -3.42
C VAL B 220 26.03 -16.30 -2.69
N THR B 221 25.08 -16.42 -1.78
CA THR B 221 24.75 -17.67 -1.12
C THR B 221 23.34 -18.20 -1.60
N LEU B 222 23.28 -19.41 -2.09
CA LEU B 222 22.01 -20.06 -2.40
C LEU B 222 21.79 -21.08 -1.32
N CYS B 223 20.60 -21.11 -0.69
CA CYS B 223 20.32 -22.18 0.28
C CYS B 223 19.21 -23.09 -0.23
N TYR B 224 19.30 -24.36 0.09
CA TYR B 224 18.27 -25.31 -0.36
C TYR B 224 18.03 -26.20 0.80
N ARG B 225 16.77 -26.54 1.03
CA ARG B 225 16.43 -27.23 2.28
C ARG B 225 16.83 -28.73 2.33
N ASN B 226 17.14 -29.33 1.17
CA ASN B 226 17.52 -30.75 1.19
C ASN B 226 18.96 -30.88 0.73
N ASN B 227 19.38 -32.10 0.34
CA ASN B 227 20.78 -32.36 0.12
C ASN B 227 21.36 -31.89 -1.23
N LEU B 228 20.52 -31.83 -2.26
CA LEU B 228 21.00 -31.57 -3.61
C LEU B 228 19.97 -30.79 -4.40
N ILE B 229 20.39 -29.64 -4.94
CA ILE B 229 19.43 -28.71 -5.58
C ILE B 229 18.76 -29.31 -6.84
N LEU B 230 17.73 -28.67 -7.36
CA LEU B 230 17.16 -29.02 -8.66
C LEU B 230 16.56 -30.42 -8.74
N ARG B 231 15.80 -30.79 -7.69
CA ARG B 231 15.00 -32.02 -7.71
C ARG B 231 14.17 -32.02 -9.00
N GLY B 232 14.16 -33.17 -9.64
CA GLY B 232 13.30 -33.44 -10.84
C GLY B 232 14.15 -33.37 -12.10
N PHE B 233 15.38 -32.87 -11.96
CA PHE B 233 16.32 -32.93 -13.06
C PHE B 233 17.21 -34.15 -12.89
N ASP B 234 17.91 -34.51 -13.98
CA ASP B 234 18.88 -35.59 -14.00
C ASP B 234 19.91 -35.46 -12.88
N GLU B 235 20.18 -36.56 -12.19
CA GLU B 235 21.02 -36.50 -11.04
C GLU B 235 22.47 -36.14 -11.35
N THR B 236 23.05 -36.78 -12.38
CA THR B 236 24.40 -36.43 -12.73
C THR B 236 24.47 -34.88 -12.91
N ILE B 237 23.48 -34.32 -13.61
CA ILE B 237 23.37 -32.85 -13.87
C ILE B 237 23.16 -32.01 -12.61
N ARG B 238 22.36 -32.49 -11.66
CA ARG B 238 22.19 -31.70 -10.41
C ARG B 238 23.55 -31.54 -9.73
N GLU B 239 24.28 -32.67 -9.68
CA GLU B 239 25.57 -32.70 -9.06
C GLU B 239 26.53 -31.81 -9.83
N GLU B 240 26.58 -31.97 -11.14
CA GLU B 240 27.55 -31.28 -11.91
C GLU B 240 27.24 -29.76 -11.97
N VAL B 241 25.97 -29.34 -12.10
CA VAL B 241 25.72 -27.90 -12.06
C VAL B 241 26.06 -27.27 -10.65
N THR B 242 25.93 -28.05 -9.58
CA THR B 242 26.34 -27.59 -8.24
C THR B 242 27.84 -27.27 -8.21
N LYS B 243 28.63 -28.22 -8.76
CA LYS B 243 30.08 -28.09 -8.79
C LYS B 243 30.45 -26.83 -9.59
N GLN B 244 29.79 -26.61 -10.73
CA GLN B 244 30.24 -25.50 -11.58
C GLN B 244 29.77 -24.14 -11.02
N LEU B 245 28.62 -24.12 -10.38
CA LEU B 245 28.23 -22.93 -9.69
C LEU B 245 29.22 -22.60 -8.56
N THR B 246 29.59 -23.60 -7.75
CA THR B 246 30.64 -23.41 -6.73
C THR B 246 31.99 -22.95 -7.32
N ALA B 247 32.40 -23.55 -8.46
CA ALA B 247 33.67 -23.14 -9.07
C ALA B 247 33.65 -21.67 -9.47
N ASN B 248 32.47 -21.11 -9.72
CA ASN B 248 32.41 -19.70 -10.10
C ASN B 248 32.01 -18.84 -8.91
N GLY B 249 32.15 -19.38 -7.70
CA GLY B 249 32.15 -18.52 -6.49
C GLY B 249 30.81 -18.34 -5.76
N ILE B 250 29.79 -19.09 -6.14
CA ILE B 250 28.51 -19.08 -5.45
C ILE B 250 28.59 -20.15 -4.41
N GLU B 251 28.12 -19.87 -3.20
CA GLU B 251 28.20 -20.83 -2.13
C GLU B 251 26.86 -21.58 -2.07
N ILE B 252 26.90 -22.89 -2.07
CA ILE B 252 25.65 -23.68 -2.07
C ILE B 252 25.50 -24.21 -0.66
N MET B 253 24.56 -23.65 0.10
CA MET B 253 24.32 -24.16 1.45
C MET B 253 23.19 -25.18 1.38
N THR B 254 23.50 -26.47 1.51
CA THR B 254 22.48 -27.51 1.48
C THR B 254 21.98 -27.90 2.87
N ASN B 255 20.83 -28.58 2.94
CA ASN B 255 20.15 -28.90 4.20
C ASN B 255 19.98 -27.65 5.16
N GLU B 256 19.71 -26.49 4.59
CA GLU B 256 19.47 -25.30 5.39
C GLU B 256 18.24 -24.61 4.86
N ASN B 257 17.50 -23.99 5.76
CA ASN B 257 16.29 -23.25 5.42
C ASN B 257 16.11 -22.13 6.44
N PRO B 258 15.92 -20.87 5.99
CA PRO B 258 15.68 -19.77 6.96
C PRO B 258 14.48 -20.05 7.88
N ALA B 259 14.62 -19.79 9.21
CA ALA B 259 13.52 -19.83 10.19
C ALA B 259 13.03 -18.40 10.55
N LYS B 260 13.92 -17.42 10.48
CA LYS B 260 13.54 -16.07 10.86
C LYS B 260 14.44 -15.08 10.12
N VAL B 261 13.90 -13.90 9.83
CA VAL B 261 14.67 -12.77 9.33
C VAL B 261 14.41 -11.50 10.19
N SER B 262 15.45 -10.75 10.54
CA SER B 262 15.26 -9.48 11.19
C SER B 262 16.11 -8.37 10.56
N LEU B 263 15.68 -7.12 10.77
CA LEU B 263 16.36 -5.94 10.28
C LEU B 263 17.53 -5.52 11.14
N ASN B 264 18.65 -5.22 10.49
CA ASN B 264 19.83 -4.68 11.17
C ASN B 264 19.83 -3.17 11.03
N THR B 265 20.50 -2.49 11.94
CA THR B 265 20.51 -1.02 11.96
C THR B 265 20.98 -0.38 10.68
N ASP B 266 21.84 -1.08 9.91
CA ASP B 266 22.35 -0.56 8.62
C ASP B 266 21.45 -0.88 7.40
N GLY B 267 20.36 -1.63 7.61
CA GLY B 267 19.38 -1.87 6.52
C GLY B 267 19.54 -3.31 6.03
N SER B 268 20.58 -3.97 6.48
CA SER B 268 20.85 -5.29 5.99
C SER B 268 19.94 -6.22 6.78
N LYS B 269 19.93 -7.52 6.42
CA LYS B 269 19.07 -8.56 7.02
C LYS B 269 19.86 -9.66 7.79
N HIS B 270 19.35 -9.98 8.97
CA HIS B 270 19.95 -11.00 9.78
C HIS B 270 19.10 -12.24 9.63
N VAL B 271 19.66 -13.25 9.01
CA VAL B 271 18.88 -14.50 8.75
C VAL B 271 19.25 -15.53 9.76
N THR B 272 18.26 -16.21 10.38
CA THR B 272 18.56 -17.32 11.23
C THR B 272 17.95 -18.54 10.55
N PHE B 273 18.75 -19.62 10.42
CA PHE B 273 18.29 -20.83 9.80
C PHE B 273 17.75 -21.80 10.84
N GLU B 274 16.91 -22.74 10.42
CA GLU B 274 16.35 -23.74 11.32
C GLU B 274 17.44 -24.48 12.14
N SER B 275 18.61 -24.70 11.53
CA SER B 275 19.73 -25.37 12.17
C SER B 275 20.28 -24.56 13.32
N GLY B 276 19.94 -23.27 13.32
CA GLY B 276 20.59 -22.34 14.27
C GLY B 276 21.76 -21.54 13.72
N LYS B 277 22.27 -21.83 12.51
CA LYS B 277 23.28 -20.97 11.88
C LYS B 277 22.68 -19.59 11.56
N THR B 278 23.51 -18.53 11.49
CA THR B 278 23.02 -17.21 11.11
C THR B 278 23.84 -16.69 9.88
N LEU B 279 23.28 -15.72 9.16
CA LEU B 279 24.01 -15.09 8.07
C LEU B 279 23.43 -13.71 7.88
N ASP B 280 24.31 -12.71 7.78
CA ASP B 280 23.89 -11.32 7.44
C ASP B 280 23.99 -11.05 5.94
N VAL B 281 22.96 -10.46 5.31
CA VAL B 281 23.01 -10.22 3.87
C VAL B 281 22.31 -8.90 3.57
N ASP B 282 22.55 -8.34 2.40
CA ASP B 282 21.80 -7.14 2.03
C ASP B 282 20.37 -7.46 1.62
N VAL B 283 20.17 -8.64 1.00
CA VAL B 283 18.90 -8.98 0.40
C VAL B 283 18.70 -10.47 0.58
N VAL B 284 17.47 -10.84 0.92
CA VAL B 284 17.08 -12.23 0.99
C VAL B 284 15.99 -12.41 -0.08
N MET B 285 16.25 -13.24 -1.08
CA MET B 285 15.26 -13.42 -2.17
C MET B 285 14.68 -14.84 -2.07
N MET B 286 13.39 -14.90 -1.79
CA MET B 286 12.69 -16.20 -1.65
C MET B 286 12.31 -16.66 -2.99
N ALA B 287 12.72 -17.86 -3.38
CA ALA B 287 12.32 -18.41 -4.65
C ALA B 287 11.92 -19.85 -4.38
N ILE B 288 10.87 -20.02 -3.63
CA ILE B 288 10.43 -21.34 -3.18
C ILE B 288 9.16 -21.91 -3.89
N GLY B 289 8.85 -21.41 -5.09
CA GLY B 289 7.69 -21.85 -5.80
C GLY B 289 6.80 -20.69 -6.23
N ARG B 290 5.92 -20.97 -7.16
CA ARG B 290 4.95 -20.01 -7.61
C ARG B 290 3.60 -20.70 -7.52
N ILE B 291 2.63 -19.98 -6.95
CA ILE B 291 1.31 -20.58 -6.75
C ILE B 291 0.25 -19.87 -7.65
N PRO B 292 -0.81 -20.60 -8.04
CA PRO B 292 -1.86 -20.05 -8.93
C PRO B 292 -2.56 -18.80 -8.37
N ARG B 293 -2.73 -17.77 -9.20
CA ARG B 293 -3.44 -16.59 -8.77
C ARG B 293 -4.98 -16.76 -8.92
N THR B 294 -5.60 -17.25 -7.87
CA THR B 294 -7.02 -17.59 -7.94
C THR B 294 -7.81 -16.68 -7.06
N ASN B 295 -7.19 -16.18 -6.02
CA ASN B 295 -7.94 -15.52 -4.98
C ASN B 295 -8.75 -14.29 -5.41
N ASP B 296 -8.27 -13.52 -6.39
CA ASP B 296 -8.94 -12.28 -6.78
C ASP B 296 -10.02 -12.51 -7.80
N LEU B 297 -10.22 -13.73 -8.23
CA LEU B 297 -11.22 -14.00 -9.27
C LEU B 297 -12.69 -14.19 -8.79
N GLN B 298 -12.88 -14.26 -7.47
CA GLN B 298 -14.20 -14.48 -6.85
C GLN B 298 -14.86 -15.72 -7.44
N LEU B 299 -14.09 -16.81 -7.46
CA LEU B 299 -14.50 -18.05 -8.08
C LEU B 299 -15.64 -18.70 -7.36
N GLY B 300 -15.80 -18.35 -6.10
CA GLY B 300 -16.87 -18.89 -5.28
C GLY B 300 -18.22 -18.31 -5.69
N ASN B 301 -18.23 -17.13 -6.33
CA ASN B 301 -19.45 -16.61 -6.94
C ASN B 301 -20.11 -17.61 -7.86
N VAL B 302 -19.31 -18.32 -8.66
CA VAL B 302 -19.89 -19.20 -9.65
C VAL B 302 -19.57 -20.68 -9.43
N GLY B 303 -18.90 -21.02 -8.32
CA GLY B 303 -18.60 -22.44 -8.02
C GLY B 303 -17.52 -23.16 -8.85
N VAL B 304 -16.66 -22.40 -9.55
CA VAL B 304 -15.48 -23.05 -10.21
C VAL B 304 -14.57 -23.82 -9.21
N LYS B 305 -14.43 -25.12 -9.43
CA LYS B 305 -13.75 -26.01 -8.50
C LYS B 305 -12.19 -25.90 -8.55
N LEU B 306 -11.51 -26.04 -7.39
CA LEU B 306 -10.03 -26.04 -7.29
C LEU B 306 -9.50 -27.42 -6.94
N THR B 307 -8.23 -27.71 -7.31
CA THR B 307 -7.54 -28.90 -6.78
C THR B 307 -7.16 -28.71 -5.31
N PRO B 308 -6.91 -29.81 -4.56
CA PRO B 308 -6.25 -29.69 -3.26
C PRO B 308 -5.06 -28.72 -3.31
N LYS B 309 -4.15 -28.94 -4.27
CA LYS B 309 -2.89 -28.21 -4.39
C LYS B 309 -3.14 -26.73 -4.63
N GLY B 310 -4.23 -26.39 -5.32
CA GLY B 310 -4.62 -24.98 -5.44
C GLY B 310 -4.90 -24.46 -6.83
N GLY B 311 -4.65 -25.25 -7.87
CA GLY B 311 -4.94 -24.79 -9.21
C GLY B 311 -6.45 -24.87 -9.54
N VAL B 312 -6.92 -24.11 -10.53
CA VAL B 312 -8.26 -24.33 -11.08
C VAL B 312 -8.22 -25.70 -11.73
N GLN B 313 -9.06 -26.65 -11.28
CA GLN B 313 -9.08 -27.99 -11.83
C GLN B 313 -9.54 -27.91 -13.27
N VAL B 314 -8.89 -28.69 -14.14
CA VAL B 314 -9.33 -28.80 -15.54
C VAL B 314 -9.27 -30.20 -16.07
N ASP B 315 -10.02 -30.48 -17.13
CA ASP B 315 -9.84 -31.72 -17.89
C ASP B 315 -8.77 -31.53 -18.98
N GLU B 316 -8.46 -32.61 -19.69
CA GLU B 316 -7.42 -32.62 -20.75
C GLU B 316 -7.69 -31.56 -21.83
N PHE B 317 -8.92 -31.02 -21.87
CA PHE B 317 -9.27 -29.95 -22.82
C PHE B 317 -9.35 -28.57 -22.19
N SER B 318 -8.91 -28.46 -20.93
CA SER B 318 -8.86 -27.14 -20.24
C SER B 318 -10.22 -26.62 -19.77
N ARG B 319 -11.17 -27.52 -19.56
CA ARG B 319 -12.52 -27.08 -19.22
C ARG B 319 -12.72 -27.21 -17.75
N THR B 320 -13.29 -26.19 -17.11
CA THR B 320 -13.69 -26.30 -15.69
C THR B 320 -14.93 -27.23 -15.49
N ASN B 321 -15.39 -27.38 -14.24
CA ASN B 321 -16.63 -28.14 -13.96
C ASN B 321 -17.87 -27.30 -14.34
N VAL B 322 -17.65 -26.00 -14.54
CA VAL B 322 -18.64 -25.03 -15.01
C VAL B 322 -18.62 -24.82 -16.52
N PRO B 323 -19.69 -25.26 -17.25
CA PRO B 323 -19.65 -25.15 -18.73
C PRO B 323 -19.43 -23.67 -19.21
N ASN B 324 -18.70 -23.51 -20.33
CA ASN B 324 -18.29 -22.22 -20.93
C ASN B 324 -17.18 -21.40 -20.16
N ILE B 325 -16.67 -21.97 -19.06
CA ILE B 325 -15.53 -21.38 -18.30
C ILE B 325 -14.28 -22.27 -18.40
N TYR B 326 -13.20 -21.69 -18.91
CA TYR B 326 -11.95 -22.42 -19.08
C TYR B 326 -10.73 -21.77 -18.34
N ALA B 327 -9.71 -22.59 -18.14
CA ALA B 327 -8.48 -22.17 -17.48
C ALA B 327 -7.28 -22.82 -18.19
N ILE B 328 -6.22 -22.08 -18.38
CA ILE B 328 -5.01 -22.55 -19.02
C ILE B 328 -3.82 -21.78 -18.39
N GLY B 329 -2.59 -22.26 -18.59
CA GLY B 329 -1.35 -21.56 -18.14
C GLY B 329 -1.09 -21.86 -16.63
N ASP B 330 -0.36 -20.99 -15.94
CA ASP B 330 0.09 -21.35 -14.60
C ASP B 330 -1.07 -21.56 -13.63
N ILE B 331 -2.20 -20.88 -13.88
CA ILE B 331 -3.36 -21.04 -13.03
C ILE B 331 -3.80 -22.49 -12.83
N THR B 332 -3.43 -23.38 -13.75
CA THR B 332 -3.87 -24.77 -13.69
C THR B 332 -2.84 -25.66 -12.98
N ASP B 333 -1.71 -25.08 -12.65
CA ASP B 333 -0.67 -25.79 -11.88
C ASP B 333 -0.21 -27.10 -12.53
N ARG B 334 -0.17 -27.18 -13.87
CA ARG B 334 0.51 -28.34 -14.45
C ARG B 334 2.00 -27.96 -14.70
N LEU B 335 2.38 -27.82 -15.97
CA LEU B 335 3.71 -27.31 -16.31
C LEU B 335 3.72 -25.78 -16.42
N MET B 336 4.47 -25.08 -15.58
CA MET B 336 4.58 -23.61 -15.64
C MET B 336 5.70 -23.07 -16.57
N LEU B 337 5.36 -22.99 -17.85
CA LEU B 337 6.30 -22.59 -18.88
C LEU B 337 5.46 -21.82 -19.87
N THR B 338 6.01 -20.70 -20.31
CA THR B 338 5.38 -19.89 -21.32
C THR B 338 4.89 -20.70 -22.55
N PRO B 339 5.76 -21.52 -23.17
CA PRO B 339 5.28 -22.21 -24.39
C PRO B 339 4.21 -23.27 -24.11
N VAL B 340 4.13 -23.71 -22.86
CA VAL B 340 3.04 -24.59 -22.54
C VAL B 340 1.74 -23.75 -22.44
N ALA B 341 1.78 -22.63 -21.74
CA ALA B 341 0.63 -21.68 -21.71
C ALA B 341 0.11 -21.28 -23.14
N ILE B 342 1.04 -20.97 -24.05
CA ILE B 342 0.72 -20.66 -25.47
C ILE B 342 -0.02 -21.81 -26.17
N ASN B 343 0.54 -23.01 -26.12
CA ASN B 343 -0.04 -24.22 -26.75
C ASN B 343 -1.43 -24.52 -26.18
N GLU B 344 -1.60 -24.46 -24.84
CA GLU B 344 -2.94 -24.56 -24.20
C GLU B 344 -3.94 -23.50 -24.68
N GLY B 345 -3.46 -22.28 -24.86
CA GLY B 345 -4.33 -21.25 -25.36
C GLY B 345 -4.82 -21.64 -26.72
N ALA B 346 -3.91 -22.13 -27.57
CA ALA B 346 -4.17 -22.40 -28.96
C ALA B 346 -5.11 -23.56 -29.12
N ALA B 347 -4.82 -24.68 -28.44
CA ALA B 347 -5.67 -25.88 -28.43
C ALA B 347 -7.08 -25.56 -27.96
N LEU B 348 -7.17 -24.68 -26.96
CA LEU B 348 -8.46 -24.31 -26.37
C LEU B 348 -9.38 -23.64 -27.41
N VAL B 349 -8.91 -22.57 -28.04
CA VAL B 349 -9.66 -21.86 -29.06
C VAL B 349 -10.08 -22.79 -30.25
N ASP B 350 -9.13 -23.53 -30.80
CA ASP B 350 -9.41 -24.48 -31.86
C ASP B 350 -10.57 -25.42 -31.51
N THR B 351 -10.59 -25.92 -30.28
CA THR B 351 -11.61 -26.85 -29.81
C THR B 351 -13.00 -26.21 -29.85
N VAL B 352 -13.06 -24.98 -29.34
CA VAL B 352 -14.27 -24.34 -28.96
C VAL B 352 -14.87 -23.56 -30.14
N PHE B 353 -14.04 -22.78 -30.82
CA PHE B 353 -14.51 -21.97 -31.92
C PHE B 353 -14.24 -22.51 -33.32
N GLY B 354 -13.81 -23.76 -33.41
CA GLY B 354 -13.23 -24.22 -34.66
C GLY B 354 -13.48 -25.66 -34.92
N ASN B 355 -14.35 -26.24 -34.11
CA ASN B 355 -14.70 -27.66 -34.18
C ASN B 355 -13.54 -28.69 -34.29
N LYS B 356 -12.37 -28.41 -33.70
CA LYS B 356 -11.22 -29.32 -33.81
C LYS B 356 -11.45 -30.75 -33.32
N PRO B 357 -11.60 -30.99 -31.99
CA PRO B 357 -10.99 -30.30 -30.87
C PRO B 357 -9.49 -30.74 -30.81
N ARG B 358 -8.77 -30.31 -29.76
CA ARG B 358 -7.30 -30.52 -29.63
C ARG B 358 -6.86 -30.38 -28.18
N LYS B 359 -6.03 -31.32 -27.72
CA LYS B 359 -5.46 -31.22 -26.38
C LYS B 359 -3.95 -31.01 -26.38
N THR B 360 -3.44 -30.24 -25.41
CA THR B 360 -2.01 -30.05 -25.25
C THR B 360 -1.37 -31.38 -24.78
N ASP B 361 -0.25 -31.75 -25.38
CA ASP B 361 0.52 -32.90 -24.92
C ASP B 361 1.53 -32.39 -23.88
N HIS B 362 1.33 -32.76 -22.62
CA HIS B 362 2.21 -32.33 -21.50
C HIS B 362 3.43 -33.26 -21.28
N THR B 363 3.59 -34.28 -22.13
CA THR B 363 4.72 -35.16 -22.04
C THR B 363 5.78 -34.71 -23.06
N ARG B 364 7.02 -35.09 -22.78
CA ARG B 364 8.16 -34.82 -23.70
C ARG B 364 8.30 -33.30 -24.07
N VAL B 365 8.02 -32.41 -23.11
CA VAL B 365 8.13 -30.95 -23.37
C VAL B 365 9.60 -30.57 -23.13
N ALA B 366 10.23 -29.91 -24.09
CA ALA B 366 11.60 -29.50 -23.95
C ALA B 366 11.60 -28.24 -23.10
N SER B 367 12.59 -28.09 -22.25
CA SER B 367 12.72 -26.86 -21.44
C SER B 367 14.19 -26.64 -21.03
N ALA B 368 14.49 -25.48 -20.43
CA ALA B 368 15.87 -25.04 -20.18
C ALA B 368 15.90 -24.43 -18.78
N VAL B 369 17.03 -24.61 -18.06
CA VAL B 369 17.38 -23.69 -16.93
C VAL B 369 18.47 -22.72 -17.48
N PHE B 370 18.22 -21.41 -17.49
CA PHE B 370 19.29 -20.46 -17.87
C PHE B 370 20.22 -20.14 -16.69
N SER B 371 20.72 -21.20 -16.09
CA SER B 371 21.81 -21.10 -15.20
C SER B 371 23.15 -20.91 -15.98
N ILE B 372 24.21 -20.54 -15.24
CA ILE B 372 25.55 -20.44 -15.79
C ILE B 372 26.39 -21.51 -15.08
N PRO B 373 26.60 -22.65 -15.74
CA PRO B 373 26.24 -23.09 -17.12
C PRO B 373 24.76 -23.55 -17.25
N PRO B 374 24.19 -23.50 -18.47
CA PRO B 374 22.76 -23.78 -18.60
C PRO B 374 22.42 -25.24 -18.75
N ILE B 375 21.14 -25.57 -18.54
CA ILE B 375 20.63 -26.92 -18.70
C ILE B 375 19.62 -26.99 -19.89
N GLY B 376 19.60 -28.12 -20.59
CA GLY B 376 18.53 -28.36 -21.59
C GLY B 376 18.00 -29.77 -21.38
N THR B 377 16.69 -29.96 -21.34
CA THR B 377 16.20 -31.27 -21.07
C THR B 377 14.86 -31.45 -21.75
N CYS B 378 14.62 -32.68 -22.13
CA CYS B 378 13.37 -33.11 -22.73
C CYS B 378 13.10 -34.57 -22.35
N GLY B 379 11.99 -34.84 -21.68
CA GLY B 379 11.62 -36.26 -21.41
C GLY B 379 12.00 -36.71 -20.03
N LEU B 380 12.15 -38.02 -19.85
CA LEU B 380 12.21 -38.59 -18.51
C LEU B 380 13.60 -38.74 -17.96
N ILE B 381 13.75 -38.46 -16.68
CA ILE B 381 14.99 -38.78 -15.99
C ILE B 381 15.05 -40.27 -15.68
N GLU B 382 16.26 -40.83 -15.56
CA GLU B 382 16.41 -42.28 -15.40
C GLU B 382 15.56 -42.91 -14.28
N GLU B 383 15.42 -42.24 -13.12
CA GLU B 383 14.69 -42.85 -11.99
C GLU B 383 13.20 -43.00 -12.21
N VAL B 384 12.61 -42.06 -12.95
CA VAL B 384 11.21 -42.11 -13.32
C VAL B 384 10.98 -43.13 -14.44
N ALA B 385 11.89 -43.23 -15.43
CA ALA B 385 11.80 -44.25 -16.47
C ALA B 385 11.93 -45.63 -15.86
N ALA B 386 12.76 -45.78 -14.83
CA ALA B 386 12.98 -47.10 -14.25
C ALA B 386 11.73 -47.62 -13.53
N LYS B 387 10.79 -46.73 -13.19
CA LYS B 387 9.58 -47.14 -12.49
C LYS B 387 8.51 -47.57 -13.48
N GLU B 388 8.65 -47.03 -14.70
CA GLU B 388 7.72 -47.26 -15.79
C GLU B 388 8.16 -48.44 -16.68
N PHE B 389 9.47 -48.69 -16.81
CA PHE B 389 9.97 -49.67 -17.80
C PHE B 389 10.88 -50.69 -17.15
N GLU B 390 10.80 -51.94 -17.62
CA GLU B 390 11.52 -53.06 -17.00
C GLU B 390 13.02 -52.95 -17.16
N LYS B 391 13.41 -52.60 -18.37
CA LYS B 391 14.82 -52.45 -18.75
C LYS B 391 15.07 -51.03 -19.34
N VAL B 392 15.92 -50.26 -18.69
CA VAL B 392 16.19 -48.85 -19.04
C VAL B 392 17.67 -48.73 -19.19
N ALA B 393 18.15 -48.26 -20.35
CA ALA B 393 19.58 -48.02 -20.58
C ALA B 393 19.96 -46.51 -20.44
N VAL B 394 21.14 -46.24 -19.89
CA VAL B 394 21.61 -44.84 -19.74
C VAL B 394 22.90 -44.63 -20.55
N TYR B 395 22.90 -43.71 -21.51
CA TYR B 395 24.14 -43.40 -22.23
C TYR B 395 24.57 -42.11 -21.64
N MET B 396 25.87 -41.97 -21.44
CA MET B 396 26.39 -40.80 -20.73
C MET B 396 27.73 -40.42 -21.21
N SER B 397 27.85 -39.14 -21.46
CA SER B 397 29.12 -38.53 -21.81
C SER B 397 29.30 -37.19 -21.06
N SER B 398 30.55 -36.96 -20.67
CA SER B 398 30.97 -35.87 -19.79
C SER B 398 32.36 -35.52 -20.33
N PHE B 399 32.54 -34.31 -20.85
CA PHE B 399 33.79 -33.96 -21.53
C PHE B 399 34.07 -32.47 -21.27
N THR B 400 35.32 -32.07 -21.06
CA THR B 400 35.66 -30.66 -21.04
C THR B 400 35.89 -30.29 -22.50
N PRO B 401 35.00 -29.47 -23.09
CA PRO B 401 34.99 -28.99 -24.45
C PRO B 401 36.27 -28.29 -24.86
N LEU B 402 36.79 -28.33 -26.08
N LEU B 402 36.24 -28.21 -26.22
CA LEU B 402 38.24 -27.93 -26.17
CA LEU B 402 37.07 -27.59 -27.23
C LEU B 402 38.55 -26.45 -25.78
C LEU B 402 36.83 -26.14 -27.08
N MET B 403 37.66 -25.57 -26.21
CA MET B 403 37.69 -24.16 -25.97
C MET B 403 38.01 -23.94 -24.50
N HIS B 404 37.53 -24.83 -23.63
CA HIS B 404 37.71 -24.65 -22.19
C HIS B 404 38.93 -25.27 -21.62
N ASN B 405 39.63 -26.12 -22.37
CA ASN B 405 41.05 -26.31 -22.03
C ASN B 405 41.79 -24.95 -22.19
N ILE B 406 41.64 -24.33 -23.35
CA ILE B 406 42.30 -23.06 -23.57
C ILE B 406 41.79 -21.82 -22.79
N SER B 407 40.47 -21.69 -22.58
CA SER B 407 39.93 -20.49 -21.89
C SER B 407 40.32 -20.32 -20.42
N GLY B 408 40.73 -21.41 -19.80
CA GLY B 408 41.17 -21.47 -18.42
C GLY B 408 40.00 -21.88 -17.52
N SER B 409 38.80 -22.02 -18.11
CA SER B 409 37.65 -22.43 -17.30
C SER B 409 37.53 -23.96 -17.31
N LYS B 410 38.52 -24.68 -16.74
CA LYS B 410 38.64 -26.15 -16.85
C LYS B 410 37.51 -26.92 -16.19
N TYR B 411 36.86 -26.29 -15.22
CA TYR B 411 35.75 -26.87 -14.55
C TYR B 411 34.48 -27.02 -15.44
N LYS B 412 34.48 -26.42 -16.64
CA LYS B 412 33.29 -26.45 -17.50
C LYS B 412 33.12 -27.72 -18.33
N LYS B 413 32.77 -28.83 -17.71
CA LYS B 413 32.40 -30.02 -18.45
C LYS B 413 30.98 -29.84 -19.07
N PHE B 414 30.84 -30.31 -20.32
CA PHE B 414 29.56 -30.52 -20.94
C PHE B 414 29.03 -31.94 -20.54
N VAL B 415 27.80 -32.04 -20.09
CA VAL B 415 27.19 -33.34 -19.85
C VAL B 415 26.06 -33.67 -20.87
N ALA B 416 26.11 -34.86 -21.45
CA ALA B 416 25.04 -35.35 -22.39
C ALA B 416 24.61 -36.74 -21.92
N LYS B 417 23.31 -36.88 -21.70
CA LYS B 417 22.74 -38.09 -21.19
C LYS B 417 21.52 -38.43 -21.98
N ILE B 418 21.47 -39.68 -22.47
CA ILE B 418 20.29 -40.20 -23.14
C ILE B 418 19.70 -41.39 -22.36
N VAL B 419 18.40 -41.35 -22.09
CA VAL B 419 17.77 -42.43 -21.32
C VAL B 419 16.85 -43.24 -22.30
N THR B 420 16.99 -44.56 -22.33
CA THR B 420 16.21 -45.31 -23.30
C THR B 420 15.47 -46.47 -22.67
N ASN B 421 14.38 -46.84 -23.32
CA ASN B 421 13.80 -48.14 -23.10
C ASN B 421 14.72 -49.19 -23.74
N HIS B 422 15.51 -49.92 -22.96
CA HIS B 422 16.48 -50.83 -23.57
C HIS B 422 15.83 -51.98 -24.37
N SER B 423 14.58 -52.34 -24.02
CA SER B 423 13.78 -53.32 -24.81
C SER B 423 13.68 -53.10 -26.30
N ASP B 424 13.55 -51.85 -26.73
CA ASP B 424 13.42 -51.52 -28.15
C ASP B 424 14.30 -50.27 -28.57
N GLY B 425 15.14 -49.78 -27.66
CA GLY B 425 15.93 -48.57 -27.91
C GLY B 425 15.27 -47.19 -27.95
N THR B 426 13.96 -47.10 -27.67
CA THR B 426 13.26 -45.84 -27.67
C THR B 426 13.90 -44.86 -26.68
N VAL B 427 14.15 -43.66 -27.17
CA VAL B 427 14.68 -42.56 -26.37
C VAL B 427 13.53 -41.95 -25.60
N LEU B 428 13.66 -42.01 -24.28
CA LEU B 428 12.63 -41.64 -23.33
C LEU B 428 12.97 -40.27 -22.76
N GLY B 429 14.26 -39.93 -22.78
CA GLY B 429 14.73 -38.63 -22.29
C GLY B 429 16.17 -38.26 -22.66
N VAL B 430 16.39 -36.96 -22.80
CA VAL B 430 17.73 -36.40 -23.11
C VAL B 430 17.98 -35.23 -22.20
N HIS B 431 19.14 -35.24 -21.55
CA HIS B 431 19.49 -34.24 -20.54
C HIS B 431 20.87 -33.67 -20.77
N LEU B 432 20.94 -32.33 -20.82
CA LEU B 432 22.16 -31.66 -21.23
C LEU B 432 22.54 -30.57 -20.24
N LEU B 433 23.82 -30.41 -20.07
CA LEU B 433 24.38 -29.35 -19.26
C LEU B 433 25.61 -28.75 -19.98
N GLY B 434 25.62 -27.45 -20.19
CA GLY B 434 26.73 -26.74 -20.82
C GLY B 434 26.22 -25.71 -21.84
N ASP B 435 27.10 -24.80 -22.26
CA ASP B 435 26.61 -23.72 -23.13
C ASP B 435 26.04 -24.31 -24.40
N GLY B 436 24.99 -23.70 -24.89
CA GLY B 436 24.28 -24.23 -26.02
C GLY B 436 23.18 -25.26 -25.68
N ALA B 437 23.18 -25.82 -24.47
CA ALA B 437 22.10 -26.78 -24.10
C ALA B 437 20.62 -26.40 -24.42
N PRO B 438 20.14 -25.17 -24.04
CA PRO B 438 18.79 -24.75 -24.44
C PRO B 438 18.58 -24.77 -25.94
N GLU B 439 19.57 -24.43 -26.76
CA GLU B 439 19.44 -24.42 -28.23
C GLU B 439 19.47 -25.85 -28.79
N ILE B 440 20.36 -26.69 -28.25
CA ILE B 440 20.52 -28.04 -28.76
C ILE B 440 19.23 -28.89 -28.52
N ILE B 441 18.59 -28.68 -27.36
CA ILE B 441 17.53 -29.49 -26.94
C ILE B 441 16.25 -29.31 -27.74
N GLN B 442 16.08 -28.13 -28.36
CA GLN B 442 14.85 -27.87 -29.08
C GLN B 442 14.51 -28.89 -30.11
N ALA B 443 15.42 -29.24 -31.03
CA ALA B 443 15.10 -30.17 -32.10
C ALA B 443 15.05 -31.59 -31.57
N VAL B 444 15.68 -31.79 -30.42
CA VAL B 444 15.61 -33.07 -29.75
C VAL B 444 14.14 -33.25 -29.30
N GLY B 445 13.47 -32.16 -28.87
CA GLY B 445 12.04 -32.25 -28.59
C GLY B 445 11.23 -32.77 -29.82
N VAL B 446 11.69 -32.45 -31.03
CA VAL B 446 11.06 -32.97 -32.27
C VAL B 446 11.43 -34.44 -32.47
N CYS B 447 12.72 -34.79 -32.22
CA CYS B 447 13.14 -36.19 -32.28
C CYS B 447 12.20 -37.10 -31.52
N LEU B 448 11.94 -36.76 -30.26
CA LEU B 448 11.08 -37.53 -29.39
C LEU B 448 9.65 -37.66 -29.92
N ARG B 449 9.23 -36.74 -30.80
CA ARG B 449 7.91 -36.84 -31.43
C ARG B 449 7.89 -37.79 -32.62
N LEU B 450 9.05 -38.25 -33.06
CA LEU B 450 9.07 -39.23 -34.12
C LEU B 450 9.52 -40.56 -33.59
N ASN B 451 9.35 -40.80 -32.30
CA ASN B 451 9.77 -42.09 -31.71
C ASN B 451 11.21 -42.54 -32.08
N ALA B 452 12.13 -41.54 -32.03
CA ALA B 452 13.54 -41.77 -32.17
C ALA B 452 14.12 -42.86 -31.19
N LYS B 453 14.96 -43.72 -31.76
CA LYS B 453 15.73 -44.70 -31.01
C LYS B 453 17.18 -44.23 -30.88
N ILE B 454 17.94 -44.87 -29.99
CA ILE B 454 19.30 -44.47 -29.74
C ILE B 454 20.07 -44.65 -31.08
N SER B 455 19.76 -45.73 -31.81
CA SER B 455 20.37 -45.99 -33.15
C SER B 455 20.02 -44.87 -34.14
N ASP B 456 18.92 -44.13 -33.96
CA ASP B 456 18.65 -43.07 -34.93
C ASP B 456 19.60 -41.89 -34.68
N PHE B 457 19.96 -41.70 -33.41
CA PHE B 457 20.94 -40.67 -33.02
C PHE B 457 22.33 -40.99 -33.53
N TYR B 458 22.80 -42.19 -33.20
CA TYR B 458 24.16 -42.60 -33.55
C TYR B 458 24.39 -42.91 -35.03
N ASN B 459 23.33 -43.25 -35.78
CA ASN B 459 23.47 -43.37 -37.26
C ASN B 459 23.36 -42.02 -37.99
N THR B 460 22.99 -40.96 -37.28
CA THR B 460 22.99 -39.65 -37.90
C THR B 460 24.43 -39.08 -37.92
N ILE B 461 24.82 -38.50 -39.03
CA ILE B 461 26.19 -38.01 -39.17
C ILE B 461 26.42 -36.77 -38.30
N GLY B 462 27.53 -36.80 -37.53
CA GLY B 462 27.94 -35.64 -36.70
C GLY B 462 28.13 -34.30 -37.41
N VAL B 463 27.89 -33.21 -36.69
CA VAL B 463 28.35 -31.87 -37.10
C VAL B 463 29.57 -31.51 -36.25
N HIS B 464 30.70 -31.18 -36.90
CA HIS B 464 31.99 -31.15 -36.14
C HIS B 464 32.74 -29.85 -36.45
N PRO B 465 33.37 -29.21 -35.45
CA PRO B 465 33.24 -29.57 -34.02
C PRO B 465 32.11 -28.82 -33.32
N THR B 466 31.23 -29.55 -32.65
CA THR B 466 30.16 -28.96 -31.79
C THR B 466 30.13 -29.81 -30.49
N SER B 467 29.46 -29.30 -29.48
CA SER B 467 29.11 -30.08 -28.34
C SER B 467 27.98 -31.07 -28.71
N ALA B 468 27.05 -30.61 -29.56
CA ALA B 468 25.79 -31.40 -29.89
C ALA B 468 26.07 -32.74 -30.50
N GLU B 469 27.14 -32.85 -31.30
CA GLU B 469 27.51 -34.10 -31.93
C GLU B 469 27.77 -35.23 -30.93
N GLU B 470 28.10 -34.89 -29.68
CA GLU B 470 28.20 -35.96 -28.70
C GLU B 470 26.94 -36.79 -28.66
N LEU B 471 25.78 -36.16 -28.91
CA LEU B 471 24.48 -36.91 -28.89
C LEU B 471 24.41 -38.01 -29.94
N CYS B 472 25.24 -37.88 -30.95
CA CYS B 472 25.24 -38.76 -32.10
C CYS B 472 26.47 -39.64 -32.09
N SER B 473 27.13 -39.71 -30.93
CA SER B 473 28.33 -40.49 -30.83
C SER B 473 28.29 -41.53 -29.75
N MET B 474 27.14 -41.78 -29.17
CA MET B 474 27.05 -42.65 -28.03
C MET B 474 26.34 -43.94 -28.47
N ARG B 475 27.03 -45.08 -28.37
CA ARG B 475 26.43 -46.35 -28.86
C ARG B 475 26.33 -47.41 -27.79
N THR B 476 27.08 -47.22 -26.71
CA THR B 476 27.21 -48.18 -25.66
C THR B 476 26.70 -47.60 -24.33
N PRO B 477 25.70 -48.25 -23.73
CA PRO B 477 25.19 -47.81 -22.41
C PRO B 477 26.29 -47.77 -21.32
N SER B 478 26.21 -46.84 -20.39
CA SER B 478 27.13 -46.81 -19.28
C SER B 478 26.61 -47.70 -18.17
N TYR B 479 25.30 -47.76 -18.03
CA TYR B 479 24.65 -48.63 -17.07
C TYR B 479 23.18 -48.79 -17.42
N TYR B 480 22.45 -49.50 -16.56
CA TYR B 480 21.08 -49.94 -16.83
C TYR B 480 20.27 -49.82 -15.55
N TYR B 481 18.95 -49.80 -15.68
CA TYR B 481 18.09 -50.12 -14.56
C TYR B 481 17.25 -51.31 -15.01
N VAL B 482 17.30 -52.37 -14.18
CA VAL B 482 16.46 -53.55 -14.35
C VAL B 482 15.44 -53.71 -13.20
N LYS B 483 14.16 -53.69 -13.54
CA LYS B 483 13.12 -53.74 -12.52
C LYS B 483 13.38 -52.68 -11.44
N GLY B 484 13.96 -51.55 -11.85
CA GLY B 484 14.10 -50.42 -10.99
C GLY B 484 15.45 -50.43 -10.32
N GLU B 485 16.26 -51.45 -10.57
CA GLU B 485 17.55 -51.55 -9.92
C GLU B 485 18.72 -51.08 -10.83
N LYS B 486 19.47 -50.07 -10.37
CA LYS B 486 20.67 -49.55 -11.04
C LYS B 486 21.81 -50.58 -11.06
N MET B 487 22.34 -50.92 -12.23
CA MET B 487 23.42 -51.92 -12.32
C MET B 487 24.35 -51.70 -13.53
N GLU B 488 25.63 -51.99 -13.33
CA GLU B 488 26.67 -51.74 -14.32
C GLU B 488 26.36 -52.41 -15.64
N LYS B 489 26.04 -53.70 -15.60
CA LYS B 489 25.92 -54.51 -16.82
C LYS B 489 24.65 -55.38 -16.83
N LEU B 490 24.16 -55.73 -18.03
CA LEU B 490 22.93 -56.52 -18.15
C LEU B 490 23.12 -57.87 -17.48
N PRO B 491 22.02 -58.49 -16.97
CA PRO B 491 22.06 -59.92 -16.62
C PRO B 491 21.27 -60.80 -17.64
N ASP B 492 21.97 -61.21 -18.70
CA ASP B 492 21.39 -61.94 -19.83
C ASP B 492 22.22 -63.16 -20.20
N SER C 2 25.41 -5.98 10.55
CA SER C 2 26.24 -6.20 11.82
C SER C 2 25.44 -6.22 13.17
N HIS C 3 24.44 -5.35 13.41
CA HIS C 3 23.56 -5.51 14.65
C HIS C 3 22.05 -5.13 14.51
N MET C 4 21.21 -5.75 15.34
CA MET C 4 19.72 -5.70 15.23
C MET C 4 19.13 -4.30 15.42
N SER C 5 18.15 -3.90 14.58
CA SER C 5 17.37 -2.68 14.85
C SER C 5 16.44 -2.90 16.02
N LYS C 6 16.13 -1.87 16.77
CA LYS C 6 14.96 -1.91 17.67
C LYS C 6 13.66 -2.30 16.89
N ALA C 7 12.87 -3.25 17.41
CA ALA C 7 11.72 -3.82 16.67
C ALA C 7 10.41 -3.62 17.48
N PHE C 8 9.31 -3.22 16.81
CA PHE C 8 8.00 -2.88 17.45
C PHE C 8 6.84 -3.60 16.75
N ASP C 9 5.79 -3.94 17.49
CA ASP C 9 4.53 -4.33 16.89
C ASP C 9 3.97 -3.12 16.10
N LEU C 10 4.16 -1.89 16.61
CA LEU C 10 3.56 -0.69 16.03
C LEU C 10 4.55 0.48 16.06
N VAL C 11 4.74 1.16 14.96
CA VAL C 11 5.50 2.44 15.03
C VAL C 11 4.51 3.50 14.60
N VAL C 12 4.31 4.50 15.48
CA VAL C 12 3.40 5.61 15.21
C VAL C 12 4.24 6.84 14.85
N ILE C 13 3.92 7.48 13.73
CA ILE C 13 4.68 8.67 13.40
C ILE C 13 3.74 9.85 13.69
N GLY C 14 4.11 10.62 14.71
CA GLY C 14 3.27 11.76 15.21
C GLY C 14 2.78 11.41 16.61
N ALA C 15 3.27 12.15 17.60
CA ALA C 15 2.87 11.98 18.98
C ALA C 15 1.75 12.95 19.42
N GLY C 16 0.71 13.11 18.57
CA GLY C 16 -0.39 14.01 18.82
C GLY C 16 -1.65 13.27 19.31
N SER C 17 -2.78 13.93 19.17
CA SER C 17 -4.03 13.40 19.70
C SER C 17 -4.30 11.97 19.24
N GLY C 18 -4.27 11.70 17.95
CA GLY C 18 -4.57 10.38 17.52
C GLY C 18 -3.47 9.37 17.82
N GLY C 19 -2.23 9.77 17.54
CA GLY C 19 -1.15 8.84 17.68
C GLY C 19 -0.88 8.41 19.11
N LEU C 20 -1.03 9.35 20.04
CA LEU C 20 -0.86 8.98 21.45
C LEU C 20 -1.97 8.03 21.94
N GLU C 21 -3.22 8.32 21.56
CA GLU C 21 -4.35 7.42 21.95
C GLU C 21 -4.08 6.03 21.42
N ALA C 22 -3.65 5.97 20.16
CA ALA C 22 -3.37 4.65 19.55
C ALA C 22 -2.22 3.94 20.29
N GLY C 23 -1.14 4.68 20.52
CA GLY C 23 0.09 4.13 21.12
C GLY C 23 -0.17 3.68 22.54
N TRP C 24 -0.75 4.58 23.35
CA TRP C 24 -1.10 4.20 24.71
C TRP C 24 -2.02 2.94 24.75
N ASN C 25 -3.10 2.96 23.96
CA ASN C 25 -4.03 1.78 23.95
C ASN C 25 -3.36 0.50 23.47
N ALA C 26 -2.54 0.57 22.41
CA ALA C 26 -1.87 -0.62 21.94
C ALA C 26 -0.94 -1.17 23.02
N ALA C 27 -0.12 -0.31 23.64
CA ALA C 27 0.78 -0.75 24.76
C ALA C 27 -0.02 -1.25 25.98
N THR C 28 -0.98 -0.45 26.47
CA THR C 28 -1.60 -0.78 27.76
C THR C 28 -2.82 -1.71 27.76
N LEU C 29 -3.68 -1.64 26.75
CA LEU C 29 -4.76 -2.62 26.59
C LEU C 29 -4.33 -3.89 25.87
N TYR C 30 -3.38 -3.82 24.95
CA TYR C 30 -3.04 -4.99 24.18
C TYR C 30 -1.63 -5.57 24.35
N GLY C 31 -0.84 -4.98 25.27
CA GLY C 31 0.49 -5.54 25.59
C GLY C 31 1.47 -5.48 24.40
N LYS C 32 1.18 -4.61 23.44
CA LYS C 32 2.11 -4.42 22.28
C LYS C 32 3.34 -3.55 22.64
N ARG C 33 4.42 -3.81 21.91
CA ARG C 33 5.64 -3.04 21.98
C ARG C 33 5.49 -1.90 20.91
N VAL C 34 5.45 -0.65 21.38
CA VAL C 34 5.07 0.52 20.55
C VAL C 34 6.13 1.64 20.51
N ALA C 35 6.47 2.20 19.33
CA ALA C 35 7.35 3.35 19.28
C ALA C 35 6.47 4.48 18.78
N VAL C 36 6.67 5.68 19.31
CA VAL C 36 6.02 6.89 18.82
C VAL C 36 7.11 7.94 18.60
N VAL C 37 7.11 8.60 17.43
CA VAL C 37 8.13 9.50 16.97
C VAL C 37 7.49 10.87 16.89
N ASP C 38 8.20 11.88 17.38
CA ASP C 38 7.77 13.26 17.15
C ASP C 38 9.04 14.13 17.12
N VAL C 39 8.92 15.30 16.52
CA VAL C 39 10.06 16.16 16.23
C VAL C 39 10.55 17.04 17.39
N GLN C 40 9.77 17.17 18.46
CA GLN C 40 10.25 18.00 19.58
C GLN C 40 9.65 17.42 20.81
N THR C 41 10.25 17.66 21.96
CA THR C 41 9.71 17.02 23.17
C THR C 41 8.86 18.06 23.97
N SER C 42 8.98 19.33 23.62
CA SER C 42 8.16 20.35 24.25
C SER C 42 7.72 21.43 23.24
N HIS C 43 6.69 22.20 23.58
CA HIS C 43 6.04 23.14 22.59
C HIS C 43 6.97 24.24 22.09
N GLY C 44 6.64 24.82 20.94
CA GLY C 44 7.24 26.11 20.54
C GLY C 44 8.15 26.06 19.31
N PRO C 45 8.68 27.23 18.85
CA PRO C 45 9.64 27.29 17.71
C PRO C 45 10.74 26.35 18.05
N PRO C 46 11.39 25.70 17.08
CA PRO C 46 11.13 25.99 15.68
C PRO C 46 9.91 25.23 15.11
N PHE C 47 9.53 24.08 15.68
CA PHE C 47 8.57 23.23 14.98
C PHE C 47 7.13 23.31 15.48
N TYR C 48 6.95 23.93 16.66
CA TYR C 48 5.64 24.35 17.20
C TYR C 48 4.88 23.19 17.83
N ALA C 49 4.41 22.24 17.04
CA ALA C 49 3.82 21.06 17.66
C ALA C 49 4.98 20.25 18.22
N ALA C 50 4.65 19.27 19.08
CA ALA C 50 5.63 18.47 19.76
C ALA C 50 4.92 17.28 20.43
N LEU C 51 5.57 16.65 21.39
CA LEU C 51 4.91 15.58 22.15
C LEU C 51 3.57 16.15 22.66
N GLY C 52 2.47 15.41 22.50
CA GLY C 52 1.16 15.98 22.76
C GLY C 52 0.43 16.58 21.55
N GLY C 53 1.11 16.89 20.45
CA GLY C 53 0.37 17.24 19.25
C GLY C 53 0.02 18.72 19.14
N THR C 54 -0.75 19.04 18.12
CA THR C 54 -1.32 20.35 17.94
C THR C 54 -2.20 20.71 19.13
N CYS C 55 -3.09 19.81 19.50
CA CYS C 55 -3.92 19.99 20.67
C CYS C 55 -3.25 20.65 21.86
N VAL C 56 -2.24 19.98 22.42
CA VAL C 56 -1.52 20.41 23.61
C VAL C 56 -0.69 21.68 23.38
N ASN C 57 0.02 21.74 22.24
CA ASN C 57 1.07 22.73 22.02
C ASN C 57 0.62 24.02 21.35
N VAL C 58 -0.17 23.92 20.29
CA VAL C 58 -0.48 25.10 19.45
C VAL C 58 -1.92 24.98 18.87
N GLY C 59 -2.89 24.52 19.69
CA GLY C 59 -4.24 24.28 19.26
C GLY C 59 -5.17 24.43 20.48
N CYS C 60 -6.02 23.40 20.71
CA CYS C 60 -7.10 23.38 21.69
C CYS C 60 -6.69 23.92 23.03
N VAL C 61 -5.66 23.32 23.62
CA VAL C 61 -5.35 23.70 25.01
C VAL C 61 -4.95 25.22 25.14
N PRO C 62 -3.85 25.65 24.48
CA PRO C 62 -3.48 27.08 24.70
C PRO C 62 -4.52 28.09 24.16
N LYS C 63 -5.13 27.78 23.02
CA LYS C 63 -6.22 28.54 22.50
C LYS C 63 -7.29 28.79 23.55
N LYS C 64 -7.74 27.73 24.20
CA LYS C 64 -8.87 27.89 25.13
C LYS C 64 -8.46 28.70 26.37
N LEU C 65 -7.24 28.46 26.85
CA LEU C 65 -6.70 29.32 27.93
C LEU C 65 -6.68 30.78 27.49
N MET C 66 -6.40 31.03 26.23
CA MET C 66 -6.35 32.43 25.73
C MET C 66 -7.71 33.07 25.51
N VAL C 67 -8.67 32.30 25.01
CA VAL C 67 -10.05 32.80 24.88
C VAL C 67 -10.63 33.05 26.29
N THR C 68 -10.31 32.18 27.24
CA THR C 68 -10.73 32.35 28.63
C THR C 68 -10.15 33.66 29.18
N GLY C 69 -8.87 33.93 28.89
CA GLY C 69 -8.29 35.24 29.18
C GLY C 69 -9.05 36.41 28.55
N ALA C 70 -9.36 36.23 27.27
CA ALA C 70 -10.03 37.26 26.53
C ALA C 70 -11.41 37.61 27.07
N GLN C 71 -12.15 36.63 27.64
CA GLN C 71 -13.50 36.84 28.18
C GLN C 71 -13.49 37.82 29.35
N TYR C 72 -12.38 37.99 30.06
CA TYR C 72 -12.37 38.96 31.19
C TYR C 72 -12.57 40.38 30.75
N MET C 73 -12.29 40.66 29.48
CA MET C 73 -12.62 42.03 28.98
C MET C 73 -14.14 42.25 29.16
N ASP C 74 -14.95 41.25 28.82
CA ASP C 74 -16.40 41.41 28.99
C ASP C 74 -16.79 41.37 30.48
N HIS C 75 -16.33 40.36 31.25
CA HIS C 75 -16.61 40.27 32.65
C HIS C 75 -16.30 41.56 33.35
N LEU C 76 -15.12 42.14 33.14
CA LEU C 76 -14.77 43.37 33.86
C LEU C 76 -15.79 44.45 33.53
N ARG C 77 -16.19 44.54 32.28
CA ARG C 77 -17.16 45.57 31.89
C ARG C 77 -18.58 45.26 32.38
N GLU C 78 -18.96 43.97 32.27
CA GLU C 78 -20.32 43.56 32.66
C GLU C 78 -20.51 43.60 34.21
N SER C 79 -19.47 43.40 35.01
CA SER C 79 -19.64 43.41 36.46
C SER C 79 -20.25 44.75 37.00
N ALA C 80 -20.08 45.88 36.27
CA ALA C 80 -20.58 47.20 36.76
C ALA C 80 -22.06 47.12 36.99
N GLY C 81 -22.78 46.43 36.10
CA GLY C 81 -24.25 46.39 36.13
C GLY C 81 -24.76 45.67 37.38
N PHE C 82 -23.91 44.83 37.98
CA PHE C 82 -24.25 44.07 39.18
C PHE C 82 -23.64 44.75 40.38
N GLY C 83 -23.11 45.96 40.16
CA GLY C 83 -22.73 46.82 41.32
C GLY C 83 -21.27 46.75 41.67
N TRP C 84 -20.46 46.12 40.82
CA TRP C 84 -19.04 46.09 41.11
C TRP C 84 -18.45 47.44 40.75
N GLU C 85 -17.55 47.92 41.58
CA GLU C 85 -16.96 49.22 41.36
C GLU C 85 -15.48 49.04 41.48
N PHE C 86 -14.74 49.79 40.67
CA PHE C 86 -13.26 49.74 40.74
C PHE C 86 -12.84 50.73 39.70
N ASP C 87 -11.58 51.13 39.78
CA ASP C 87 -11.07 52.17 38.94
C ASP C 87 -10.91 51.70 37.52
N GLY C 88 -11.85 52.10 36.66
CA GLY C 88 -11.85 51.77 35.25
C GLY C 88 -10.57 52.14 34.48
N SER C 89 -9.90 53.20 34.90
CA SER C 89 -8.72 53.72 34.18
C SER C 89 -7.46 52.94 34.50
N SER C 90 -7.51 52.10 35.55
CA SER C 90 -6.34 51.28 35.87
C SER C 90 -6.29 49.94 35.11
N VAL C 91 -7.32 49.61 34.34
CA VAL C 91 -7.44 48.25 33.79
C VAL C 91 -6.46 48.21 32.62
N LYS C 92 -5.63 47.16 32.58
CA LYS C 92 -4.69 46.90 31.48
C LYS C 92 -4.61 45.39 31.29
N ALA C 93 -4.63 44.95 30.04
CA ALA C 93 -4.53 43.52 29.67
C ALA C 93 -3.06 43.27 29.40
N ASN C 94 -2.41 42.44 30.19
CA ASN C 94 -0.99 42.15 29.99
C ASN C 94 -0.81 40.82 29.22
N TRP C 95 -0.63 40.96 27.92
CA TRP C 95 -0.36 39.86 27.00
C TRP C 95 0.89 38.99 27.42
N LYS C 96 2.00 39.65 27.82
CA LYS C 96 3.22 38.95 28.07
C LYS C 96 2.96 37.99 29.22
N LYS C 97 2.19 38.43 30.21
CA LYS C 97 1.81 37.55 31.32
C LYS C 97 0.88 36.40 30.93
N LEU C 98 -0.11 36.69 30.09
CA LEU C 98 -0.97 35.60 29.49
C LEU C 98 -0.10 34.52 28.79
N ILE C 99 0.84 34.94 27.94
CA ILE C 99 1.65 34.00 27.18
C ILE C 99 2.55 33.17 28.14
N ALA C 100 3.17 33.82 29.14
CA ALA C 100 4.08 33.12 30.04
C ALA C 100 3.27 32.11 30.83
N ALA C 101 2.06 32.49 31.26
CA ALA C 101 1.18 31.59 32.02
C ALA C 101 0.77 30.36 31.13
N LYS C 102 0.36 30.63 29.91
CA LYS C 102 0.05 29.57 28.93
C LYS C 102 1.26 28.68 28.69
N ASN C 103 2.42 29.29 28.51
CA ASN C 103 3.63 28.51 28.23
C ASN C 103 3.94 27.48 29.31
N GLU C 104 3.87 27.93 30.58
CA GLU C 104 4.09 27.08 31.72
C GLU C 104 3.02 25.98 31.79
N ALA C 105 1.78 26.31 31.53
CA ALA C 105 0.77 25.25 31.60
C ALA C 105 1.03 24.23 30.48
N VAL C 106 1.37 24.69 29.27
CA VAL C 106 1.65 23.74 28.16
C VAL C 106 2.89 22.92 28.52
N LEU C 107 3.93 23.58 29.02
CA LEU C 107 5.17 22.84 29.41
C LEU C 107 4.89 21.73 30.44
N ASP C 108 4.08 21.99 31.48
CA ASP C 108 3.72 20.92 32.46
C ASP C 108 3.03 19.70 31.78
N ILE C 109 2.22 19.98 30.76
CA ILE C 109 1.53 18.91 30.02
C ILE C 109 2.56 18.18 29.18
N ASN C 110 3.48 18.93 28.56
CA ASN C 110 4.59 18.26 27.85
C ASN C 110 5.31 17.27 28.78
N LYS C 111 5.67 17.77 29.96
CA LYS C 111 6.41 17.00 30.95
C LYS C 111 5.61 15.77 31.43
N SER C 112 4.31 15.92 31.67
CA SER C 112 3.53 14.77 32.06
C SER C 112 3.48 13.72 30.93
N TYR C 113 3.49 14.13 29.69
CA TYR C 113 3.56 13.12 28.61
C TYR C 113 4.91 12.41 28.60
N GLU C 114 5.99 13.13 28.87
CA GLU C 114 7.31 12.50 28.95
C GLU C 114 7.31 11.41 29.99
N GLY C 115 6.78 11.75 31.15
CA GLY C 115 6.61 10.82 32.28
C GLY C 115 5.69 9.64 31.97
N MET C 116 4.58 9.87 31.28
CA MET C 116 3.84 8.77 30.66
C MET C 116 4.72 7.79 29.86
N PHE C 117 5.63 8.27 29.01
CA PHE C 117 6.55 7.34 28.34
C PHE C 117 7.54 6.61 29.29
N ASN C 118 8.19 7.36 30.16
CA ASN C 118 9.19 6.79 31.05
C ASN C 118 8.58 5.70 31.95
N ASP C 119 7.32 5.89 32.33
CA ASP C 119 6.62 4.97 33.21
C ASP C 119 5.90 3.73 32.59
N THR C 120 5.54 3.80 31.30
CA THR C 120 4.81 2.70 30.63
C THR C 120 5.73 1.77 29.83
N GLU C 121 5.84 0.55 30.31
CA GLU C 121 6.68 -0.48 29.65
C GLU C 121 6.03 -0.82 28.32
N GLY C 122 6.84 -1.15 27.29
CA GLY C 122 6.29 -1.34 25.94
C GLY C 122 5.87 -0.06 25.21
N LEU C 123 6.10 1.12 25.80
CA LEU C 123 5.79 2.38 25.12
C LEU C 123 7.02 3.29 25.06
N ASP C 124 7.62 3.40 23.86
CA ASP C 124 8.82 4.20 23.66
C ASP C 124 8.68 5.43 22.77
N PHE C 125 9.39 6.49 23.14
CA PHE C 125 9.38 7.77 22.38
C PHE C 125 10.68 7.95 21.62
N PHE C 126 10.60 8.36 20.35
CA PHE C 126 11.81 8.65 19.57
C PHE C 126 11.75 10.10 19.09
N LEU C 127 12.77 10.91 19.38
CA LEU C 127 12.82 12.26 18.91
C LEU C 127 13.38 12.31 17.42
N GLY C 128 12.68 12.97 16.51
CA GLY C 128 13.27 13.20 15.15
C GLY C 128 12.18 13.16 14.14
N TRP C 129 12.55 13.02 12.87
CA TRP C 129 11.66 13.10 11.74
C TRP C 129 11.41 11.73 11.11
N GLY C 130 10.19 11.21 11.23
CA GLY C 130 9.88 9.83 10.83
C GLY C 130 9.50 9.85 9.37
N SER C 131 10.02 8.91 8.62
CA SER C 131 9.58 8.63 7.27
C SER C 131 9.56 7.14 6.98
N LEU C 132 8.91 6.78 5.90
CA LEU C 132 8.79 5.36 5.50
C LEU C 132 9.91 5.05 4.51
N GLU C 133 10.86 4.23 4.92
CA GLU C 133 11.91 3.80 4.05
C GLU C 133 11.42 2.64 3.20
N SER C 134 10.67 1.73 3.82
CA SER C 134 9.97 0.69 3.09
C SER C 134 8.83 0.24 3.98
N LYS C 135 8.17 -0.87 3.64
CA LYS C 135 6.82 -1.16 4.10
C LYS C 135 6.75 -1.60 5.58
N ASN C 136 7.91 -2.00 6.13
CA ASN C 136 8.09 -2.35 7.54
C ASN C 136 9.36 -1.74 8.17
N VAL C 137 9.73 -0.56 7.67
CA VAL C 137 10.92 0.11 8.20
C VAL C 137 10.56 1.61 8.30
N VAL C 138 10.60 2.13 9.51
CA VAL C 138 10.50 3.56 9.68
C VAL C 138 11.90 4.01 10.01
N VAL C 139 12.35 5.10 9.36
CA VAL C 139 13.58 5.76 9.75
C VAL C 139 13.30 7.10 10.43
N VAL C 140 14.07 7.35 11.46
CA VAL C 140 14.03 8.59 12.24
C VAL C 140 15.31 9.40 11.93
N ARG C 141 15.10 10.56 11.30
CA ARG C 141 16.16 11.40 10.81
C ARG C 141 16.29 12.66 11.62
N GLU C 142 17.48 13.23 11.53
CA GLU C 142 17.80 14.51 12.22
C GLU C 142 16.90 15.65 11.80
N THR C 143 16.57 15.78 10.52
CA THR C 143 15.66 16.91 10.11
C THR C 143 14.68 16.43 9.08
N ALA C 144 13.79 17.32 8.66
CA ALA C 144 12.77 17.04 7.65
C ALA C 144 13.41 16.72 6.27
N ASP C 145 14.62 17.23 6.05
CA ASP C 145 15.34 16.88 4.81
C ASP C 145 15.65 15.37 4.79
N PRO C 146 15.09 14.66 3.77
CA PRO C 146 15.28 13.23 3.59
C PRO C 146 16.76 12.79 3.37
N LYS C 147 17.67 13.76 3.18
CA LYS C 147 19.12 13.46 3.04
C LYS C 147 19.88 13.63 4.39
N SER C 148 19.22 14.19 5.42
CA SER C 148 19.82 14.35 6.77
C SER C 148 20.08 12.99 7.42
N ALA C 149 20.92 12.95 8.45
CA ALA C 149 21.41 11.64 8.99
C ALA C 149 20.34 10.84 9.63
N VAL C 150 20.39 9.56 9.39
CA VAL C 150 19.51 8.62 10.02
C VAL C 150 19.89 8.46 11.50
N LYS C 151 19.01 8.79 12.45
CA LYS C 151 19.30 8.59 13.87
C LYS C 151 18.99 7.13 14.18
N GLU C 152 17.84 6.61 13.72
CA GLU C 152 17.45 5.26 14.06
C GLU C 152 16.72 4.63 12.92
N ARG C 153 16.89 3.33 12.77
CA ARG C 153 16.15 2.60 11.77
C ARG C 153 15.32 1.57 12.50
N LEU C 154 13.98 1.73 12.46
CA LEU C 154 13.09 0.94 13.32
C LEU C 154 12.36 -0.13 12.49
N GLN C 155 12.37 -1.35 13.03
CA GLN C 155 11.63 -2.44 12.42
C GLN C 155 10.15 -2.41 12.88
N ALA C 156 9.21 -2.41 11.96
CA ALA C 156 7.81 -2.17 12.36
C ALA C 156 6.92 -3.21 11.71
N ASP C 157 6.22 -4.02 12.50
CA ASP C 157 5.15 -4.84 11.91
C ASP C 157 4.01 -4.04 11.36
N HIS C 158 3.54 -3.04 12.13
CA HIS C 158 2.46 -2.17 11.67
C HIS C 158 2.95 -0.73 11.79
N ILE C 159 2.45 0.17 10.94
CA ILE C 159 2.91 1.59 10.89
C ILE C 159 1.68 2.45 10.88
N LEU C 160 1.59 3.34 11.86
CA LEU C 160 0.49 4.32 11.88
C LEU C 160 0.95 5.74 11.50
N LEU C 161 0.28 6.34 10.51
CA LEU C 161 0.60 7.68 10.04
C LEU C 161 -0.31 8.68 10.79
N ALA C 162 0.28 9.60 11.53
CA ALA C 162 -0.53 10.39 12.44
C ALA C 162 0.13 11.79 12.65
N THR C 163 0.59 12.40 11.55
CA THR C 163 1.40 13.64 11.57
C THR C 163 0.58 14.92 11.46
N GLY C 164 -0.75 14.76 11.47
CA GLY C 164 -1.71 15.88 11.59
C GLY C 164 -1.75 16.75 10.35
N SER C 165 -1.93 18.05 10.59
CA SER C 165 -2.05 19.01 9.52
C SER C 165 -1.19 20.21 9.79
N TRP C 166 -1.23 21.16 8.88
CA TRP C 166 -0.31 22.32 8.95
C TRP C 166 -1.01 23.53 8.31
N PRO C 167 -0.71 24.75 8.75
CA PRO C 167 -1.47 25.85 8.14
C PRO C 167 -1.16 26.03 6.63
N GLN C 168 -2.19 26.27 5.86
CA GLN C 168 -2.04 26.58 4.44
C GLN C 168 -1.78 28.09 4.36
N MET C 169 -0.87 28.46 3.47
CA MET C 169 -0.53 29.83 3.18
C MET C 169 -0.66 30.01 1.69
N PRO C 170 -1.41 31.04 1.27
CA PRO C 170 -1.64 31.35 -0.16
C PRO C 170 -0.35 31.82 -0.85
N ALA C 171 -0.17 31.47 -2.10
CA ALA C 171 0.99 31.87 -2.87
C ALA C 171 0.80 33.33 -3.43
N ILE C 172 0.99 34.34 -2.59
CA ILE C 172 0.86 35.75 -2.96
C ILE C 172 2.23 36.36 -2.76
N PRO C 173 2.59 37.44 -3.54
CA PRO C 173 3.84 38.18 -3.24
C PRO C 173 3.73 38.72 -1.78
N GLY C 174 4.79 38.54 -1.01
CA GLY C 174 4.85 39.12 0.35
C GLY C 174 4.35 38.18 1.45
N ILE C 175 4.06 36.92 1.09
CA ILE C 175 3.53 35.90 2.00
C ILE C 175 4.48 35.70 3.17
N GLU C 176 5.77 35.87 2.88
CA GLU C 176 6.82 35.85 3.93
C GLU C 176 6.65 36.88 5.04
N HIS C 177 5.83 37.91 4.86
CA HIS C 177 5.56 38.93 5.92
C HIS C 177 4.39 38.59 6.85
N CYS C 178 3.76 37.46 6.57
CA CYS C 178 2.50 37.02 7.20
C CYS C 178 2.84 35.88 8.16
N ILE C 179 1.94 35.61 9.12
CA ILE C 179 2.19 34.54 10.07
C ILE C 179 1.00 33.60 10.00
N SER C 180 1.06 32.51 10.77
CA SER C 180 -0.08 31.59 10.93
C SER C 180 -0.41 31.51 12.45
N SER C 181 -1.31 30.60 12.81
CA SER C 181 -1.70 30.49 14.21
C SER C 181 -0.46 30.08 15.01
N ASN C 182 0.44 29.31 14.38
CA ASN C 182 1.65 28.88 15.03
C ASN C 182 2.38 30.07 15.69
N GLU C 183 2.62 31.15 14.93
CA GLU C 183 3.48 32.25 15.46
C GLU C 183 2.59 33.08 16.39
N ALA C 184 1.29 33.09 16.13
CA ALA C 184 0.39 33.89 16.95
C ALA C 184 0.56 33.55 18.42
N PHE C 185 0.76 32.27 18.74
CA PHE C 185 0.94 31.82 20.14
C PHE C 185 2.21 32.35 20.85
N TYR C 186 3.16 32.90 20.09
CA TYR C 186 4.46 33.35 20.60
C TYR C 186 4.78 34.79 20.35
N LEU C 187 3.83 35.55 19.80
CA LEU C 187 4.10 36.96 19.61
C LEU C 187 4.64 37.61 20.90
N PRO C 188 5.78 38.33 20.76
CA PRO C 188 6.35 38.97 21.96
C PRO C 188 5.48 40.09 22.55
N GLU C 189 4.68 40.77 21.70
CA GLU C 189 3.79 41.83 22.10
C GLU C 189 2.48 41.61 21.43
N PRO C 190 1.38 42.09 22.05
CA PRO C 190 0.11 41.96 21.36
C PRO C 190 0.02 42.92 20.18
N PRO C 191 -0.50 42.47 19.05
CA PRO C 191 -0.50 43.47 17.95
C PRO C 191 -1.52 44.60 18.17
N ARG C 192 -1.13 45.82 17.83
CA ARG C 192 -2.02 47.00 17.85
C ARG C 192 -3.13 46.85 16.83
N ARG C 193 -2.72 46.59 15.59
CA ARG C 193 -3.58 46.34 14.44
C ARG C 193 -3.22 44.95 13.87
N VAL C 194 -4.24 44.14 13.65
CA VAL C 194 -4.03 42.80 13.15
C VAL C 194 -5.13 42.54 12.14
N LEU C 195 -4.73 41.97 11.01
CA LEU C 195 -5.69 41.39 10.10
C LEU C 195 -5.66 39.85 10.29
N THR C 196 -6.82 39.26 10.60
CA THR C 196 -6.95 37.78 10.51
C THR C 196 -7.64 37.40 9.20
N VAL C 197 -6.95 36.62 8.39
CA VAL C 197 -7.43 36.26 7.10
C VAL C 197 -8.20 34.92 7.08
N GLY C 198 -9.48 34.94 6.77
CA GLY C 198 -10.27 33.70 6.76
C GLY C 198 -11.52 33.91 7.56
N GLY C 199 -12.57 33.18 7.20
CA GLY C 199 -13.79 33.22 8.01
C GLY C 199 -14.11 31.91 8.68
N GLY C 200 -13.10 31.14 9.10
CA GLY C 200 -13.41 29.84 9.74
C GLY C 200 -13.09 29.85 11.21
N PHE C 201 -12.80 28.67 11.76
CA PHE C 201 -12.62 28.51 13.22
C PHE C 201 -11.50 29.46 13.72
N ILE C 202 -10.36 29.37 13.06
CA ILE C 202 -9.15 29.93 13.61
C ILE C 202 -9.11 31.49 13.53
N SER C 203 -9.52 32.05 12.41
CA SER C 203 -9.62 33.51 12.24
C SER C 203 -10.52 34.09 13.31
N VAL C 204 -11.71 33.52 13.41
CA VAL C 204 -12.75 33.95 14.35
C VAL C 204 -12.32 33.78 15.80
N GLU C 205 -11.71 32.64 16.18
CA GLU C 205 -11.28 32.51 17.61
C GLU C 205 -10.18 33.51 18.00
N PHE C 206 -9.22 33.67 17.11
CA PHE C 206 -8.12 34.55 17.38
C PHE C 206 -8.54 36.03 17.29
N ALA C 207 -9.45 36.38 16.38
CA ALA C 207 -9.95 37.74 16.38
C ALA C 207 -10.46 38.17 17.78
N GLY C 208 -11.18 37.28 18.49
CA GLY C 208 -11.57 37.65 19.87
C GLY C 208 -10.42 37.71 20.86
N ILE C 209 -9.44 36.79 20.73
CA ILE C 209 -8.24 36.90 21.56
C ILE C 209 -7.53 38.24 21.30
N PHE C 210 -7.22 38.57 20.04
CA PHE C 210 -6.48 39.84 19.80
C PHE C 210 -7.28 41.06 20.29
N ASN C 211 -8.60 40.95 20.14
CA ASN C 211 -9.50 41.99 20.52
C ASN C 211 -9.40 42.37 22.03
N ALA C 212 -9.20 41.37 22.88
CA ALA C 212 -9.20 41.62 24.33
C ALA C 212 -7.86 42.23 24.72
N TYR C 213 -6.83 41.83 23.99
CA TYR C 213 -5.48 42.11 24.45
C TYR C 213 -4.78 43.23 23.71
N LYS C 214 -5.44 43.78 22.68
CA LYS C 214 -4.79 44.78 21.84
C LYS C 214 -4.51 46.01 22.74
N PRO C 215 -3.40 46.71 22.48
CA PRO C 215 -3.08 47.95 23.21
C PRO C 215 -4.04 49.14 22.85
N PRO C 216 -4.06 50.21 23.65
CA PRO C 216 -5.08 51.27 23.31
C PRO C 216 -4.90 51.92 21.94
N GLY C 217 -6.02 52.37 21.38
CA GLY C 217 -6.12 52.69 19.94
C GLY C 217 -6.06 51.51 18.95
N GLY C 218 -6.15 50.26 19.43
CA GLY C 218 -5.99 49.11 18.56
C GLY C 218 -7.23 48.77 17.76
N LYS C 219 -7.08 47.95 16.70
CA LYS C 219 -8.22 47.56 15.87
C LYS C 219 -7.98 46.11 15.37
N VAL C 220 -8.94 45.21 15.54
CA VAL C 220 -8.84 43.87 14.93
C VAL C 220 -9.71 43.83 13.71
N THR C 221 -9.12 43.42 12.58
CA THR C 221 -9.92 43.32 11.37
C THR C 221 -9.90 41.86 10.92
N LEU C 222 -11.05 41.29 10.61
CA LEU C 222 -11.09 39.97 10.05
C LEU C 222 -11.56 40.12 8.65
N CYS C 223 -10.84 39.58 7.70
CA CYS C 223 -11.38 39.52 6.33
C CYS C 223 -11.77 38.12 5.87
N TYR C 224 -12.83 38.08 5.07
CA TYR C 224 -13.34 36.85 4.53
C TYR C 224 -13.68 37.04 3.05
N ARG C 225 -13.38 36.00 2.24
CA ARG C 225 -13.40 36.14 0.80
C ARG C 225 -14.82 36.25 0.18
N ASN C 226 -15.83 35.67 0.84
CA ASN C 226 -17.21 35.66 0.37
C ASN C 226 -18.13 36.53 1.27
N ASN C 227 -19.43 36.36 1.17
CA ASN C 227 -20.36 37.33 1.79
C ASN C 227 -20.57 37.22 3.33
N LEU C 228 -20.50 35.99 3.84
CA LEU C 228 -20.90 35.66 5.19
C LEU C 228 -19.97 34.61 5.84
N ILE C 229 -19.30 34.95 6.92
CA ILE C 229 -18.33 34.08 7.52
C ILE C 229 -18.92 32.71 7.98
N LEU C 230 -18.04 31.74 8.25
CA LEU C 230 -18.44 30.45 8.94
C LEU C 230 -19.37 29.55 8.15
N ARG C 231 -19.11 29.43 6.85
CA ARG C 231 -19.84 28.56 5.93
C ARG C 231 -19.81 27.16 6.50
N GLY C 232 -20.89 26.43 6.37
CA GLY C 232 -20.97 25.08 6.96
C GLY C 232 -21.69 25.09 8.32
N PHE C 233 -21.72 26.26 8.97
CA PHE C 233 -22.50 26.51 10.16
C PHE C 233 -23.93 27.01 9.84
N ASP C 234 -24.79 26.90 10.84
CA ASP C 234 -26.15 27.37 10.76
C ASP C 234 -26.15 28.84 10.37
N GLU C 235 -26.96 29.15 9.36
CA GLU C 235 -27.06 30.50 8.80
C GLU C 235 -27.53 31.64 9.78
N THR C 236 -28.60 31.39 10.54
CA THR C 236 -29.00 32.33 11.61
C THR C 236 -27.75 32.61 12.49
N ILE C 237 -27.08 31.56 12.91
CA ILE C 237 -25.89 31.72 13.67
C ILE C 237 -24.74 32.47 12.99
N ARG C 238 -24.48 32.21 11.71
CA ARG C 238 -23.47 32.95 11.02
C ARG C 238 -23.72 34.43 11.04
N GLU C 239 -24.97 34.78 10.83
CA GLU C 239 -25.36 36.21 10.87
C GLU C 239 -25.33 36.79 12.29
N GLU C 240 -25.79 36.02 13.25
CA GLU C 240 -25.79 36.56 14.60
C GLU C 240 -24.35 36.68 15.14
N VAL C 241 -23.49 35.71 14.86
CA VAL C 241 -22.15 35.83 15.37
C VAL C 241 -21.41 37.03 14.68
N THR C 242 -21.67 37.25 13.39
CA THR C 242 -21.16 38.44 12.69
C THR C 242 -21.56 39.74 13.46
N LYS C 243 -22.84 39.90 13.78
CA LYS C 243 -23.30 41.06 14.56
C LYS C 243 -22.66 41.16 15.93
N GLN C 244 -22.44 40.03 16.58
CA GLN C 244 -21.88 40.14 17.92
C GLN C 244 -20.40 40.42 17.93
N LEU C 245 -19.69 39.99 16.88
CA LEU C 245 -18.25 40.30 16.79
C LEU C 245 -18.15 41.81 16.53
N THR C 246 -18.91 42.29 15.58
CA THR C 246 -18.97 43.73 15.36
C THR C 246 -19.27 44.50 16.61
N ALA C 247 -20.30 44.08 17.35
CA ALA C 247 -20.73 44.89 18.47
C ALA C 247 -19.63 44.96 19.49
N ASN C 248 -18.70 44.01 19.44
CA ASN C 248 -17.55 44.07 20.37
C ASN C 248 -16.30 44.76 19.80
N GLY C 249 -16.43 45.39 18.62
CA GLY C 249 -15.37 46.23 18.02
C GLY C 249 -14.49 45.57 16.96
N ILE C 250 -14.79 44.32 16.61
CA ILE C 250 -13.98 43.72 15.54
C ILE C 250 -14.58 44.21 14.21
N GLU C 251 -13.73 44.49 13.24
CA GLU C 251 -14.27 44.96 11.97
C GLU C 251 -14.26 43.77 11.01
N ILE C 252 -15.41 43.47 10.41
CA ILE C 252 -15.51 42.33 9.48
C ILE C 252 -15.57 42.73 8.00
N MET C 253 -14.48 42.51 7.26
CA MET C 253 -14.45 42.83 5.86
C MET C 253 -14.90 41.64 5.03
N THR C 254 -16.09 41.69 4.45
CA THR C 254 -16.59 40.58 3.63
C THR C 254 -16.29 40.83 2.16
N ASN C 255 -16.41 39.82 1.33
CA ASN C 255 -15.90 39.86 -0.08
C ASN C 255 -14.51 40.46 -0.31
N GLU C 256 -13.58 40.13 0.59
CA GLU C 256 -12.21 40.66 0.45
C GLU C 256 -11.17 39.58 0.72
N ASN C 257 -10.02 39.74 0.07
CA ASN C 257 -8.98 38.74 0.11
C ASN C 257 -7.63 39.37 -0.24
N PRO C 258 -6.61 39.13 0.59
CA PRO C 258 -5.32 39.73 0.27
C PRO C 258 -4.75 39.19 -1.04
N ALA C 259 -4.24 40.11 -1.88
CA ALA C 259 -3.60 39.79 -3.16
C ALA C 259 -2.11 39.91 -2.96
N LYS C 260 -1.67 40.70 -1.96
CA LYS C 260 -0.23 40.92 -1.66
C LYS C 260 0.06 41.79 -0.43
N VAL C 261 1.27 41.65 0.10
CA VAL C 261 1.63 42.31 1.33
C VAL C 261 3.04 42.83 1.08
N SER C 262 3.35 44.06 1.51
CA SER C 262 4.73 44.59 1.46
C SER C 262 5.11 45.07 2.85
N LEU C 263 6.41 45.15 3.13
CA LEU C 263 6.85 45.71 4.39
C LEU C 263 6.89 47.26 4.29
N ASN C 264 6.19 48.00 5.15
CA ASN C 264 6.39 49.46 5.23
C ASN C 264 7.74 49.73 5.90
N THR C 265 8.18 50.98 5.76
CA THR C 265 9.45 51.34 6.35
C THR C 265 9.49 51.29 7.89
N ASP C 266 8.33 51.48 8.55
CA ASP C 266 8.31 51.33 10.01
C ASP C 266 8.19 49.82 10.43
N GLY C 267 8.19 48.86 9.49
CA GLY C 267 8.03 47.43 9.88
C GLY C 267 6.59 46.90 9.88
N SER C 268 5.59 47.80 9.81
CA SER C 268 4.21 47.39 9.58
C SER C 268 4.00 46.81 8.17
N LYS C 269 2.81 46.18 7.98
CA LYS C 269 2.47 45.52 6.74
C LYS C 269 1.49 46.29 5.92
N HIS C 270 1.77 46.37 4.62
CA HIS C 270 0.84 47.06 3.74
C HIS C 270 0.07 46.03 2.94
N VAL C 271 -1.19 45.78 3.29
CA VAL C 271 -1.92 44.72 2.60
C VAL C 271 -2.69 45.32 1.44
N THR C 272 -2.53 44.77 0.25
CA THR C 272 -3.42 45.14 -0.86
C THR C 272 -4.34 43.97 -1.12
N PHE C 273 -5.66 44.22 -1.11
CA PHE C 273 -6.70 43.24 -1.47
C PHE C 273 -6.94 43.10 -2.98
N GLU C 274 -7.45 41.95 -3.44
CA GLU C 274 -7.79 41.70 -4.86
C GLU C 274 -8.61 42.84 -5.43
N SER C 275 -9.46 43.44 -4.60
CA SER C 275 -10.34 44.53 -4.99
C SER C 275 -9.61 45.90 -5.14
N GLY C 276 -8.35 45.98 -4.69
CA GLY C 276 -7.54 47.19 -4.85
C GLY C 276 -7.59 48.01 -3.58
N LYS C 277 -8.41 47.62 -2.62
CA LYS C 277 -8.38 48.22 -1.26
C LYS C 277 -7.10 47.88 -0.52
N THR C 278 -6.83 48.66 0.52
CA THR C 278 -5.58 48.51 1.22
C THR C 278 -5.85 48.74 2.70
N LEU C 279 -4.94 48.19 3.50
CA LEU C 279 -4.98 48.25 4.93
C LEU C 279 -3.56 48.03 5.48
N ASP C 280 -3.17 48.90 6.41
CA ASP C 280 -1.93 48.75 7.15
C ASP C 280 -2.23 48.14 8.51
N VAL C 281 -1.44 47.10 8.86
CA VAL C 281 -1.54 46.41 10.15
C VAL C 281 -0.14 46.01 10.62
N ASP C 282 0.00 45.77 11.91
CA ASP C 282 1.21 45.20 12.50
C ASP C 282 1.45 43.69 12.28
N VAL C 283 0.35 42.94 12.23
CA VAL C 283 0.40 41.49 12.01
C VAL C 283 -0.69 41.06 10.97
N VAL C 284 -0.28 40.25 9.99
CA VAL C 284 -1.25 39.63 9.10
C VAL C 284 -1.23 38.15 9.45
N MET C 285 -2.33 37.67 10.03
CA MET C 285 -2.41 36.24 10.41
C MET C 285 -3.24 35.44 9.42
N MET C 286 -2.62 34.61 8.58
CA MET C 286 -3.39 33.73 7.66
C MET C 286 -4.08 32.62 8.40
N ALA C 287 -5.40 32.55 8.27
CA ALA C 287 -6.12 31.38 8.82
C ALA C 287 -7.04 30.78 7.76
N ILE C 288 -6.51 30.47 6.58
CA ILE C 288 -7.33 30.04 5.49
C ILE C 288 -7.43 28.51 5.31
N GLY C 289 -7.11 27.75 6.35
CA GLY C 289 -7.30 26.29 6.31
C GLY C 289 -6.05 25.57 6.84
N ARG C 290 -6.19 24.28 7.11
CA ARG C 290 -5.04 23.46 7.39
C ARG C 290 -5.02 22.27 6.48
N ILE C 291 -3.84 21.92 6.00
CA ILE C 291 -3.70 20.82 5.11
C ILE C 291 -2.82 19.67 5.70
N PRO C 292 -3.15 18.42 5.32
CA PRO C 292 -2.52 17.21 5.86
C PRO C 292 -1.03 17.26 5.61
N ARG C 293 -0.32 16.80 6.63
CA ARG C 293 1.12 16.89 6.63
C ARG C 293 1.69 15.55 6.13
N THR C 294 1.81 15.49 4.82
CA THR C 294 2.15 14.27 4.11
C THR C 294 3.52 14.32 3.50
N ASN C 295 4.01 15.54 3.27
CA ASN C 295 5.29 15.77 2.54
C ASN C 295 6.59 15.19 3.10
N ASP C 296 6.71 15.15 4.42
CA ASP C 296 7.94 14.69 5.01
C ASP C 296 7.94 13.12 5.19
N LEU C 297 6.80 12.45 5.05
CA LEU C 297 6.77 11.00 5.24
C LEU C 297 7.40 10.13 4.16
N GLN C 298 7.70 10.74 3.02
CA GLN C 298 8.27 10.03 1.83
C GLN C 298 7.34 8.86 1.44
N LEU C 299 6.06 9.17 1.34
CA LEU C 299 5.07 8.19 1.02
C LEU C 299 5.34 7.44 -0.32
N GLY C 300 5.93 8.11 -1.29
CA GLY C 300 6.38 7.50 -2.58
C GLY C 300 7.23 6.23 -2.42
N ASN C 301 7.95 6.08 -1.31
CA ASN C 301 8.82 4.91 -1.08
C ASN C 301 8.02 3.63 -1.04
N VAL C 302 6.74 3.72 -0.65
CA VAL C 302 5.92 2.54 -0.49
C VAL C 302 4.57 2.59 -1.23
N GLY C 303 4.26 3.69 -1.93
CA GLY C 303 3.02 3.75 -2.70
C GLY C 303 1.76 4.05 -1.94
N VAL C 304 1.87 4.65 -0.74
CA VAL C 304 0.63 4.99 -0.03
C VAL C 304 -0.15 6.01 -0.86
N LYS C 305 -1.40 5.70 -1.24
CA LYS C 305 -2.19 6.67 -2.02
C LYS C 305 -2.82 7.82 -1.24
N LEU C 306 -2.82 8.97 -1.89
CA LEU C 306 -3.49 10.19 -1.44
C LEU C 306 -4.81 10.42 -2.16
N THR C 307 -5.74 11.07 -1.48
CA THR C 307 -6.92 11.65 -2.13
C THR C 307 -6.57 12.82 -3.08
N PRO C 308 -7.55 13.20 -3.95
CA PRO C 308 -7.28 14.29 -4.91
C PRO C 308 -6.94 15.55 -4.15
N LYS C 309 -7.56 15.68 -2.96
CA LYS C 309 -7.32 16.80 -1.99
C LYS C 309 -6.02 16.75 -1.12
N GLY C 310 -5.19 15.72 -1.30
CA GLY C 310 -3.94 15.61 -0.54
C GLY C 310 -4.00 14.90 0.82
N GLY C 311 -5.17 14.40 1.24
CA GLY C 311 -5.26 13.53 2.46
C GLY C 311 -4.70 12.15 2.15
N VAL C 312 -4.19 11.45 3.15
CA VAL C 312 -3.90 10.04 2.96
C VAL C 312 -5.25 9.32 2.75
N GLN C 313 -5.40 8.56 1.69
CA GLN C 313 -6.68 7.87 1.43
C GLN C 313 -6.82 6.64 2.34
N VAL C 314 -7.96 6.54 3.01
CA VAL C 314 -8.22 5.44 3.90
C VAL C 314 -9.59 4.86 3.69
N ASP C 315 -9.80 3.59 4.03
CA ASP C 315 -11.19 3.06 4.17
C ASP C 315 -11.81 3.50 5.48
N GLU C 316 -12.98 2.94 5.79
CA GLU C 316 -13.73 3.38 6.97
C GLU C 316 -12.99 2.94 8.27
N PHE C 317 -12.13 1.92 8.15
CA PHE C 317 -11.34 1.49 9.29
C PHE C 317 -9.93 2.09 9.37
N SER C 318 -9.65 3.12 8.58
CA SER C 318 -8.37 3.87 8.62
C SER C 318 -7.17 3.05 7.96
N ARG C 319 -7.51 2.07 7.13
CA ARG C 319 -6.49 1.34 6.32
C ARG C 319 -6.11 2.07 5.03
N THR C 320 -4.82 2.22 4.71
CA THR C 320 -4.40 2.79 3.41
C THR C 320 -4.43 1.66 2.35
N ASN C 321 -3.89 1.93 1.16
CA ASN C 321 -3.82 0.81 0.16
C ASN C 321 -2.77 -0.25 0.48
N VAL C 322 -1.89 0.06 1.44
CA VAL C 322 -0.66 -0.75 1.72
C VAL C 322 -0.91 -1.50 3.01
N PRO C 323 -0.88 -2.85 2.93
CA PRO C 323 -1.17 -3.66 4.09
C PRO C 323 -0.26 -3.25 5.27
N ASN C 324 -0.83 -3.23 6.47
CA ASN C 324 -0.11 -2.87 7.67
C ASN C 324 0.30 -1.41 7.77
N ILE C 325 -0.20 -0.58 6.89
CA ILE C 325 -0.02 0.85 7.05
C ILE C 325 -1.40 1.51 7.21
N TYR C 326 -1.58 2.25 8.31
CA TYR C 326 -2.86 2.93 8.60
C TYR C 326 -2.67 4.48 8.71
N ALA C 327 -3.77 5.25 8.66
CA ALA C 327 -3.70 6.72 8.82
C ALA C 327 -4.92 7.19 9.59
N ILE C 328 -4.71 8.04 10.58
CA ILE C 328 -5.79 8.57 11.42
C ILE C 328 -5.51 10.05 11.68
N GLY C 329 -6.53 10.77 12.13
CA GLY C 329 -6.39 12.15 12.49
C GLY C 329 -6.45 13.06 11.30
N ASP C 330 -5.96 14.28 11.49
CA ASP C 330 -6.10 15.32 10.46
C ASP C 330 -5.45 14.95 9.14
N ILE C 331 -4.47 14.06 9.15
CA ILE C 331 -3.78 13.71 7.91
C ILE C 331 -4.77 12.97 6.97
N THR C 332 -5.88 12.43 7.50
CA THR C 332 -6.89 11.80 6.64
C THR C 332 -7.90 12.84 6.04
N ASP C 333 -7.88 14.05 6.58
CA ASP C 333 -8.76 15.14 6.10
C ASP C 333 -10.25 14.82 6.21
N ARG C 334 -10.65 14.02 7.21
CA ARG C 334 -12.04 13.58 7.35
C ARG C 334 -12.75 14.57 8.27
N LEU C 335 -12.51 14.55 9.59
CA LEU C 335 -12.96 15.70 10.39
C LEU C 335 -11.83 16.18 11.27
N MET C 336 -11.40 17.44 11.10
CA MET C 336 -10.23 17.88 11.87
C MET C 336 -10.57 18.36 13.28
N LEU C 337 -10.78 17.42 14.20
CA LEU C 337 -11.05 17.73 15.61
C LEU C 337 -10.26 16.76 16.49
N THR C 338 -9.85 17.22 17.67
CA THR C 338 -9.03 16.40 18.55
C THR C 338 -9.79 15.11 19.01
N PRO C 339 -11.07 15.23 19.40
CA PRO C 339 -11.74 13.96 19.82
C PRO C 339 -12.03 12.99 18.67
N VAL C 340 -12.11 13.50 17.46
CA VAL C 340 -12.18 12.62 16.30
C VAL C 340 -10.87 11.85 16.09
N ALA C 341 -9.73 12.56 16.19
CA ALA C 341 -8.46 11.94 15.98
C ALA C 341 -8.27 10.85 17.05
N ILE C 342 -8.59 11.17 18.30
CA ILE C 342 -8.55 10.20 19.40
C ILE C 342 -9.44 8.96 19.14
N ASN C 343 -10.68 9.21 18.73
CA ASN C 343 -11.65 8.14 18.48
C ASN C 343 -11.14 7.22 17.33
N GLU C 344 -10.59 7.82 16.26
CA GLU C 344 -9.99 7.04 15.17
C GLU C 344 -8.80 6.20 15.64
N GLY C 345 -7.94 6.74 16.50
CA GLY C 345 -6.77 5.99 16.96
C GLY C 345 -7.18 4.80 17.82
N ALA C 346 -8.12 5.05 18.71
CA ALA C 346 -8.67 3.99 19.54
C ALA C 346 -9.39 2.91 18.69
N ALA C 347 -10.18 3.33 17.70
CA ALA C 347 -10.86 2.40 16.80
C ALA C 347 -9.84 1.60 15.98
N LEU C 348 -8.85 2.28 15.45
CA LEU C 348 -7.87 1.58 14.63
C LEU C 348 -7.14 0.47 15.45
N VAL C 349 -6.69 0.79 16.67
CA VAL C 349 -5.95 -0.17 17.49
C VAL C 349 -6.85 -1.39 17.87
N ASP C 350 -8.10 -1.11 18.23
CA ASP C 350 -9.10 -2.17 18.45
C ASP C 350 -9.20 -3.04 17.20
N THR C 351 -9.23 -2.45 16.01
CA THR C 351 -9.35 -3.26 14.81
C THR C 351 -8.13 -4.14 14.52
N VAL C 352 -6.94 -3.58 14.73
CA VAL C 352 -5.70 -4.24 14.39
C VAL C 352 -5.21 -5.22 15.51
N PHE C 353 -5.29 -4.83 16.79
CA PHE C 353 -4.75 -5.62 17.90
C PHE C 353 -5.83 -6.18 18.80
N GLY C 354 -7.03 -5.59 18.73
CA GLY C 354 -8.11 -6.05 19.54
C GLY C 354 -8.85 -7.07 18.74
N ASN C 355 -9.92 -7.49 19.33
CA ASN C 355 -10.52 -8.66 18.79
C ASN C 355 -11.75 -8.28 18.02
N LYS C 356 -11.79 -6.96 17.79
CA LYS C 356 -13.01 -6.13 17.66
C LYS C 356 -12.93 -5.07 16.57
N PRO C 357 -13.15 -5.46 15.31
CA PRO C 357 -13.26 -4.50 14.20
C PRO C 357 -14.24 -3.34 14.51
N ARG C 358 -13.77 -2.10 14.38
CA ARG C 358 -14.59 -0.95 14.78
C ARG C 358 -14.16 0.27 13.96
N LYS C 359 -15.16 1.06 13.56
CA LYS C 359 -14.91 2.30 12.81
C LYS C 359 -15.48 3.51 13.49
N THR C 360 -14.84 4.64 13.31
CA THR C 360 -15.37 5.89 13.78
C THR C 360 -16.59 6.39 12.95
N ASP C 361 -17.60 6.88 13.64
CA ASP C 361 -18.78 7.50 13.01
C ASP C 361 -18.55 8.99 12.95
N HIS C 362 -18.35 9.51 11.75
CA HIS C 362 -18.10 10.92 11.58
C HIS C 362 -19.37 11.78 11.46
N THR C 363 -20.55 11.20 11.67
CA THR C 363 -21.78 11.97 11.54
C THR C 363 -22.19 12.28 12.97
N ARG C 364 -22.95 13.34 13.13
CA ARG C 364 -23.45 13.72 14.43
C ARG C 364 -22.41 13.91 15.53
N VAL C 365 -21.25 14.40 15.14
CA VAL C 365 -20.20 14.73 16.06
C VAL C 365 -20.48 16.12 16.52
N ALA C 366 -20.60 16.25 17.83
CA ALA C 366 -20.75 17.55 18.44
C ALA C 366 -19.44 18.34 18.39
N SER C 367 -19.48 19.63 18.12
CA SER C 367 -18.21 20.43 18.18
C SER C 367 -18.50 21.87 18.62
N ALA C 368 -17.48 22.68 18.83
CA ALA C 368 -17.71 24.00 19.32
C ALA C 368 -16.81 24.96 18.58
N VAL C 369 -17.21 26.22 18.51
CA VAL C 369 -16.24 27.34 18.11
C VAL C 369 -16.12 28.19 19.33
N PHE C 370 -14.92 28.31 19.87
CA PHE C 370 -14.74 29.15 21.06
C PHE C 370 -14.59 30.59 20.65
N SER C 371 -15.58 31.09 19.89
CA SER C 371 -15.61 32.51 19.57
C SER C 371 -16.17 33.23 20.83
N ILE C 372 -16.17 34.56 20.81
CA ILE C 372 -16.88 35.29 21.82
C ILE C 372 -18.01 36.09 21.15
N PRO C 373 -19.26 35.60 21.26
CA PRO C 373 -19.81 34.44 22.00
C PRO C 373 -19.54 33.11 21.30
N PRO C 374 -19.56 32.00 22.08
CA PRO C 374 -19.21 30.73 21.47
C PRO C 374 -20.41 30.09 20.74
N ILE C 375 -20.06 29.11 19.88
CA ILE C 375 -21.00 28.32 19.13
C ILE C 375 -20.90 26.86 19.63
N GLY C 376 -22.01 26.13 19.70
CA GLY C 376 -21.96 24.65 19.93
C GLY C 376 -22.91 24.04 18.96
N THR C 377 -22.52 22.96 18.27
CA THR C 377 -23.34 22.40 17.20
C THR C 377 -23.15 20.91 17.07
N CYS C 378 -24.20 20.22 16.65
CA CYS C 378 -24.16 18.77 16.46
C CYS C 378 -25.20 18.41 15.39
N GLY C 379 -24.73 17.89 14.26
CA GLY C 379 -25.62 17.31 13.25
C GLY C 379 -25.84 18.31 12.13
N LEU C 380 -26.96 18.17 11.45
CA LEU C 380 -27.11 18.76 10.10
C LEU C 380 -27.67 20.17 10.15
N ILE C 381 -27.11 21.11 9.35
CA ILE C 381 -27.81 22.38 9.17
C ILE C 381 -29.06 22.18 8.29
N GLU C 382 -30.06 23.06 8.51
CA GLU C 382 -31.33 22.95 7.80
C GLU C 382 -31.16 22.84 6.27
N GLU C 383 -30.26 23.61 5.65
CA GLU C 383 -30.21 23.54 4.18
C GLU C 383 -29.66 22.21 3.67
N VAL C 384 -28.76 21.60 4.42
CA VAL C 384 -28.37 20.24 4.13
C VAL C 384 -29.51 19.24 4.36
N ALA C 385 -30.22 19.32 5.49
CA ALA C 385 -31.34 18.43 5.80
C ALA C 385 -32.40 18.40 4.66
N ALA C 386 -32.70 19.61 4.17
CA ALA C 386 -33.79 19.81 3.26
C ALA C 386 -33.53 19.22 1.90
N LYS C 387 -32.29 19.03 1.52
CA LYS C 387 -31.96 18.21 0.35
C LYS C 387 -32.19 16.69 0.54
N GLU C 388 -32.10 16.15 1.76
CA GLU C 388 -32.31 14.70 1.84
C GLU C 388 -33.58 14.27 2.54
N PHE C 389 -34.37 15.22 3.01
CA PHE C 389 -35.63 14.86 3.62
C PHE C 389 -36.73 15.65 2.96
N GLU C 390 -37.83 14.99 2.68
CA GLU C 390 -38.93 15.64 2.01
C GLU C 390 -39.52 16.76 2.85
N LYS C 391 -39.55 16.55 4.17
CA LYS C 391 -40.15 17.49 5.09
C LYS C 391 -39.27 17.71 6.29
N VAL C 392 -38.77 18.93 6.42
CA VAL C 392 -37.94 19.32 7.57
C VAL C 392 -38.66 20.42 8.35
N ALA C 393 -38.64 20.34 9.68
CA ALA C 393 -39.17 21.45 10.55
C ALA C 393 -37.99 22.16 11.23
N VAL C 394 -38.00 23.49 11.26
CA VAL C 394 -37.01 24.23 12.04
C VAL C 394 -37.68 24.89 13.32
N TYR C 395 -37.11 24.61 14.50
CA TYR C 395 -37.59 25.18 15.79
C TYR C 395 -36.56 26.19 16.28
N MET C 396 -36.92 27.46 16.33
CA MET C 396 -35.91 28.49 16.58
C MET C 396 -36.34 29.35 17.75
N SER C 397 -35.37 29.65 18.60
CA SER C 397 -35.58 30.52 19.71
C SER C 397 -34.39 31.48 19.78
N SER C 398 -34.62 32.77 19.90
CA SER C 398 -33.53 33.75 20.02
C SER C 398 -33.94 34.74 21.11
N PHE C 399 -33.09 34.94 22.10
CA PHE C 399 -33.53 35.62 23.33
C PHE C 399 -32.33 36.27 24.00
N THR C 400 -32.62 37.28 24.83
CA THR C 400 -31.59 37.88 25.64
C THR C 400 -31.55 37.15 26.97
N PRO C 401 -30.38 36.52 27.27
CA PRO C 401 -30.30 35.75 28.49
C PRO C 401 -30.59 36.64 29.69
N LEU C 402 -31.11 36.04 30.77
CA LEU C 402 -31.50 36.78 32.00
C LEU C 402 -30.48 37.89 32.34
N MET C 403 -29.26 37.46 32.65
CA MET C 403 -28.19 38.31 33.12
C MET C 403 -27.91 39.51 32.24
N HIS C 404 -28.16 39.41 30.95
CA HIS C 404 -27.83 40.54 30.06
C HIS C 404 -28.93 41.55 29.98
N ASN C 405 -29.96 41.42 30.82
CA ASN C 405 -30.90 42.55 31.01
C ASN C 405 -30.30 43.58 31.96
N ILE C 406 -29.18 43.23 32.58
CA ILE C 406 -28.59 44.04 33.65
C ILE C 406 -27.11 44.32 33.36
N SER C 407 -26.43 43.41 32.64
CA SER C 407 -24.98 43.52 32.39
C SER C 407 -24.59 44.71 31.54
N GLY C 408 -25.51 45.22 30.72
CA GLY C 408 -25.14 46.22 29.74
C GLY C 408 -24.96 45.59 28.35
N SER C 409 -24.92 44.26 28.24
CA SER C 409 -24.58 43.61 26.94
C SER C 409 -25.83 43.08 26.24
N LYS C 410 -26.64 44.00 25.73
CA LYS C 410 -27.96 43.66 25.23
C LYS C 410 -27.86 43.01 23.88
N TYR C 411 -26.79 43.31 23.15
CA TYR C 411 -26.50 42.65 21.89
C TYR C 411 -26.28 41.12 22.04
N LYS C 412 -26.11 40.63 23.27
CA LYS C 412 -25.73 39.22 23.46
C LYS C 412 -26.96 38.28 23.39
N LYS C 413 -27.42 37.99 22.19
CA LYS C 413 -28.55 37.08 22.08
C LYS C 413 -28.05 35.65 22.05
N PHE C 414 -28.77 34.80 22.75
CA PHE C 414 -28.56 33.36 22.67
C PHE C 414 -29.53 32.81 21.61
N VAL C 415 -29.01 32.04 20.65
CA VAL C 415 -29.80 31.43 19.59
C VAL C 415 -29.81 29.90 19.82
N ALA C 416 -30.99 29.31 19.83
CA ALA C 416 -31.15 27.86 19.91
C ALA C 416 -32.06 27.37 18.84
N LYS C 417 -31.56 26.45 18.00
CA LYS C 417 -32.25 25.85 16.82
C LYS C 417 -32.24 24.32 16.84
N ILE C 418 -33.42 23.74 16.63
CA ILE C 418 -33.50 22.29 16.42
C ILE C 418 -34.02 22.05 15.03
N VAL C 419 -33.29 21.21 14.27
CA VAL C 419 -33.69 20.83 12.91
C VAL C 419 -34.24 19.39 12.96
N THR C 420 -35.48 19.17 12.50
CA THR C 420 -36.05 17.83 12.51
C THR C 420 -36.45 17.31 11.13
N ASN C 421 -36.56 16.00 11.05
CA ASN C 421 -37.29 15.32 9.96
C ASN C 421 -38.73 15.40 10.40
N HIS C 422 -39.51 16.30 9.78
CA HIS C 422 -40.89 16.51 10.21
C HIS C 422 -41.76 15.25 10.06
N SER C 423 -41.30 14.29 9.30
CA SER C 423 -42.21 13.18 9.06
C SER C 423 -42.22 12.21 10.24
N ASP C 424 -41.19 12.17 11.11
CA ASP C 424 -41.35 11.39 12.33
C ASP C 424 -40.86 12.07 13.59
N GLY C 425 -40.36 13.29 13.44
CA GLY C 425 -39.91 14.07 14.58
C GLY C 425 -38.44 13.91 14.94
N THR C 426 -37.73 13.05 14.21
CA THR C 426 -36.32 12.75 14.53
C THR C 426 -35.51 14.05 14.42
N VAL C 427 -34.68 14.33 15.42
CA VAL C 427 -33.76 15.50 15.40
C VAL C 427 -32.55 15.23 14.53
N LEU C 428 -32.30 16.13 13.60
CA LEU C 428 -31.24 15.97 12.64
C LEU C 428 -30.04 16.82 13.04
N GLY C 429 -30.28 17.88 13.78
CA GLY C 429 -29.24 18.86 14.08
C GLY C 429 -29.73 19.79 15.14
N VAL C 430 -28.80 20.28 15.98
CA VAL C 430 -29.04 21.24 16.97
C VAL C 430 -27.87 22.28 16.89
N HIS C 431 -28.17 23.58 16.86
CA HIS C 431 -27.13 24.62 16.64
C HIS C 431 -27.36 25.63 17.69
N LEU C 432 -26.34 25.89 18.52
CA LEU C 432 -26.41 26.93 19.61
C LEU C 432 -25.38 28.07 19.46
N LEU C 433 -25.79 29.30 19.78
CA LEU C 433 -24.88 30.42 19.89
C LEU C 433 -25.09 31.09 21.26
N GLY C 434 -24.03 31.35 22.01
CA GLY C 434 -24.19 32.06 23.31
C GLY C 434 -23.35 31.35 24.38
N ASP C 435 -23.07 32.03 25.50
CA ASP C 435 -22.17 31.50 26.52
C ASP C 435 -22.76 30.19 27.00
N GLY C 436 -21.90 29.21 27.26
CA GLY C 436 -22.39 27.89 27.64
C GLY C 436 -22.71 26.93 26.48
N ALA C 437 -22.80 27.44 25.24
CA ALA C 437 -23.13 26.56 24.15
C ALA C 437 -22.22 25.30 24.03
N PRO C 438 -20.88 25.44 24.13
CA PRO C 438 -19.98 24.24 24.02
C PRO C 438 -20.30 23.18 25.06
N GLU C 439 -20.71 23.65 26.25
CA GLU C 439 -20.96 22.83 27.38
C GLU C 439 -22.31 22.14 27.20
N ILE C 440 -23.29 22.88 26.69
CA ILE C 440 -24.63 22.39 26.52
C ILE C 440 -24.68 21.29 25.47
N ILE C 441 -23.98 21.52 24.36
CA ILE C 441 -24.08 20.67 23.21
C ILE C 441 -23.59 19.26 23.51
N GLN C 442 -22.65 19.10 24.45
CA GLN C 442 -22.06 17.78 24.69
C GLN C 442 -23.11 16.71 24.89
N ALA C 443 -24.00 16.86 25.87
CA ALA C 443 -25.07 15.87 26.05
C ALA C 443 -26.15 15.82 24.91
N VAL C 444 -26.26 16.91 24.15
CA VAL C 444 -27.08 16.86 22.96
C VAL C 444 -26.49 15.82 22.00
N GLY C 445 -25.17 15.67 22.02
CA GLY C 445 -24.52 14.70 21.15
C GLY C 445 -24.99 13.31 21.50
N VAL C 446 -25.24 13.11 22.79
CA VAL C 446 -25.70 11.79 23.22
C VAL C 446 -27.17 11.55 22.77
N CYS C 447 -27.99 12.61 22.91
CA CYS C 447 -29.35 12.68 22.40
C CYS C 447 -29.45 12.23 20.94
N LEU C 448 -28.60 12.75 20.07
CA LEU C 448 -28.75 12.36 18.67
C LEU C 448 -28.29 10.92 18.46
N ARG C 449 -27.20 10.53 19.12
CA ARG C 449 -26.82 9.13 19.13
C ARG C 449 -28.02 8.22 19.51
N LEU C 450 -28.91 8.67 20.43
CA LEU C 450 -30.11 7.91 20.75
C LEU C 450 -31.35 8.19 19.87
N ASN C 451 -31.16 8.93 18.76
CA ASN C 451 -32.31 9.24 17.84
C ASN C 451 -33.47 9.98 18.55
N ALA C 452 -33.15 10.85 19.52
CA ALA C 452 -34.13 11.74 20.10
C ALA C 452 -34.98 12.42 19.00
N LYS C 453 -36.27 12.59 19.32
CA LYS C 453 -37.21 13.34 18.49
C LYS C 453 -37.48 14.66 19.18
N ILE C 454 -38.10 15.58 18.48
CA ILE C 454 -38.42 16.84 19.09
C ILE C 454 -39.28 16.61 20.34
N SER C 455 -40.17 15.59 20.32
CA SER C 455 -41.01 15.40 21.50
C SER C 455 -40.24 14.99 22.77
N ASP C 456 -39.12 14.30 22.62
CA ASP C 456 -38.37 13.91 23.79
C ASP C 456 -37.69 15.13 24.44
N PHE C 457 -37.29 16.08 23.62
CA PHE C 457 -36.77 17.33 24.13
C PHE C 457 -37.90 18.11 24.84
N TYR C 458 -39.03 18.32 24.14
CA TYR C 458 -40.18 19.05 24.66
CA TYR C 458 -40.10 19.11 24.76
C TYR C 458 -40.74 18.46 25.97
N ASN C 459 -40.82 17.12 25.97
CA ASN C 459 -41.34 16.42 27.12
C ASN C 459 -40.46 16.50 28.35
N THR C 460 -39.17 16.79 28.13
CA THR C 460 -38.25 16.90 29.22
C THR C 460 -38.45 18.23 29.90
N ILE C 461 -38.49 18.14 31.24
CA ILE C 461 -38.64 19.31 32.12
C ILE C 461 -37.40 20.24 32.16
N GLY C 462 -37.64 21.52 31.87
CA GLY C 462 -36.59 22.51 31.90
C GLY C 462 -35.89 22.63 33.23
N VAL C 463 -34.61 23.02 33.17
CA VAL C 463 -33.84 23.47 34.32
C VAL C 463 -33.91 25.01 34.23
N HIS C 464 -34.42 25.67 35.29
CA HIS C 464 -34.71 27.09 35.30
C HIS C 464 -34.01 27.81 36.44
N PRO C 465 -33.41 28.99 36.17
CA PRO C 465 -33.23 29.64 34.87
C PRO C 465 -31.91 29.21 34.19
N THR C 466 -31.93 28.79 32.93
CA THR C 466 -30.69 28.52 32.16
C THR C 466 -30.96 28.91 30.74
N SER C 467 -29.91 29.06 29.92
CA SER C 467 -30.11 29.05 28.48
C SER C 467 -30.56 27.71 27.90
N ALA C 468 -29.98 26.62 28.41
CA ALA C 468 -30.26 25.29 27.95
C ALA C 468 -31.74 24.93 27.91
N GLU C 469 -32.50 25.40 28.90
CA GLU C 469 -33.93 24.95 28.98
C GLU C 469 -34.72 25.37 27.74
N GLU C 470 -34.21 26.38 27.06
CA GLU C 470 -34.92 26.82 25.86
C GLU C 470 -35.06 25.65 24.84
N LEU C 471 -34.12 24.68 24.86
CA LEU C 471 -34.15 23.51 23.95
C LEU C 471 -35.30 22.59 24.27
N CYS C 472 -35.83 22.70 25.46
CA CYS C 472 -36.88 21.84 25.98
C CYS C 472 -38.20 22.60 26.11
N SER C 473 -38.30 23.77 25.46
CA SER C 473 -39.48 24.58 25.60
C SER C 473 -40.12 24.91 24.25
N MET C 474 -39.69 24.26 23.16
CA MET C 474 -40.18 24.53 21.83
C MET C 474 -41.00 23.37 21.23
N ARG C 475 -42.23 23.64 20.83
CA ARG C 475 -43.09 22.52 20.41
C ARG C 475 -43.64 22.74 19.02
N THR C 476 -43.51 23.98 18.57
CA THR C 476 -44.12 24.45 17.35
C THR C 476 -43.05 24.96 16.43
N PRO C 477 -42.93 24.32 15.25
CA PRO C 477 -41.94 24.77 14.29
C PRO C 477 -42.06 26.28 14.02
N SER C 478 -40.94 26.97 13.86
CA SER C 478 -40.97 28.32 13.32
C SER C 478 -41.24 28.26 11.82
N TYR C 479 -40.73 27.25 11.12
CA TYR C 479 -40.93 27.15 9.68
C TYR C 479 -40.49 25.83 9.16
N TYR C 480 -40.67 25.60 7.86
CA TYR C 480 -40.37 24.29 7.29
C TYR C 480 -39.68 24.35 5.95
N TYR C 481 -39.19 23.19 5.52
CA TYR C 481 -38.71 22.97 4.19
C TYR C 481 -39.52 21.81 3.65
N VAL C 482 -40.23 22.02 2.54
CA VAL C 482 -41.01 20.97 1.90
C VAL C 482 -40.48 20.88 0.50
N LYS C 483 -39.92 19.72 0.19
CA LYS C 483 -39.23 19.53 -1.07
C LYS C 483 -38.18 20.60 -1.38
N GLY C 484 -37.40 20.98 -0.38
CA GLY C 484 -36.31 21.92 -0.57
C GLY C 484 -36.75 23.36 -0.41
N GLU C 485 -38.06 23.60 -0.36
CA GLU C 485 -38.58 24.95 -0.35
C GLU C 485 -38.93 25.41 1.05
N LYS C 486 -38.33 26.53 1.43
CA LYS C 486 -38.54 27.13 2.73
C LYS C 486 -39.95 27.77 2.80
N MET C 487 -40.71 27.55 3.89
CA MET C 487 -42.01 28.20 4.02
C MET C 487 -42.51 28.16 5.45
N GLU C 488 -43.22 29.19 5.84
CA GLU C 488 -43.64 29.30 7.22
C GLU C 488 -44.63 28.21 7.67
N LYS C 489 -45.48 27.79 6.75
CA LYS C 489 -46.62 26.96 7.09
C LYS C 489 -46.66 25.78 6.19
N LEU C 490 -47.02 24.61 6.72
CA LEU C 490 -47.18 23.42 5.88
C LEU C 490 -48.37 23.66 4.95
N PRO C 491 -48.28 23.20 3.69
CA PRO C 491 -49.46 23.43 2.82
C PRO C 491 -50.66 22.60 3.32
N ASP C 492 -51.80 23.29 3.53
CA ASP C 492 -53.07 22.68 3.98
C ASP C 492 -53.95 22.37 2.77
N SER D 5 -70.68 38.94 39.94
CA SER D 5 -71.36 37.67 39.56
C SER D 5 -70.95 37.13 38.13
N LYS D 6 -69.79 37.59 37.64
CA LYS D 6 -69.26 37.22 36.33
C LYS D 6 -68.85 35.73 36.26
N ALA D 7 -69.21 35.04 35.16
CA ALA D 7 -68.96 33.59 35.03
C ALA D 7 -67.75 33.30 34.15
N PHE D 8 -66.99 32.28 34.49
CA PHE D 8 -65.75 31.97 33.77
C PHE D 8 -65.66 30.47 33.59
N ASP D 9 -65.00 30.01 32.52
CA ASP D 9 -64.74 28.57 32.41
C ASP D 9 -63.79 28.15 33.53
N LEU D 10 -62.82 29.03 33.80
CA LEU D 10 -61.69 28.70 34.70
C LEU D 10 -61.38 29.87 35.60
N VAL D 11 -61.31 29.58 36.88
CA VAL D 11 -60.80 30.56 37.82
C VAL D 11 -59.53 29.98 38.49
N VAL D 12 -58.43 30.71 38.36
CA VAL D 12 -57.13 30.37 38.96
C VAL D 12 -56.86 31.31 40.14
N ILE D 13 -56.62 30.70 41.30
CA ILE D 13 -56.13 31.41 42.45
C ILE D 13 -54.60 31.25 42.47
N GLY D 14 -53.92 32.34 42.11
CA GLY D 14 -52.50 32.42 42.19
C GLY D 14 -51.91 32.63 40.82
N ALA D 15 -51.35 33.83 40.62
CA ALA D 15 -50.85 34.20 39.34
C ALA D 15 -49.36 33.86 39.25
N GLY D 16 -49.01 32.61 39.56
CA GLY D 16 -47.60 32.24 39.55
C GLY D 16 -47.22 31.38 38.35
N SER D 17 -46.15 30.62 38.47
CA SER D 17 -45.73 29.76 37.37
C SER D 17 -46.83 28.79 36.96
N GLY D 18 -47.38 28.05 37.90
CA GLY D 18 -48.38 27.02 37.52
C GLY D 18 -49.68 27.66 37.05
N GLY D 19 -50.14 28.67 37.79
CA GLY D 19 -51.38 29.37 37.50
C GLY D 19 -51.38 30.17 36.20
N LEU D 20 -50.35 30.96 35.98
CA LEU D 20 -50.23 31.62 34.71
C LEU D 20 -50.13 30.66 33.51
N GLU D 21 -49.39 29.57 33.64
CA GLU D 21 -49.25 28.64 32.51
C GLU D 21 -50.66 28.05 32.17
N ALA D 22 -51.40 27.64 33.21
CA ALA D 22 -52.77 27.13 33.06
C ALA D 22 -53.71 28.17 32.50
N GLY D 23 -53.63 29.38 33.00
CA GLY D 23 -54.54 30.44 32.58
C GLY D 23 -54.37 30.85 31.13
N TRP D 24 -53.09 31.05 30.72
CA TRP D 24 -52.75 31.47 29.37
C TRP D 24 -53.13 30.39 28.36
N ASN D 25 -52.83 29.14 28.68
CA ASN D 25 -53.15 28.02 27.80
C ASN D 25 -54.65 27.85 27.61
N ALA D 26 -55.41 27.94 28.69
CA ALA D 26 -56.86 27.80 28.58
C ALA D 26 -57.46 28.91 27.71
N ALA D 27 -57.04 30.17 27.90
CA ALA D 27 -57.55 31.30 27.08
C ALA D 27 -57.06 31.25 25.61
N THR D 28 -55.78 30.91 25.40
CA THR D 28 -55.22 31.03 24.10
C THR D 28 -55.29 29.76 23.32
N LEU D 29 -55.05 28.62 23.96
CA LEU D 29 -55.11 27.37 23.20
C LEU D 29 -56.54 26.92 23.03
N TYR D 30 -57.40 27.23 24.02
CA TYR D 30 -58.73 26.60 24.05
C TYR D 30 -59.93 27.55 23.94
N GLY D 31 -59.68 28.86 23.86
CA GLY D 31 -60.76 29.83 23.77
C GLY D 31 -61.60 29.95 25.06
N LYS D 32 -61.11 29.41 26.18
CA LYS D 32 -61.88 29.53 27.43
C LYS D 32 -61.83 30.93 27.99
N ARG D 33 -62.80 31.24 28.85
CA ARG D 33 -62.86 32.53 29.55
C ARG D 33 -62.27 32.30 30.96
N VAL D 34 -61.28 33.13 31.30
CA VAL D 34 -60.35 32.82 32.41
C VAL D 34 -60.16 33.99 33.33
N ALA D 35 -60.32 33.71 34.63
CA ALA D 35 -60.01 34.69 35.67
C ALA D 35 -58.82 34.20 36.48
N VAL D 36 -57.88 35.11 36.75
CA VAL D 36 -56.71 34.83 37.57
C VAL D 36 -56.62 35.89 38.68
N VAL D 37 -56.51 35.43 39.93
CA VAL D 37 -56.44 36.28 41.12
C VAL D 37 -55.03 36.24 41.78
N ASP D 38 -54.52 37.42 42.18
CA ASP D 38 -53.31 37.45 42.98
C ASP D 38 -53.33 38.72 43.83
N VAL D 39 -52.42 38.82 44.81
CA VAL D 39 -52.55 39.83 45.88
C VAL D 39 -51.86 41.17 45.63
N GLN D 40 -51.07 41.24 44.55
CA GLN D 40 -50.21 42.38 44.31
C GLN D 40 -49.86 42.22 42.87
N THR D 41 -49.64 43.37 42.22
CA THR D 41 -49.32 43.43 40.80
C THR D 41 -47.81 43.53 40.48
N SER D 42 -46.97 43.87 41.45
CA SER D 42 -45.52 43.78 41.26
C SER D 42 -44.78 43.49 42.57
N HIS D 43 -43.50 43.22 42.46
CA HIS D 43 -42.75 42.55 43.51
C HIS D 43 -42.67 43.33 44.79
N GLY D 44 -42.39 42.63 45.88
CA GLY D 44 -41.81 43.27 47.08
C GLY D 44 -42.81 43.44 48.20
N PRO D 45 -42.40 44.08 49.29
CA PRO D 45 -43.24 44.18 50.48
C PRO D 45 -44.51 44.96 50.10
N PRO D 46 -45.69 44.56 50.63
CA PRO D 46 -45.82 43.63 51.76
C PRO D 46 -46.01 42.15 51.47
N PHE D 47 -46.50 41.77 50.30
CA PHE D 47 -46.81 40.33 50.11
C PHE D 47 -45.74 39.54 49.31
N TYR D 48 -44.72 40.26 48.84
CA TYR D 48 -43.51 39.71 48.23
C TYR D 48 -43.72 39.10 46.85
N ALA D 49 -44.43 37.95 46.79
CA ALA D 49 -44.90 37.37 45.55
C ALA D 49 -45.98 38.24 44.94
N ALA D 50 -46.24 38.08 43.67
CA ALA D 50 -47.16 39.01 43.02
C ALA D 50 -47.37 38.42 41.65
N LEU D 51 -47.90 39.22 40.73
CA LEU D 51 -48.00 38.83 39.32
C LEU D 51 -46.71 38.16 38.81
N GLY D 52 -46.77 36.87 38.49
CA GLY D 52 -45.57 36.15 38.01
C GLY D 52 -44.99 35.23 39.06
N GLY D 53 -45.39 35.41 40.30
CA GLY D 53 -45.20 34.34 41.23
C GLY D 53 -43.96 34.48 42.07
N THR D 54 -43.60 33.40 42.70
CA THR D 54 -42.38 33.37 43.43
C THR D 54 -41.18 33.45 42.46
N CYS D 55 -41.24 32.72 41.36
CA CYS D 55 -40.19 32.67 40.32
C CYS D 55 -39.76 34.07 39.87
N VAL D 56 -40.70 34.89 39.44
CA VAL D 56 -40.40 36.21 38.98
C VAL D 56 -39.98 37.16 40.10
N ASN D 57 -40.65 37.01 41.24
CA ASN D 57 -40.66 38.10 42.24
C ASN D 57 -39.68 37.92 43.37
N VAL D 58 -39.62 36.69 43.91
CA VAL D 58 -38.76 36.43 45.09
C VAL D 58 -38.21 35.02 45.05
N GLY D 59 -37.72 34.64 43.85
CA GLY D 59 -37.26 33.30 43.64
C GLY D 59 -36.30 33.21 42.47
N CYS D 60 -36.62 32.36 41.48
CA CYS D 60 -35.60 31.93 40.49
C CYS D 60 -34.86 33.11 39.87
N VAL D 61 -35.63 34.06 39.40
CA VAL D 61 -35.15 35.16 38.57
C VAL D 61 -34.24 36.11 39.38
N PRO D 62 -34.72 36.72 40.50
CA PRO D 62 -33.81 37.65 41.23
C PRO D 62 -32.68 36.87 41.85
N LYS D 63 -32.93 35.62 42.34
CA LYS D 63 -31.86 34.82 42.91
C LYS D 63 -30.77 34.60 41.89
N LYS D 64 -31.16 34.25 40.67
CA LYS D 64 -30.16 33.96 39.58
C LYS D 64 -29.36 35.26 39.24
N LEU D 65 -30.07 36.37 39.21
CA LEU D 65 -29.38 37.65 38.91
C LEU D 65 -28.40 37.95 39.99
N MET D 66 -28.80 37.77 41.23
CA MET D 66 -27.88 38.02 42.36
C MET D 66 -26.74 37.02 42.50
N VAL D 67 -26.95 35.74 42.20
CA VAL D 67 -25.78 34.82 42.15
C VAL D 67 -24.85 35.21 41.01
N THR D 68 -25.40 35.62 39.87
CA THR D 68 -24.56 36.08 38.79
C THR D 68 -23.66 37.24 39.29
N GLY D 69 -24.24 38.16 40.05
CA GLY D 69 -23.46 39.27 40.59
C GLY D 69 -22.35 38.76 41.47
N ALA D 70 -22.69 37.80 42.31
CA ALA D 70 -21.74 37.32 43.32
C ALA D 70 -20.53 36.65 42.64
N GLN D 71 -20.76 36.01 41.48
CA GLN D 71 -19.67 35.32 40.72
C GLN D 71 -18.54 36.30 40.36
N TYR D 72 -18.85 37.60 40.16
CA TYR D 72 -17.79 38.57 39.83
C TYR D 72 -16.72 38.65 40.95
N MET D 73 -17.07 38.39 42.21
CA MET D 73 -15.98 38.32 43.23
C MET D 73 -14.87 37.42 42.71
N ASP D 74 -15.28 36.28 42.19
CA ASP D 74 -14.33 35.29 41.64
C ASP D 74 -13.72 35.76 40.36
N HIS D 75 -14.55 36.18 39.42
CA HIS D 75 -14.00 36.63 38.16
C HIS D 75 -12.90 37.69 38.36
N LEU D 76 -13.08 38.64 39.26
CA LEU D 76 -12.15 39.79 39.27
C LEU D 76 -10.81 39.31 39.77
N ARG D 77 -10.84 38.45 40.80
CA ARG D 77 -9.63 37.83 41.30
C ARG D 77 -8.97 36.93 40.23
N GLU D 78 -9.73 36.03 39.61
CA GLU D 78 -9.14 35.01 38.71
C GLU D 78 -8.60 35.62 37.44
N SER D 79 -9.08 36.82 37.11
CA SER D 79 -8.60 37.56 35.93
C SER D 79 -7.10 37.80 36.02
N ALA D 80 -6.59 38.05 37.23
CA ALA D 80 -5.17 38.41 37.32
C ALA D 80 -4.26 37.28 36.70
N GLY D 81 -4.71 36.01 36.82
CA GLY D 81 -3.87 34.88 36.35
C GLY D 81 -3.74 34.86 34.82
N PHE D 82 -4.61 35.60 34.15
CA PHE D 82 -4.59 35.73 32.72
C PHE D 82 -4.07 37.13 32.29
N GLY D 83 -3.35 37.83 33.18
CA GLY D 83 -2.58 39.06 32.82
C GLY D 83 -3.40 40.33 32.93
N TRP D 84 -4.62 40.22 33.45
CA TRP D 84 -5.44 41.45 33.73
C TRP D 84 -4.90 42.19 34.93
N GLU D 85 -4.68 43.51 34.84
CA GLU D 85 -4.07 44.27 35.96
C GLU D 85 -5.00 45.40 36.19
N PHE D 86 -5.30 45.68 37.45
CA PHE D 86 -6.10 46.85 37.81
C PHE D 86 -5.87 47.09 39.28
N ASP D 87 -6.33 48.25 39.73
CA ASP D 87 -6.12 48.63 41.13
C ASP D 87 -7.02 47.79 42.05
N GLY D 88 -6.45 46.75 42.66
CA GLY D 88 -7.29 45.88 43.50
C GLY D 88 -7.87 46.54 44.78
N SER D 89 -7.13 47.49 45.33
CA SER D 89 -7.57 48.24 46.49
C SER D 89 -8.80 49.15 46.16
N SER D 90 -9.11 49.40 44.87
CA SER D 90 -10.33 50.17 44.51
C SER D 90 -11.63 49.34 44.37
N VAL D 91 -11.55 48.01 44.48
CA VAL D 91 -12.75 47.15 44.33
C VAL D 91 -13.75 47.28 45.52
N LYS D 92 -15.02 47.53 45.21
CA LYS D 92 -16.07 47.42 46.20
C LYS D 92 -17.29 46.79 45.54
N ALA D 93 -17.98 45.93 46.29
CA ALA D 93 -19.22 45.33 45.88
C ALA D 93 -20.38 46.17 46.43
N ASN D 94 -21.06 46.90 45.54
CA ASN D 94 -22.15 47.80 45.89
C ASN D 94 -23.48 47.01 45.86
N TRP D 95 -23.95 46.61 47.03
CA TRP D 95 -25.19 45.92 47.20
C TRP D 95 -26.42 46.75 46.78
N LYS D 96 -26.43 48.03 47.13
CA LYS D 96 -27.61 48.88 46.79
C LYS D 96 -27.82 48.95 45.29
N LYS D 97 -26.75 49.04 44.54
CA LYS D 97 -26.87 48.96 43.10
C LYS D 97 -27.38 47.61 42.62
N LEU D 98 -26.87 46.50 43.22
CA LEU D 98 -27.33 45.18 42.83
C LEU D 98 -28.85 45.13 43.01
N ILE D 99 -29.32 45.58 44.15
CA ILE D 99 -30.70 45.40 44.53
C ILE D 99 -31.55 46.26 43.61
N ALA D 100 -31.08 47.48 43.32
CA ALA D 100 -31.82 48.38 42.41
C ALA D 100 -31.91 47.81 40.99
N ALA D 101 -30.81 47.31 40.48
CA ALA D 101 -30.81 46.72 39.15
C ALA D 101 -31.73 45.50 39.17
N LYS D 102 -31.64 44.64 40.18
CA LYS D 102 -32.60 43.51 40.26
C LYS D 102 -34.07 43.97 40.34
N ASN D 103 -34.37 44.97 41.18
CA ASN D 103 -35.73 45.55 41.26
C ASN D 103 -36.29 45.98 39.95
N GLU D 104 -35.51 46.76 39.23
CA GLU D 104 -35.91 47.25 37.92
C GLU D 104 -36.18 46.10 36.91
N ALA D 105 -35.33 45.09 36.87
CA ALA D 105 -35.57 43.98 35.93
C ALA D 105 -36.78 43.13 36.33
N VAL D 106 -36.95 42.91 37.62
CA VAL D 106 -38.20 42.28 38.08
C VAL D 106 -39.45 43.14 37.80
N LEU D 107 -39.35 44.44 38.01
CA LEU D 107 -40.49 45.32 37.69
C LEU D 107 -40.83 45.24 36.21
N ASP D 108 -39.81 45.16 35.34
CA ASP D 108 -40.06 45.01 33.89
C ASP D 108 -40.86 43.73 33.63
N ILE D 109 -40.45 42.62 34.26
CA ILE D 109 -41.21 41.39 34.09
C ILE D 109 -42.68 41.50 34.55
N ASN D 110 -42.91 42.05 35.75
CA ASN D 110 -44.28 42.31 36.25
C ASN D 110 -45.13 43.10 35.23
N LYS D 111 -44.61 44.18 34.69
CA LYS D 111 -45.36 45.02 33.73
C LYS D 111 -45.65 44.23 32.42
N SER D 112 -44.76 43.29 32.11
CA SER D 112 -44.93 42.55 30.91
C SER D 112 -45.97 41.42 31.15
N TYR D 113 -46.09 40.94 32.38
CA TYR D 113 -47.26 40.10 32.65
C TYR D 113 -48.58 40.89 32.70
N GLU D 114 -48.55 42.12 33.22
CA GLU D 114 -49.68 43.07 33.07
C GLU D 114 -50.06 43.28 31.59
N GLY D 115 -49.08 43.57 30.75
CA GLY D 115 -49.24 43.64 29.32
C GLY D 115 -49.96 42.41 28.76
N MET D 116 -49.55 41.22 29.18
CA MET D 116 -50.20 39.99 28.72
C MET D 116 -51.71 39.91 29.04
N PHE D 117 -52.08 40.22 30.28
CA PHE D 117 -53.50 40.26 30.63
C PHE D 117 -54.28 41.27 29.77
N ASN D 118 -53.79 42.49 29.68
CA ASN D 118 -54.42 43.55 28.89
C ASN D 118 -54.58 43.16 27.38
N ASP D 119 -53.60 42.45 26.81
CA ASP D 119 -53.60 42.14 25.37
C ASP D 119 -54.24 40.77 25.03
N THR D 120 -54.70 40.04 26.05
CA THR D 120 -55.29 38.73 25.77
C THR D 120 -56.77 38.69 26.16
N GLU D 121 -57.60 38.36 25.17
CA GLU D 121 -59.06 38.26 25.36
C GLU D 121 -59.46 36.98 26.10
N GLY D 122 -60.31 37.13 27.10
CA GLY D 122 -60.80 35.98 27.89
C GLY D 122 -59.79 35.54 28.96
N LEU D 123 -58.84 36.45 29.22
CA LEU D 123 -57.84 36.29 30.30
C LEU D 123 -57.89 37.53 31.11
N ASP D 124 -58.57 37.45 32.25
CA ASP D 124 -58.68 38.60 33.15
C ASP D 124 -58.05 38.44 34.53
N PHE D 125 -57.54 39.55 35.06
CA PHE D 125 -56.79 39.56 36.32
C PHE D 125 -57.55 40.31 37.38
N PHE D 126 -57.61 39.73 38.57
CA PHE D 126 -58.28 40.36 39.69
C PHE D 126 -57.34 40.44 40.88
N LEU D 127 -57.20 41.68 41.34
CA LEU D 127 -56.38 41.95 42.45
C LEU D 127 -57.16 41.63 43.73
N GLY D 128 -56.58 40.74 44.56
CA GLY D 128 -57.07 40.53 45.90
C GLY D 128 -56.74 39.14 46.42
N TRP D 129 -57.49 38.77 47.44
CA TRP D 129 -57.27 37.53 48.16
C TRP D 129 -58.40 36.58 47.79
N GLY D 130 -58.08 35.57 47.02
CA GLY D 130 -59.07 34.58 46.67
C GLY D 130 -59.23 33.44 47.66
N SER D 131 -60.48 33.07 47.93
CA SER D 131 -60.78 31.84 48.65
C SER D 131 -62.04 31.24 48.09
N LEU D 132 -62.28 30.01 48.50
CA LEU D 132 -63.45 29.22 48.13
C LEU D 132 -64.67 29.60 48.98
N GLU D 133 -65.69 30.21 48.37
CA GLU D 133 -66.97 30.33 49.09
C GLU D 133 -67.83 29.04 48.96
N SER D 134 -67.81 28.41 47.79
CA SER D 134 -68.51 27.12 47.53
C SER D 134 -67.93 26.54 46.24
N LYS D 135 -68.29 25.27 45.99
CA LYS D 135 -67.91 24.46 44.83
C LYS D 135 -67.56 25.23 43.56
N ASN D 136 -68.36 26.26 43.25
CA ASN D 136 -68.27 27.00 41.98
C ASN D 136 -68.17 28.49 42.15
N VAL D 137 -67.85 28.90 43.36
CA VAL D 137 -67.70 30.31 43.65
C VAL D 137 -66.38 30.65 44.35
N VAL D 138 -65.53 31.39 43.64
CA VAL D 138 -64.35 31.92 44.26
C VAL D 138 -64.64 33.32 44.74
N VAL D 139 -64.41 33.59 46.03
CA VAL D 139 -64.53 34.98 46.50
C VAL D 139 -63.22 35.73 46.54
N VAL D 140 -63.22 36.96 46.05
CA VAL D 140 -62.07 37.83 46.17
C VAL D 140 -62.31 38.91 47.24
N ARG D 141 -61.47 38.92 48.28
CA ARG D 141 -61.58 39.88 49.39
C ARG D 141 -60.43 40.87 49.39
N GLU D 142 -60.56 41.91 50.21
CA GLU D 142 -59.54 42.95 50.40
C GLU D 142 -58.27 42.45 51.08
N THR D 143 -58.40 41.57 52.07
CA THR D 143 -57.20 41.06 52.77
C THR D 143 -57.33 39.57 52.99
N ALA D 144 -56.26 38.97 53.57
CA ALA D 144 -56.19 37.56 53.96
C ALA D 144 -57.26 37.11 54.97
N ASP D 145 -57.72 38.10 55.75
CA ASP D 145 -58.79 37.99 56.73
C ASP D 145 -60.14 37.73 56.01
N PRO D 146 -60.77 36.57 56.28
CA PRO D 146 -62.03 36.24 55.59
C PRO D 146 -63.22 37.20 55.95
N LYS D 147 -63.04 38.03 56.98
CA LYS D 147 -64.08 38.97 57.39
C LYS D 147 -63.93 40.33 56.70
N SER D 148 -62.86 40.49 55.91
CA SER D 148 -62.60 41.73 55.14
C SER D 148 -63.64 41.89 54.02
N ALA D 149 -63.76 43.09 53.46
CA ALA D 149 -64.80 43.37 52.46
C ALA D 149 -64.61 42.57 51.17
N VAL D 150 -65.72 42.26 50.51
CA VAL D 150 -65.71 41.51 49.28
C VAL D 150 -65.46 42.46 48.11
N LYS D 151 -64.60 42.03 47.18
CA LYS D 151 -64.31 42.84 46.00
C LYS D 151 -65.00 42.27 44.76
N GLU D 152 -65.07 40.95 44.66
CA GLU D 152 -65.66 40.27 43.50
C GLU D 152 -66.08 38.89 43.98
N ARG D 153 -66.96 38.26 43.21
CA ARG D 153 -67.38 36.86 43.43
C ARG D 153 -67.40 36.32 42.03
N LEU D 154 -66.52 35.36 41.77
CA LEU D 154 -66.31 34.87 40.44
C LEU D 154 -66.92 33.50 40.44
N GLN D 155 -67.77 33.18 39.46
CA GLN D 155 -68.22 31.81 39.40
C GLN D 155 -67.48 31.06 38.31
N ALA D 156 -67.53 29.74 38.43
CA ALA D 156 -66.44 28.96 37.90
C ALA D 156 -66.96 27.60 37.62
N ASP D 157 -66.85 27.18 36.37
CA ASP D 157 -67.09 25.75 36.07
C ASP D 157 -65.97 24.93 36.72
N HIS D 158 -64.74 25.50 36.68
CA HIS D 158 -63.46 24.87 37.09
C HIS D 158 -62.60 25.85 37.88
N ILE D 159 -62.02 25.33 38.96
CA ILE D 159 -61.27 26.16 39.90
C ILE D 159 -59.92 25.51 40.08
N LEU D 160 -58.90 26.35 39.86
CA LEU D 160 -57.51 25.93 40.01
C LEU D 160 -56.85 26.66 41.18
N LEU D 161 -56.35 25.86 42.14
CA LEU D 161 -55.61 26.32 43.31
C LEU D 161 -54.09 26.30 43.02
N ALA D 162 -53.47 27.49 42.90
CA ALA D 162 -52.03 27.57 42.56
C ALA D 162 -51.34 28.68 43.37
N THR D 163 -51.59 28.65 44.66
CA THR D 163 -51.08 29.64 45.59
C THR D 163 -49.66 29.38 46.12
N GLY D 164 -49.00 28.32 45.65
CA GLY D 164 -47.58 28.11 45.98
C GLY D 164 -47.30 27.84 47.43
N SER D 165 -46.14 28.29 47.90
CA SER D 165 -45.63 27.94 49.22
C SER D 165 -45.12 29.16 49.94
N TRP D 166 -44.50 28.98 51.11
CA TRP D 166 -44.15 30.12 51.93
C TRP D 166 -43.06 29.70 52.87
N PRO D 167 -42.14 30.64 53.25
CA PRO D 167 -41.07 30.18 54.16
C PRO D 167 -41.53 29.61 55.53
N GLN D 168 -40.98 28.47 55.90
CA GLN D 168 -41.29 27.89 57.21
C GLN D 168 -40.29 28.54 58.20
N MET D 169 -40.82 28.87 59.37
CA MET D 169 -40.06 29.51 60.45
C MET D 169 -40.27 28.63 61.67
N PRO D 170 -39.18 28.15 62.29
CA PRO D 170 -39.33 27.29 63.47
C PRO D 170 -39.84 28.12 64.64
N ALA D 171 -40.45 27.46 65.60
CA ALA D 171 -41.13 28.11 66.71
C ALA D 171 -40.15 28.19 67.84
N ILE D 172 -39.16 29.08 67.72
CA ILE D 172 -38.18 29.27 68.75
C ILE D 172 -38.39 30.63 69.35
N PRO D 173 -37.98 30.81 70.60
CA PRO D 173 -38.07 32.12 71.18
C PRO D 173 -37.22 33.12 70.36
N GLY D 174 -37.79 34.25 69.98
CA GLY D 174 -37.04 35.22 69.22
C GLY D 174 -37.10 35.08 67.71
N ILE D 175 -37.97 34.21 67.19
CA ILE D 175 -38.01 33.96 65.73
C ILE D 175 -38.38 35.27 65.01
N GLU D 176 -39.10 36.16 65.73
CA GLU D 176 -39.47 37.42 65.13
C GLU D 176 -38.24 38.30 64.84
N HIS D 177 -37.05 37.94 65.33
CA HIS D 177 -35.87 38.74 64.97
C HIS D 177 -35.12 38.17 63.75
N CYS D 178 -35.68 37.11 63.17
CA CYS D 178 -35.06 36.43 62.01
C CYS D 178 -35.71 36.85 60.72
N ILE D 179 -35.08 36.60 59.57
CA ILE D 179 -35.78 36.85 58.33
C ILE D 179 -35.83 35.55 57.55
N SER D 180 -36.55 35.63 56.43
CA SER D 180 -36.59 34.57 55.45
C SER D 180 -35.96 35.10 54.14
N SER D 181 -36.02 34.30 53.07
CA SER D 181 -35.50 34.78 51.78
C SER D 181 -36.30 36.03 51.29
N ASN D 182 -37.57 36.18 51.68
CA ASN D 182 -38.39 37.28 51.21
C ASN D 182 -37.70 38.60 51.56
N GLU D 183 -37.26 38.71 52.82
CA GLU D 183 -36.69 39.96 53.31
C GLU D 183 -35.29 40.09 52.81
N ALA D 184 -34.64 38.93 52.58
CA ALA D 184 -33.27 38.94 52.04
C ALA D 184 -33.18 39.70 50.72
N PHE D 185 -34.18 39.55 49.88
CA PHE D 185 -34.17 40.29 48.61
C PHE D 185 -34.29 41.78 48.76
N TYR D 186 -34.64 42.29 49.94
CA TYR D 186 -34.72 43.73 50.09
C TYR D 186 -33.83 44.30 51.18
N LEU D 187 -32.88 43.56 51.72
CA LEU D 187 -32.10 44.19 52.77
C LEU D 187 -31.51 45.54 52.25
N PRO D 188 -31.58 46.61 53.06
CA PRO D 188 -30.99 47.89 52.56
C PRO D 188 -29.48 47.89 52.47
N GLU D 189 -28.82 47.10 53.33
CA GLU D 189 -27.36 47.02 53.33
C GLU D 189 -26.99 45.53 53.38
N PRO D 190 -25.82 45.16 52.87
CA PRO D 190 -25.46 43.78 52.99
C PRO D 190 -24.94 43.50 54.42
N PRO D 191 -25.30 42.37 55.01
CA PRO D 191 -24.92 42.15 56.41
C PRO D 191 -23.41 41.92 56.47
N ARG D 192 -22.80 42.45 57.51
CA ARG D 192 -21.42 42.21 57.79
C ARG D 192 -21.26 40.81 58.32
N ARG D 193 -22.11 40.44 59.24
CA ARG D 193 -22.13 39.10 59.74
C ARG D 193 -23.52 38.56 59.49
N VAL D 194 -23.60 37.40 58.82
CA VAL D 194 -24.91 36.81 58.57
C VAL D 194 -24.90 35.30 58.87
N LEU D 195 -25.96 34.83 59.55
CA LEU D 195 -26.18 33.39 59.75
C LEU D 195 -27.25 32.89 58.83
N THR D 196 -26.94 31.99 57.86
CA THR D 196 -27.97 31.31 57.09
C THR D 196 -28.28 29.96 57.75
N VAL D 197 -29.58 29.73 58.05
CA VAL D 197 -29.94 28.57 58.87
C VAL D 197 -30.62 27.54 57.98
N GLY D 198 -29.94 26.40 57.83
CA GLY D 198 -30.41 25.35 56.87
C GLY D 198 -29.29 24.87 55.93
N GLY D 199 -29.39 23.60 55.50
CA GLY D 199 -28.36 23.01 54.62
C GLY D 199 -28.87 22.66 53.23
N GLY D 200 -29.94 23.31 52.81
CA GLY D 200 -30.57 23.05 51.52
C GLY D 200 -30.37 24.19 50.55
N PHE D 201 -31.18 24.22 49.49
CA PHE D 201 -30.99 25.17 48.34
C PHE D 201 -30.83 26.61 48.76
N ILE D 202 -31.80 27.09 49.52
CA ILE D 202 -31.88 28.52 49.74
C ILE D 202 -30.73 29.03 50.61
N SER D 203 -30.39 28.26 51.63
CA SER D 203 -29.33 28.64 52.56
C SER D 203 -27.98 28.65 51.84
N VAL D 204 -27.77 27.65 50.98
CA VAL D 204 -26.50 27.56 50.28
C VAL D 204 -26.41 28.66 49.24
N GLU D 205 -27.48 28.87 48.49
CA GLU D 205 -27.47 29.90 47.45
C GLU D 205 -27.24 31.25 48.04
N PHE D 206 -27.97 31.59 49.12
CA PHE D 206 -27.80 32.92 49.70
C PHE D 206 -26.50 33.08 50.44
N ALA D 207 -26.01 32.00 51.04
CA ALA D 207 -24.69 32.07 51.64
C ALA D 207 -23.64 32.58 50.63
N GLY D 208 -23.69 32.05 49.40
CA GLY D 208 -22.75 32.53 48.36
C GLY D 208 -23.00 34.01 47.91
N ILE D 209 -24.26 34.45 47.88
CA ILE D 209 -24.55 35.86 47.59
C ILE D 209 -24.02 36.78 48.67
N PHE D 210 -24.29 36.46 49.95
CA PHE D 210 -23.87 37.32 51.01
C PHE D 210 -22.36 37.30 51.11
N ASN D 211 -21.77 36.13 50.79
CA ASN D 211 -20.30 36.03 50.79
C ASN D 211 -19.59 37.06 49.86
N ALA D 212 -20.18 37.33 48.70
CA ALA D 212 -19.50 38.20 47.72
C ALA D 212 -19.69 39.69 48.05
N TYR D 213 -20.80 40.01 48.73
CA TYR D 213 -21.19 41.42 48.86
C TYR D 213 -20.97 41.92 50.25
N LYS D 214 -20.46 41.06 51.13
CA LYS D 214 -20.17 41.41 52.51
C LYS D 214 -19.15 42.57 52.58
N PRO D 215 -19.34 43.51 53.52
CA PRO D 215 -18.36 44.60 53.67
C PRO D 215 -17.06 44.02 54.25
N PRO D 216 -15.98 44.83 54.20
CA PRO D 216 -14.65 44.45 54.66
C PRO D 216 -14.67 43.90 56.09
N GLY D 217 -14.01 42.76 56.29
CA GLY D 217 -13.98 42.14 57.61
C GLY D 217 -15.21 41.29 57.91
N GLY D 218 -16.14 41.17 56.95
CA GLY D 218 -17.43 40.48 57.20
C GLY D 218 -17.26 38.96 57.14
N LYS D 219 -18.31 38.21 57.51
CA LYS D 219 -18.24 36.76 57.55
C LYS D 219 -19.63 36.16 57.40
N VAL D 220 -19.74 35.27 56.43
CA VAL D 220 -20.90 34.39 56.32
C VAL D 220 -20.75 33.05 57.06
N THR D 221 -21.75 32.73 57.90
CA THR D 221 -21.81 31.44 58.56
C THR D 221 -23.09 30.75 58.19
N LEU D 222 -23.00 29.50 57.72
CA LEU D 222 -24.18 28.68 57.40
C LEU D 222 -24.19 27.62 58.49
N CYS D 223 -25.36 27.34 59.08
CA CYS D 223 -25.40 26.26 60.05
C CYS D 223 -26.36 25.16 59.62
N TYR D 224 -26.01 23.93 59.93
CA TYR D 224 -26.85 22.82 59.57
C TYR D 224 -26.99 21.81 60.74
N ARG D 225 -28.19 21.27 60.86
CA ARG D 225 -28.64 20.53 62.04
C ARG D 225 -27.93 19.18 62.12
N ASN D 226 -27.53 18.64 60.95
CA ASN D 226 -26.86 17.35 60.89
C ASN D 226 -25.39 17.44 60.43
N ASN D 227 -24.86 16.32 59.95
CA ASN D 227 -23.42 16.26 59.71
C ASN D 227 -22.92 16.85 58.41
N LEU D 228 -23.78 16.90 57.42
CA LEU D 228 -23.31 17.08 56.08
C LEU D 228 -24.44 17.66 55.32
N ILE D 229 -24.25 18.89 54.78
CA ILE D 229 -25.35 19.64 54.15
C ILE D 229 -25.82 18.97 52.87
N LEU D 230 -26.92 19.47 52.32
CA LEU D 230 -27.44 19.05 51.02
C LEU D 230 -27.90 17.58 50.96
N ARG D 231 -28.53 17.15 52.05
CA ARG D 231 -29.01 15.78 52.15
C ARG D 231 -29.87 15.57 50.93
N GLY D 232 -29.77 14.41 50.29
CA GLY D 232 -30.62 14.13 49.10
C GLY D 232 -29.83 14.35 47.81
N PHE D 233 -28.68 15.01 47.94
CA PHE D 233 -27.79 15.15 46.78
C PHE D 233 -26.71 14.13 46.87
N ASP D 234 -26.02 13.96 45.73
CA ASP D 234 -24.86 13.08 45.64
C ASP D 234 -23.89 13.38 46.78
N GLU D 235 -23.50 12.35 47.49
CA GLU D 235 -22.60 12.50 48.66
C GLU D 235 -21.18 13.04 48.38
N THR D 236 -20.45 12.53 47.38
CA THR D 236 -19.16 13.14 47.02
C THR D 236 -19.35 14.67 46.78
N ILE D 237 -20.41 15.04 46.06
CA ILE D 237 -20.71 16.44 45.79
C ILE D 237 -21.12 17.22 47.05
N ARG D 238 -21.88 16.60 47.97
CA ARG D 238 -22.13 17.26 49.26
C ARG D 238 -20.83 17.61 49.90
N GLU D 239 -19.85 16.68 49.85
CA GLU D 239 -18.55 16.90 50.54
C GLU D 239 -17.68 17.93 49.83
N GLU D 240 -17.67 17.84 48.51
CA GLU D 240 -16.89 18.72 47.73
C GLU D 240 -17.49 20.14 47.72
N VAL D 241 -18.81 20.32 47.63
CA VAL D 241 -19.29 21.74 47.70
C VAL D 241 -19.00 22.35 49.10
N THR D 242 -19.12 21.53 50.14
CA THR D 242 -18.74 21.97 51.50
C THR D 242 -17.28 22.54 51.55
N LYS D 243 -16.35 21.83 50.91
CA LYS D 243 -14.98 22.22 50.81
C LYS D 243 -14.80 23.52 50.00
N GLN D 244 -15.44 23.62 48.85
CA GLN D 244 -15.31 24.76 47.97
C GLN D 244 -15.94 26.04 48.56
N LEU D 245 -17.07 25.91 49.23
CA LEU D 245 -17.60 27.01 50.06
C LEU D 245 -16.63 27.42 51.18
N THR D 246 -16.08 26.42 51.87
CA THR D 246 -15.12 26.74 52.88
C THR D 246 -13.92 27.47 52.29
N ALA D 247 -13.47 27.06 51.09
CA ALA D 247 -12.29 27.71 50.51
C ALA D 247 -12.58 29.15 50.08
N ASN D 248 -13.83 29.51 49.82
CA ASN D 248 -14.15 30.90 49.47
C ASN D 248 -14.59 31.73 50.72
N GLY D 249 -14.27 31.27 51.93
CA GLY D 249 -14.42 32.09 53.15
C GLY D 249 -15.72 31.89 53.92
N ILE D 250 -16.57 30.92 53.54
CA ILE D 250 -17.88 30.71 54.19
C ILE D 250 -17.63 29.68 55.26
N GLU D 251 -18.07 29.93 56.50
CA GLU D 251 -17.85 28.97 57.55
C GLU D 251 -19.07 27.98 57.63
N ILE D 252 -18.85 26.68 57.57
CA ILE D 252 -19.98 25.73 57.52
C ILE D 252 -20.01 25.11 58.88
N MET D 253 -21.06 25.48 59.61
CA MET D 253 -21.18 25.06 60.99
C MET D 253 -22.09 23.81 61.03
N THR D 254 -21.55 22.60 61.16
CA THR D 254 -22.41 21.40 61.12
C THR D 254 -22.79 20.92 62.51
N ASN D 255 -23.82 20.08 62.57
CA ASN D 255 -24.36 19.63 63.86
C ASN D 255 -24.78 20.76 64.81
N GLU D 256 -25.35 21.84 64.26
CA GLU D 256 -25.80 23.02 65.06
C GLU D 256 -27.12 23.56 64.60
N ASN D 257 -27.93 24.01 65.56
CA ASN D 257 -29.25 24.54 65.26
C ASN D 257 -29.65 25.62 66.26
N PRO D 258 -30.17 26.76 65.78
CA PRO D 258 -30.56 27.78 66.79
C PRO D 258 -31.68 27.30 67.70
N ALA D 259 -31.58 27.59 68.99
CA ALA D 259 -32.64 27.29 69.99
C ALA D 259 -33.35 28.62 70.41
N LYS D 260 -32.68 29.77 70.24
CA LYS D 260 -33.17 31.03 70.81
C LYS D 260 -32.42 32.15 70.11
N VAL D 261 -33.12 33.24 69.80
CA VAL D 261 -32.49 34.40 69.22
C VAL D 261 -32.93 35.65 70.04
N SER D 262 -31.96 36.41 70.54
CA SER D 262 -32.14 37.63 71.30
C SER D 262 -31.70 38.86 70.52
N LEU D 263 -32.42 39.99 70.72
CA LEU D 263 -32.12 41.25 70.04
C LEU D 263 -31.19 42.06 70.95
N ASN D 264 -30.01 42.38 70.44
CA ASN D 264 -29.10 43.25 71.13
C ASN D 264 -29.59 44.71 70.95
N THR D 265 -29.31 45.56 71.95
CA THR D 265 -29.70 46.95 71.77
C THR D 265 -29.20 47.63 70.52
N ASP D 266 -27.99 47.33 70.09
CA ASP D 266 -27.46 47.88 68.87
C ASP D 266 -28.01 47.26 67.58
N GLY D 267 -28.99 46.38 67.65
CA GLY D 267 -29.67 45.92 66.41
C GLY D 267 -29.19 44.55 65.91
N SER D 268 -28.01 44.16 66.38
CA SER D 268 -27.56 42.81 66.09
C SER D 268 -28.35 41.70 66.87
N LYS D 269 -28.19 40.44 66.44
CA LYS D 269 -28.91 39.33 67.03
C LYS D 269 -27.91 38.41 67.71
N HIS D 270 -28.31 37.91 68.88
CA HIS D 270 -27.50 36.99 69.71
C HIS D 270 -28.16 35.64 69.63
N VAL D 271 -27.48 34.72 68.96
CA VAL D 271 -28.00 33.40 68.69
C VAL D 271 -27.48 32.37 69.74
N THR D 272 -28.36 31.54 70.32
CA THR D 272 -27.96 30.43 71.16
C THR D 272 -28.36 29.19 70.41
N PHE D 273 -27.41 28.26 70.27
CA PHE D 273 -27.64 26.99 69.59
C PHE D 273 -28.07 25.97 70.64
N GLU D 274 -28.76 24.92 70.20
CA GLU D 274 -29.21 23.83 71.09
C GLU D 274 -28.02 23.31 71.89
N SER D 275 -26.82 23.39 71.33
CA SER D 275 -25.57 23.02 72.06
C SER D 275 -25.15 24.00 73.18
N GLY D 276 -25.78 25.18 73.22
CA GLY D 276 -25.30 26.22 74.10
C GLY D 276 -24.19 27.09 73.55
N LYS D 277 -23.68 26.80 72.34
CA LYS D 277 -22.82 27.76 71.66
C LYS D 277 -23.63 29.02 71.39
N THR D 278 -22.96 30.16 71.23
CA THR D 278 -23.62 31.42 70.87
C THR D 278 -22.82 32.12 69.74
N LEU D 279 -23.49 32.97 68.94
CA LEU D 279 -22.82 33.75 67.89
C LEU D 279 -23.58 35.02 67.64
N ASP D 280 -22.88 36.13 67.39
CA ASP D 280 -23.54 37.41 67.23
C ASP D 280 -23.45 37.71 65.77
N VAL D 281 -24.56 38.10 65.14
CA VAL D 281 -24.56 38.35 63.72
C VAL D 281 -25.54 39.49 63.48
N ASP D 282 -25.54 40.05 62.28
CA ASP D 282 -26.40 41.24 61.98
C ASP D 282 -27.73 40.78 61.46
N VAL D 283 -27.71 39.65 60.75
CA VAL D 283 -28.87 39.08 60.15
C VAL D 283 -28.86 37.53 60.38
N VAL D 284 -30.03 36.98 60.77
CA VAL D 284 -30.31 35.56 60.85
C VAL D 284 -31.35 35.21 59.79
N MET D 285 -30.91 34.56 58.71
CA MET D 285 -31.84 34.24 57.64
C MET D 285 -32.24 32.79 57.72
N MET D 286 -33.48 32.54 58.09
CA MET D 286 -34.04 31.16 58.21
C MET D 286 -34.36 30.53 56.87
N ALA D 287 -33.69 29.44 56.50
CA ALA D 287 -34.00 28.74 55.23
C ALA D 287 -34.21 27.22 55.48
N ILE D 288 -35.28 26.88 56.22
CA ILE D 288 -35.42 25.52 56.72
C ILE D 288 -36.60 24.85 56.07
N GLY D 289 -37.01 25.31 54.90
CA GLY D 289 -38.15 24.65 54.17
C GLY D 289 -39.17 25.67 53.75
N ARG D 290 -40.00 25.30 52.79
CA ARG D 290 -41.20 26.08 52.45
C ARG D 290 -42.44 25.17 52.53
N ILE D 291 -43.54 25.71 53.02
CA ILE D 291 -44.77 24.95 53.18
C ILE D 291 -45.93 25.48 52.32
N PRO D 292 -46.92 24.60 52.00
CA PRO D 292 -47.99 25.04 51.11
C PRO D 292 -48.81 26.17 51.70
N ARG D 293 -49.24 27.12 50.89
CA ARG D 293 -50.07 28.17 51.43
C ARG D 293 -51.48 27.78 51.18
N THR D 294 -52.03 27.08 52.14
CA THR D 294 -53.36 26.58 52.05
C THR D 294 -54.27 27.41 52.98
N ASN D 295 -53.69 27.97 54.03
CA ASN D 295 -54.52 28.56 55.07
C ASN D 295 -55.54 29.67 54.72
N ASP D 296 -55.20 30.51 53.73
CA ASP D 296 -56.06 31.58 53.36
C ASP D 296 -57.16 31.15 52.37
N LEU D 297 -57.14 29.93 51.86
CA LEU D 297 -58.12 29.55 50.83
C LEU D 297 -59.46 29.13 51.41
N GLN D 298 -59.54 29.13 52.74
CA GLN D 298 -60.79 28.72 53.43
C GLN D 298 -61.22 27.37 52.86
N LEU D 299 -60.31 26.39 52.85
CA LEU D 299 -60.64 25.11 52.22
C LEU D 299 -61.81 24.32 52.90
N GLY D 300 -62.00 24.51 54.22
CA GLY D 300 -63.15 23.93 54.99
C GLY D 300 -64.51 24.24 54.41
N ASN D 301 -64.66 25.44 53.83
CA ASN D 301 -65.89 25.81 53.12
C ASN D 301 -66.43 24.79 52.10
N VAL D 302 -65.55 23.92 51.59
CA VAL D 302 -65.95 23.01 50.51
C VAL D 302 -65.41 21.61 50.71
N GLY D 303 -64.61 21.41 51.77
CA GLY D 303 -64.02 20.15 52.15
C GLY D 303 -62.82 19.59 51.37
N VAL D 304 -62.04 20.46 50.72
CA VAL D 304 -60.86 19.99 49.93
C VAL D 304 -59.86 19.35 50.88
N LYS D 305 -59.50 18.09 50.67
CA LYS D 305 -58.62 17.39 51.63
C LYS D 305 -57.12 17.76 51.51
N LEU D 306 -56.45 17.80 52.66
CA LEU D 306 -55.02 18.03 52.78
C LEU D 306 -54.30 16.79 53.23
N THR D 307 -53.00 16.78 52.95
CA THR D 307 -52.10 15.68 53.30
C THR D 307 -51.65 15.93 54.74
N PRO D 308 -51.01 14.92 55.37
CA PRO D 308 -50.63 15.08 56.77
C PRO D 308 -49.66 16.26 56.88
N LYS D 309 -48.73 16.32 55.92
CA LYS D 309 -47.75 17.42 55.82
C LYS D 309 -48.30 18.79 55.41
N GLY D 310 -49.60 18.90 55.11
CA GLY D 310 -50.23 20.21 54.85
C GLY D 310 -50.48 20.61 53.39
N GLY D 311 -49.99 19.80 52.44
CA GLY D 311 -50.24 19.99 50.99
C GLY D 311 -51.70 19.66 50.61
N VAL D 312 -52.22 20.32 49.56
CA VAL D 312 -53.51 19.89 48.97
C VAL D 312 -53.33 18.52 48.32
N GLN D 313 -54.10 17.54 48.76
CA GLN D 313 -53.99 16.17 48.22
C GLN D 313 -54.54 16.17 46.81
N VAL D 314 -53.78 15.60 45.86
CA VAL D 314 -54.24 15.51 44.47
C VAL D 314 -53.91 14.13 43.94
N ASP D 315 -54.62 13.64 42.92
CA ASP D 315 -54.19 12.37 42.22
C ASP D 315 -53.11 12.74 41.19
N GLU D 316 -52.58 11.72 40.48
CA GLU D 316 -51.65 11.92 39.36
C GLU D 316 -52.02 13.05 38.42
N PHE D 317 -53.34 13.31 38.25
CA PHE D 317 -53.84 14.30 37.28
C PHE D 317 -54.20 15.63 37.94
N SER D 318 -53.69 15.83 39.16
CA SER D 318 -53.91 17.11 39.85
C SER D 318 -55.38 17.33 40.34
N ARG D 319 -56.16 16.25 40.45
CA ARG D 319 -57.57 16.42 40.83
C ARG D 319 -57.66 16.44 42.36
N THR D 320 -58.44 17.33 42.97
CA THR D 320 -58.69 17.11 44.40
C THR D 320 -59.79 16.03 44.62
N ASN D 321 -60.21 15.84 45.87
CA ASN D 321 -61.38 15.00 46.19
C ASN D 321 -62.64 15.74 45.81
N VAL D 322 -62.54 17.03 45.44
CA VAL D 322 -63.74 17.78 45.01
C VAL D 322 -63.78 17.97 43.47
N PRO D 323 -64.79 17.36 42.79
CA PRO D 323 -64.76 17.45 41.33
C PRO D 323 -64.79 18.92 40.94
N ASN D 324 -64.17 19.23 39.81
CA ASN D 324 -64.07 20.62 39.31
C ASN D 324 -63.07 21.56 40.08
N ILE D 325 -62.45 21.01 41.13
CA ILE D 325 -61.38 21.69 41.88
C ILE D 325 -60.05 20.97 41.78
N TYR D 326 -59.03 21.72 41.36
CA TYR D 326 -57.69 21.20 41.04
C TYR D 326 -56.59 21.96 41.79
N ALA D 327 -55.42 21.31 41.96
CA ALA D 327 -54.25 21.94 42.56
C ALA D 327 -52.98 21.49 41.89
N ILE D 328 -52.11 22.47 41.60
CA ILE D 328 -50.80 22.24 40.98
C ILE D 328 -49.76 23.15 41.64
N GLY D 329 -48.47 22.82 41.44
CA GLY D 329 -47.36 23.64 41.86
C GLY D 329 -47.04 23.33 43.29
N ASP D 330 -46.40 24.28 43.97
CA ASP D 330 -45.89 24.03 45.31
C ASP D 330 -47.01 23.79 46.29
N ILE D 331 -48.22 24.28 45.99
CA ILE D 331 -49.34 23.99 46.90
C ILE D 331 -49.50 22.47 47.07
N THR D 332 -48.92 21.66 46.18
CA THR D 332 -49.15 20.21 46.30
C THR D 332 -48.01 19.52 47.03
N ASP D 333 -46.97 20.30 47.33
CA ASP D 333 -45.78 19.81 48.04
C ASP D 333 -45.10 18.59 47.33
N ARG D 334 -45.18 18.45 46.00
CA ARG D 334 -44.64 17.25 45.24
C ARG D 334 -43.21 17.55 44.79
N LEU D 335 -42.97 18.39 43.81
CA LEU D 335 -41.60 18.81 43.59
C LEU D 335 -41.63 20.29 43.48
N MET D 336 -40.94 20.99 44.38
CA MET D 336 -41.10 22.46 44.38
C MET D 336 -40.09 23.13 43.47
N LEU D 337 -40.36 23.10 42.16
CA LEU D 337 -39.57 23.73 41.08
C LEU D 337 -40.50 24.51 40.11
N THR D 338 -40.01 25.62 39.60
CA THR D 338 -40.80 26.37 38.62
C THR D 338 -41.24 25.56 37.39
N PRO D 339 -40.29 24.93 36.66
CA PRO D 339 -40.62 24.08 35.49
C PRO D 339 -41.61 22.94 35.71
N VAL D 340 -41.70 22.42 36.94
CA VAL D 340 -42.62 21.35 37.25
C VAL D 340 -44.04 21.92 37.45
N ALA D 341 -44.18 22.98 38.26
CA ALA D 341 -45.45 23.74 38.34
C ALA D 341 -46.01 24.08 36.96
N ILE D 342 -45.11 24.52 36.08
CA ILE D 342 -45.49 24.81 34.71
C ILE D 342 -46.07 23.60 33.95
N ASN D 343 -45.39 22.46 34.03
CA ASN D 343 -45.72 21.27 33.27
C ASN D 343 -47.03 20.77 33.86
N GLU D 344 -47.14 20.85 35.20
CA GLU D 344 -48.38 20.50 35.90
C GLU D 344 -49.59 21.29 35.44
N GLY D 345 -49.42 22.60 35.32
CA GLY D 345 -50.54 23.41 34.92
C GLY D 345 -50.95 23.20 33.46
N ALA D 346 -49.94 23.02 32.60
CA ALA D 346 -50.15 22.77 31.19
C ALA D 346 -50.87 21.40 31.00
N ALA D 347 -50.47 20.38 31.76
CA ALA D 347 -51.08 19.05 31.71
C ALA D 347 -52.53 19.08 32.23
N LEU D 348 -52.78 19.92 33.23
CA LEU D 348 -54.13 20.07 33.78
C LEU D 348 -55.07 20.74 32.80
N VAL D 349 -54.64 21.84 32.18
CA VAL D 349 -55.49 22.40 31.13
C VAL D 349 -55.75 21.36 30.00
N ASP D 350 -54.71 20.69 29.50
CA ASP D 350 -54.87 19.72 28.40
C ASP D 350 -55.90 18.60 28.73
N THR D 351 -55.93 18.22 30.01
CA THR D 351 -56.82 17.22 30.55
C THR D 351 -58.25 17.70 30.72
N VAL D 352 -58.41 18.91 31.22
CA VAL D 352 -59.74 19.40 31.50
C VAL D 352 -60.43 19.82 30.21
N PHE D 353 -59.74 20.62 29.40
CA PHE D 353 -60.33 21.26 28.23
C PHE D 353 -59.93 20.65 26.89
N GLY D 354 -59.14 19.58 26.91
CA GLY D 354 -58.59 19.10 25.65
C GLY D 354 -58.95 17.68 25.29
N ASN D 355 -58.43 17.27 24.15
CA ASN D 355 -58.49 15.90 23.65
C ASN D 355 -58.21 14.82 24.72
N LYS D 356 -56.92 14.58 25.01
CA LYS D 356 -56.43 13.47 25.87
C LYS D 356 -55.85 13.94 27.23
N PRO D 357 -56.11 13.15 28.29
CA PRO D 357 -55.57 13.50 29.58
C PRO D 357 -54.04 13.34 29.62
N ARG D 358 -53.41 14.23 30.38
CA ARG D 358 -51.97 14.25 30.57
C ARG D 358 -51.64 14.41 32.03
N LYS D 359 -50.62 13.65 32.43
CA LYS D 359 -50.02 13.77 33.74
C LYS D 359 -48.50 14.07 33.68
N THR D 360 -48.05 14.87 34.64
CA THR D 360 -46.66 15.25 34.75
C THR D 360 -45.84 14.10 35.34
N ASP D 361 -44.65 13.83 34.79
CA ASP D 361 -43.75 12.79 35.31
C ASP D 361 -42.74 13.49 36.24
N HIS D 362 -42.88 13.26 37.54
CA HIS D 362 -42.02 13.72 38.60
C HIS D 362 -40.72 12.90 38.75
N THR D 363 -40.47 11.89 37.90
CA THR D 363 -39.16 11.17 37.95
C THR D 363 -38.16 11.81 36.95
N ARG D 364 -36.89 11.55 37.17
CA ARG D 364 -35.83 12.01 36.24
C ARG D 364 -35.96 13.51 35.86
N VAL D 365 -36.37 14.36 36.81
CA VAL D 365 -36.41 15.81 36.62
C VAL D 365 -35.05 16.39 36.87
N ALA D 366 -34.48 17.04 35.87
CA ALA D 366 -33.19 17.64 36.05
C ALA D 366 -33.37 18.95 36.82
N SER D 367 -32.48 19.22 37.75
CA SER D 367 -32.49 20.49 38.48
C SER D 367 -31.06 20.91 38.89
N ALA D 368 -30.98 22.06 39.53
CA ALA D 368 -29.67 22.67 39.77
C ALA D 368 -29.67 23.44 41.10
N VAL D 369 -28.51 23.52 41.76
CA VAL D 369 -28.33 24.48 42.86
C VAL D 369 -27.39 25.53 42.27
N PHE D 370 -27.82 26.77 42.29
CA PHE D 370 -26.96 27.89 41.92
C PHE D 370 -26.09 28.37 43.06
N SER D 371 -25.40 27.40 43.67
CA SER D 371 -24.36 27.69 44.60
C SER D 371 -23.13 28.15 43.80
N ILE D 372 -22.14 28.68 44.49
CA ILE D 372 -20.85 28.96 43.92
C ILE D 372 -19.81 28.01 44.60
N PRO D 373 -19.46 26.88 43.94
CA PRO D 373 -19.83 26.51 42.58
C PRO D 373 -21.21 25.78 42.50
N PRO D 374 -21.78 25.72 41.30
CA PRO D 374 -23.17 25.24 41.16
C PRO D 374 -23.28 23.72 41.00
N ILE D 375 -24.48 23.20 41.26
CA ILE D 375 -24.75 21.77 41.15
C ILE D 375 -25.76 21.56 40.04
N GLY D 376 -25.59 20.45 39.33
CA GLY D 376 -26.56 20.05 38.28
C GLY D 376 -26.79 18.54 38.51
N THR D 377 -28.05 18.11 38.57
CA THR D 377 -28.36 16.72 38.86
C THR D 377 -29.61 16.23 38.17
N CYS D 378 -29.58 15.01 37.69
CA CYS D 378 -30.81 14.39 37.18
C CYS D 378 -30.78 12.92 37.52
N GLY D 379 -31.85 12.45 38.17
CA GLY D 379 -32.03 11.06 38.45
C GLY D 379 -31.59 10.70 39.85
N LEU D 380 -31.33 9.41 40.04
CA LEU D 380 -31.14 8.80 41.37
C LEU D 380 -29.71 8.93 41.90
N ILE D 381 -29.56 9.29 43.16
CA ILE D 381 -28.26 9.17 43.80
C ILE D 381 -28.00 7.69 44.14
N GLU D 382 -26.73 7.37 44.36
CA GLU D 382 -26.30 5.99 44.41
C GLU D 382 -26.85 5.24 45.64
N GLU D 383 -26.98 5.90 46.79
CA GLU D 383 -27.57 5.12 47.90
C GLU D 383 -29.05 4.72 47.66
N VAL D 384 -29.76 5.48 46.82
CA VAL D 384 -31.14 5.18 46.51
C VAL D 384 -31.17 4.10 45.43
N ALA D 385 -30.43 4.29 44.34
CA ALA D 385 -30.16 3.20 43.40
C ALA D 385 -29.82 1.85 44.10
N ALA D 386 -28.88 1.85 45.04
CA ALA D 386 -28.44 0.58 45.67
C ALA D 386 -29.54 -0.24 46.39
N LYS D 387 -30.67 0.38 46.73
CA LYS D 387 -31.76 -0.35 47.37
C LYS D 387 -32.74 -0.90 46.39
N GLU D 388 -32.79 -0.30 45.21
CA GLU D 388 -33.72 -0.74 44.19
C GLU D 388 -33.11 -1.74 43.23
N PHE D 389 -31.79 -1.76 43.13
CA PHE D 389 -31.05 -2.56 42.16
C PHE D 389 -29.94 -3.35 42.81
N GLU D 390 -29.88 -4.62 42.42
CA GLU D 390 -28.92 -5.55 42.94
C GLU D 390 -27.50 -5.14 42.70
N LYS D 391 -27.23 -4.73 41.45
CA LYS D 391 -25.90 -4.26 41.04
C LYS D 391 -25.91 -2.79 40.50
N VAL D 392 -25.12 -1.96 41.15
CA VAL D 392 -25.04 -0.56 40.77
C VAL D 392 -23.56 -0.27 40.48
N ALA D 393 -23.27 0.38 39.37
CA ALA D 393 -21.91 0.77 39.14
C ALA D 393 -21.83 2.30 39.32
N VAL D 394 -20.71 2.84 39.79
CA VAL D 394 -20.63 4.32 39.88
C VAL D 394 -19.41 4.74 39.10
N TYR D 395 -19.57 5.65 38.14
CA TYR D 395 -18.44 6.16 37.41
C TYR D 395 -18.16 7.58 37.93
N MET D 396 -16.93 7.86 38.27
CA MET D 396 -16.68 9.11 38.95
C MET D 396 -15.43 9.74 38.37
N SER D 397 -15.51 11.04 38.14
CA SER D 397 -14.35 11.78 37.71
C SER D 397 -14.31 13.09 38.49
N SER D 398 -13.13 13.47 38.94
CA SER D 398 -12.98 14.71 39.63
C SER D 398 -11.68 15.39 39.23
N PHE D 399 -11.73 16.54 38.58
CA PHE D 399 -10.51 17.11 37.99
C PHE D 399 -10.51 18.67 38.16
N THR D 400 -9.33 19.31 38.19
CA THR D 400 -9.20 20.76 37.98
C THR D 400 -9.59 21.15 36.57
N PRO D 401 -10.65 21.95 36.42
CA PRO D 401 -10.90 22.44 35.03
C PRO D 401 -9.68 23.14 34.42
N LEU D 402 -9.66 23.24 33.06
CA LEU D 402 -8.49 23.75 32.34
C LEU D 402 -8.01 25.13 32.89
N MET D 403 -8.93 26.08 32.89
CA MET D 403 -8.59 27.42 33.28
C MET D 403 -8.12 27.51 34.74
N HIS D 404 -8.55 26.61 35.63
CA HIS D 404 -8.11 26.77 37.04
C HIS D 404 -6.70 26.19 37.30
N ASN D 405 -6.05 25.74 36.23
CA ASN D 405 -4.58 25.63 36.31
C ASN D 405 -3.89 26.98 36.45
N ILE D 406 -4.52 28.06 35.96
CA ILE D 406 -3.79 29.31 35.98
C ILE D 406 -4.56 30.46 36.65
N SER D 407 -5.87 30.29 36.86
CA SER D 407 -6.65 31.33 37.52
C SER D 407 -6.20 31.61 38.95
N GLY D 408 -5.58 30.64 39.59
CA GLY D 408 -5.36 30.74 41.04
C GLY D 408 -6.39 30.04 41.92
N SER D 409 -7.48 29.57 41.32
CA SER D 409 -8.50 28.85 42.10
C SER D 409 -8.31 27.32 42.11
N LYS D 410 -7.17 26.89 42.65
CA LYS D 410 -6.75 25.48 42.65
C LYS D 410 -7.76 24.54 43.31
N TYR D 411 -8.55 25.09 44.23
CA TYR D 411 -9.54 24.36 44.97
C TYR D 411 -10.79 23.99 44.13
N LYS D 412 -10.96 24.64 42.98
CA LYS D 412 -12.13 24.46 42.13
C LYS D 412 -12.15 23.14 41.30
N LYS D 413 -12.45 22.06 41.96
CA LYS D 413 -12.59 20.80 41.27
C LYS D 413 -13.95 20.63 40.62
N PHE D 414 -13.97 20.21 39.36
CA PHE D 414 -15.17 19.73 38.72
C PHE D 414 -15.38 18.23 39.05
N VAL D 415 -16.61 17.90 39.47
CA VAL D 415 -17.00 16.52 39.73
C VAL D 415 -18.11 16.02 38.77
N ALA D 416 -17.89 14.88 38.13
CA ALA D 416 -18.91 14.28 37.26
C ALA D 416 -19.16 12.85 37.76
N LYS D 417 -20.39 12.46 38.05
CA LYS D 417 -20.67 11.07 38.43
C LYS D 417 -21.84 10.48 37.71
N ILE D 418 -21.72 9.27 37.19
CA ILE D 418 -22.85 8.59 36.56
C ILE D 418 -23.14 7.30 37.33
N VAL D 419 -24.42 7.03 37.55
CA VAL D 419 -24.83 5.93 38.40
C VAL D 419 -25.65 5.01 37.48
N THR D 420 -25.31 3.73 37.41
CA THR D 420 -26.01 2.84 36.49
C THR D 420 -26.50 1.67 37.24
N ASN D 421 -27.49 1.01 36.68
CA ASN D 421 -27.76 -0.41 36.96
C ASN D 421 -26.68 -1.17 36.23
N HIS D 422 -25.75 -1.80 36.92
CA HIS D 422 -24.68 -2.50 36.23
C HIS D 422 -25.14 -3.76 35.46
N SER D 423 -26.30 -4.32 35.78
CA SER D 423 -26.77 -5.48 35.01
C SER D 423 -27.09 -5.19 33.57
N ASP D 424 -27.65 -4.01 33.25
CA ASP D 424 -27.78 -3.63 31.84
C ASP D 424 -27.09 -2.31 31.41
N GLY D 425 -26.35 -1.62 32.30
CA GLY D 425 -25.68 -0.35 31.90
C GLY D 425 -26.62 0.87 31.77
N THR D 426 -27.92 0.68 32.01
CA THR D 426 -28.90 1.76 32.05
C THR D 426 -28.50 2.90 32.97
N VAL D 427 -28.54 4.14 32.51
CA VAL D 427 -28.08 5.17 33.44
C VAL D 427 -29.24 5.55 34.32
N LEU D 428 -29.01 5.63 35.64
CA LEU D 428 -30.07 5.91 36.65
C LEU D 428 -29.99 7.31 37.21
N GLY D 429 -28.79 7.89 37.18
CA GLY D 429 -28.64 9.24 37.66
C GLY D 429 -27.31 9.83 37.19
N VAL D 430 -27.25 11.14 36.97
CA VAL D 430 -25.99 11.84 36.68
C VAL D 430 -25.88 13.01 37.65
N HIS D 431 -24.70 13.25 38.22
CA HIS D 431 -24.52 14.33 39.20
C HIS D 431 -23.28 15.12 38.93
N LEU D 432 -23.45 16.42 38.90
CA LEU D 432 -22.33 17.32 38.47
C LEU D 432 -22.14 18.46 39.42
N LEU D 433 -20.88 18.80 39.67
CA LEU D 433 -20.49 19.97 40.46
C LEU D 433 -19.43 20.77 39.71
N GLY D 434 -19.70 22.06 39.52
CA GLY D 434 -18.68 23.00 39.03
C GLY D 434 -19.38 23.86 37.98
N ASP D 435 -18.72 24.93 37.51
CA ASP D 435 -19.33 25.90 36.58
C ASP D 435 -19.78 25.19 35.30
N GLY D 436 -20.97 25.56 34.85
CA GLY D 436 -21.59 24.91 33.74
C GLY D 436 -22.54 23.79 34.16
N ALA D 437 -22.44 23.28 35.40
CA ALA D 437 -23.32 22.14 35.78
C ALA D 437 -24.80 22.32 35.44
N PRO D 438 -25.38 23.48 35.75
CA PRO D 438 -26.82 23.65 35.41
C PRO D 438 -27.13 23.54 33.89
N GLU D 439 -26.21 23.99 33.04
CA GLU D 439 -26.40 24.01 31.60
C GLU D 439 -26.17 22.65 31.01
N ILE D 440 -25.11 22.00 31.47
CA ILE D 440 -24.74 20.64 31.00
C ILE D 440 -25.89 19.62 31.25
N ILE D 441 -26.58 19.75 32.37
CA ILE D 441 -27.41 18.67 32.87
C ILE D 441 -28.73 18.65 32.14
N GLN D 442 -29.10 19.79 31.55
CA GLN D 442 -30.36 19.85 30.81
C GLN D 442 -30.58 18.71 29.82
N ALA D 443 -29.72 18.58 28.81
CA ALA D 443 -29.84 17.56 27.79
C ALA D 443 -29.62 16.16 28.36
N VAL D 444 -28.87 16.07 29.45
CA VAL D 444 -28.84 14.79 30.17
C VAL D 444 -30.26 14.36 30.60
N GLY D 445 -31.09 15.32 31.03
CA GLY D 445 -32.53 15.08 31.32
C GLY D 445 -33.23 14.39 30.14
N VAL D 446 -32.88 14.80 28.92
CA VAL D 446 -33.43 14.19 27.71
C VAL D 446 -32.95 12.76 27.57
N CYS D 447 -31.65 12.50 27.81
CA CYS D 447 -31.04 11.15 27.63
C CYS D 447 -31.71 10.14 28.52
N LEU D 448 -32.12 10.52 29.72
CA LEU D 448 -32.79 9.59 30.60
C LEU D 448 -34.23 9.25 30.15
N ARG D 449 -34.82 10.07 29.28
CA ARG D 449 -36.09 9.73 28.68
C ARG D 449 -35.87 8.69 27.60
N LEU D 450 -34.63 8.46 27.19
CA LEU D 450 -34.44 7.60 26.04
C LEU D 450 -33.73 6.30 26.38
N ASN D 451 -33.83 5.88 27.65
CA ASN D 451 -33.26 4.59 28.09
C ASN D 451 -31.76 4.58 27.82
N ALA D 452 -31.07 5.75 27.91
CA ALA D 452 -29.59 5.85 27.77
C ALA D 452 -28.81 4.84 28.63
N LYS D 453 -27.77 4.24 28.05
CA LYS D 453 -26.86 3.40 28.80
C LYS D 453 -25.50 4.08 28.95
N ILE D 454 -24.64 3.57 29.84
CA ILE D 454 -23.32 4.14 30.00
C ILE D 454 -22.60 4.15 28.64
N SER D 455 -22.77 3.10 27.83
CA SER D 455 -22.00 3.08 26.57
C SER D 455 -22.55 4.09 25.60
N ASP D 456 -23.80 4.53 25.75
CA ASP D 456 -24.30 5.60 24.93
C ASP D 456 -23.56 6.91 25.22
N PHE D 457 -23.23 7.12 26.49
CA PHE D 457 -22.31 8.23 26.85
C PHE D 457 -20.90 8.05 26.39
N TYR D 458 -20.24 6.91 26.72
CA TYR D 458 -18.85 6.84 26.35
C TYR D 458 -18.58 6.69 24.87
N ASN D 459 -19.52 6.16 24.10
CA ASN D 459 -19.30 6.12 22.63
C ASN D 459 -19.60 7.44 21.90
N THR D 460 -20.14 8.42 22.59
CA THR D 460 -20.39 9.73 22.00
C THR D 460 -19.07 10.48 22.01
N ILE D 461 -18.75 11.15 20.92
CA ILE D 461 -17.46 11.80 20.77
C ILE D 461 -17.44 13.13 21.57
N GLY D 462 -16.38 13.29 22.35
CA GLY D 462 -16.13 14.50 23.18
C GLY D 462 -16.21 15.84 22.40
N VAL D 463 -16.64 16.90 23.08
CA VAL D 463 -16.37 18.29 22.58
C VAL D 463 -15.17 18.79 23.38
N HIS D 464 -14.07 19.22 22.76
CA HIS D 464 -12.83 19.50 23.53
C HIS D 464 -12.35 20.95 23.28
N PRO D 465 -11.85 21.66 24.30
CA PRO D 465 -11.92 21.30 25.73
C PRO D 465 -13.18 21.86 26.40
N THR D 466 -13.90 20.98 27.11
CA THR D 466 -15.01 21.39 27.97
C THR D 466 -14.88 20.57 29.23
N SER D 467 -15.61 20.97 30.29
CA SER D 467 -15.90 20.12 31.42
C SER D 467 -16.80 18.97 31.02
N ALA D 468 -17.81 19.29 30.23
CA ALA D 468 -18.85 18.29 29.86
C ALA D 468 -18.29 16.98 29.20
N GLU D 469 -17.21 17.08 28.41
CA GLU D 469 -16.67 15.87 27.73
C GLU D 469 -16.29 14.77 28.69
N GLU D 470 -16.06 15.13 29.97
CA GLU D 470 -15.76 14.11 31.00
C GLU D 470 -16.86 13.07 31.17
N LEU D 471 -18.11 13.49 30.92
CA LEU D 471 -19.31 12.59 30.93
C LEU D 471 -19.23 11.55 29.87
N CYS D 472 -18.41 11.77 28.86
CA CYS D 472 -18.36 10.87 27.71
C CYS D 472 -17.01 10.28 27.64
N SER D 473 -16.26 10.35 28.73
CA SER D 473 -14.88 9.82 28.77
C SER D 473 -14.74 8.74 29.83
N MET D 474 -15.86 8.30 30.42
CA MET D 474 -15.86 7.33 31.52
C MET D 474 -16.37 5.94 31.12
N ARG D 475 -15.49 4.95 31.20
CA ARG D 475 -15.66 3.64 30.58
C ARG D 475 -15.72 2.55 31.66
N THR D 476 -14.97 2.78 32.74
CA THR D 476 -14.70 1.77 33.74
C THR D 476 -15.25 2.27 35.09
N PRO D 477 -16.12 1.47 35.78
CA PRO D 477 -16.62 1.97 37.09
C PRO D 477 -15.49 2.21 38.06
N SER D 478 -15.69 3.19 38.97
CA SER D 478 -14.73 3.47 40.04
C SER D 478 -15.01 2.55 41.20
N TYR D 479 -16.30 2.24 41.43
CA TYR D 479 -16.75 1.29 42.46
C TYR D 479 -18.18 0.83 42.16
N TYR D 480 -18.68 -0.08 43.00
CA TYR D 480 -19.98 -0.70 42.81
C TYR D 480 -20.72 -0.79 44.13
N TYR D 481 -22.03 -1.06 44.00
CA TYR D 481 -22.86 -1.56 45.08
C TYR D 481 -23.44 -2.90 44.65
N VAL D 482 -23.21 -3.91 45.48
CA VAL D 482 -23.78 -5.22 45.23
C VAL D 482 -24.63 -5.53 46.45
N LYS D 483 -25.93 -5.66 46.22
CA LYS D 483 -26.86 -6.01 47.32
C LYS D 483 -26.83 -4.94 48.41
N GLY D 484 -26.43 -3.73 48.05
CA GLY D 484 -26.37 -2.62 49.02
C GLY D 484 -24.99 -2.37 49.56
N GLU D 485 -24.04 -3.20 49.23
CA GLU D 485 -22.76 -3.07 49.86
C GLU D 485 -21.71 -2.40 48.91
N LYS D 486 -21.08 -1.33 49.42
CA LYS D 486 -20.14 -0.55 48.62
C LYS D 486 -18.83 -1.32 48.47
N MET D 487 -18.32 -1.49 47.26
CA MET D 487 -17.05 -2.21 47.15
C MET D 487 -16.32 -1.71 45.94
N GLU D 488 -15.01 -1.59 46.08
CA GLU D 488 -14.10 -1.22 45.01
C GLU D 488 -14.23 -2.08 43.76
N LYS D 489 -14.37 -3.40 43.98
CA LYS D 489 -14.30 -4.37 42.90
C LYS D 489 -15.52 -5.27 42.94
N LEU D 490 -15.96 -5.82 41.80
CA LEU D 490 -17.00 -6.86 41.85
C LEU D 490 -16.41 -8.16 42.53
N PRO D 491 -17.21 -8.91 43.34
CA PRO D 491 -16.61 -10.16 43.94
C PRO D 491 -16.42 -11.34 42.96
N ASP D 492 -17.36 -11.48 42.02
CA ASP D 492 -17.63 -12.71 41.27
C ASP D 492 -17.87 -12.31 39.84
N SER D 493 -17.73 -13.27 38.92
CA SER D 493 -18.27 -13.08 37.55
C SER D 493 -19.84 -13.12 37.37
N ASN D 494 -20.60 -13.39 38.45
CA ASN D 494 -22.13 -13.24 38.61
C ASN D 494 -22.86 -14.43 39.24
#